data_4PQD
# 
_entry.id   4PQD 
# 
_audit_conform.dict_name       mmcif_pdbx.dic 
_audit_conform.dict_version    5.397 
_audit_conform.dict_location   http://mmcif.pdb.org/dictionaries/ascii/mmcif_pdbx.dic 
# 
loop_
_database_2.database_id 
_database_2.database_code 
_database_2.pdbx_database_accession 
_database_2.pdbx_DOI 
PDB   4PQD         pdb_00004pqd 10.2210/pdb4pqd/pdb 
RCSB  RCSB085091   ?            ?                   
WWPDB D_1000085091 ?            ?                   
# 
loop_
_pdbx_audit_revision_history.ordinal 
_pdbx_audit_revision_history.data_content_type 
_pdbx_audit_revision_history.major_revision 
_pdbx_audit_revision_history.minor_revision 
_pdbx_audit_revision_history.revision_date 
1 'Structure model' 1 0 2015-04-08 
2 'Structure model' 1 1 2024-10-09 
# 
_pdbx_audit_revision_details.ordinal             1 
_pdbx_audit_revision_details.revision_ordinal    1 
_pdbx_audit_revision_details.data_content_type   'Structure model' 
_pdbx_audit_revision_details.provider            repository 
_pdbx_audit_revision_details.type                'Initial release' 
_pdbx_audit_revision_details.description         ? 
_pdbx_audit_revision_details.details             ? 
# 
loop_
_pdbx_audit_revision_group.ordinal 
_pdbx_audit_revision_group.revision_ordinal 
_pdbx_audit_revision_group.data_content_type 
_pdbx_audit_revision_group.group 
1 2 'Structure model' 'Data collection'     
2 2 'Structure model' 'Database references' 
3 2 'Structure model' 'Structure summary'   
# 
loop_
_pdbx_audit_revision_category.ordinal 
_pdbx_audit_revision_category.revision_ordinal 
_pdbx_audit_revision_category.data_content_type 
_pdbx_audit_revision_category.category 
1 2 'Structure model' chem_comp_atom            
2 2 'Structure model' chem_comp_bond            
3 2 'Structure model' database_2                
4 2 'Structure model' pdbx_entry_details        
5 2 'Structure model' pdbx_modification_feature 
# 
loop_
_pdbx_audit_revision_item.ordinal 
_pdbx_audit_revision_item.revision_ordinal 
_pdbx_audit_revision_item.data_content_type 
_pdbx_audit_revision_item.item 
1 2 'Structure model' '_database_2.pdbx_DOI'                
2 2 'Structure model' '_database_2.pdbx_database_accession' 
# 
_pdbx_database_status.status_code                     REL 
_pdbx_database_status.entry_id                        4PQD 
_pdbx_database_status.recvd_initial_deposition_date   2014-03-02 
_pdbx_database_status.deposit_site                    RCSB 
_pdbx_database_status.process_site                    RCSB 
_pdbx_database_status.status_code_sf                  REL 
_pdbx_database_status.status_code_mr                  ? 
_pdbx_database_status.SG_entry                        Y 
_pdbx_database_status.status_code_cs                  ? 
_pdbx_database_status.methods_development_category    ? 
_pdbx_database_status.pdb_format_compatible           Y 
_pdbx_database_status.status_code_nmr_data            ? 
# 
_pdbx_database_related.db_name        PDB 
_pdbx_database_related.db_id          1MWP 
_pdbx_database_related.details        '1MWP contains APP28-123, shorter than our structure (APP22-126)' 
_pdbx_database_related.content_type   unspecified 
# 
loop_
_audit_author.name 
_audit_author.pdbx_ordinal 
'Tan, X.'  1 
'Li, W.'   2 
'Wang, Z.' 3 
# 
_citation.id                        primary 
_citation.title                     'Mapping the interaction betwwen APP and DR6' 
_citation.journal_abbrev            'To be Published' 
_citation.journal_volume            ? 
_citation.page_first                ? 
_citation.page_last                 ? 
_citation.year                      ? 
_citation.journal_id_ASTM           ? 
_citation.country                   ? 
_citation.journal_id_ISSN           ? 
_citation.journal_id_CSD            0353 
_citation.book_publisher            ? 
_citation.pdbx_database_id_PubMed   ? 
_citation.pdbx_database_id_DOI      ? 
# 
loop_
_citation_author.citation_id 
_citation_author.name 
_citation_author.ordinal 
_citation_author.identifier_ORCID 
primary 'Tan, X.'  1 ? 
primary 'Li, W.'   2 ? 
primary 'Wang, Z.' 3 ? 
# 
loop_
_entity.id 
_entity.type 
_entity.src_method 
_entity.pdbx_description 
_entity.formula_weight 
_entity.pdbx_number_of_molecules 
_entity.pdbx_ec 
_entity.pdbx_mutation 
_entity.pdbx_fragment 
_entity.details 
1 polymer man 'Amyloid beta A4 protein' 11840.482 1   ? ? 'the N-terminal GFLD doamin of APP, UNP residues 22-126' ? 
2 water   nat water                     18.015    161 ? ? ?                                                        ? 
# 
_entity_name_com.entity_id   1 
_entity_name_com.name        
;ABPP, APPI, APP, Alzheimer disease amyloid protein, Cerebral vascular amyloid peptide, CVAP, PreA4, Protease nexin-II, PN-II, N-APP, Soluble APP-alpha, S-APP-alpha, Soluble APP-beta, S-APP-beta, C99, Beta-amyloid protein 42, Beta-APP42, Beta-amyloid protein 40, Beta-APP40, C83, P3(42), P3(40), C80, Gamma-secretase C-terminal fragment 59, Amyloid intracellular domain 59, AICD-59, AID(59), Gamma-CTF(59), Gamma-secretase C-terminal fragment 57, Amyloid intracellular domain 57, AICD-57, AID(57), Gamma-CTF(57), Gamma-secretase C-terminal fragment 50, Amyloid intracellular domain 50, AICD-50, AID(50), Gamma-CTF(50), C31
;
# 
_entity_poly.entity_id                      1 
_entity_poly.type                           'polypeptide(L)' 
_entity_poly.nstd_linkage                   no 
_entity_poly.nstd_monomer                   no 
_entity_poly.pdbx_seq_one_letter_code       
;TDGNAGLLAEPQIAMFCGRLNMHMNVQNGKWDSDPSGTKTCIDTKEGILQYCQEVYPELQITNVVEANQPVTIQNWCKRG
RKQCKTHPHFVIPYRCLVGEFVSDA
;
_entity_poly.pdbx_seq_one_letter_code_can   
;TDGNAGLLAEPQIAMFCGRLNMHMNVQNGKWDSDPSGTKTCIDTKEGILQYCQEVYPELQITNVVEANQPVTIQNWCKRG
RKQCKTHPHFVIPYRCLVGEFVSDA
;
_entity_poly.pdbx_strand_id                 A 
_entity_poly.pdbx_target_identifier         ? 
# 
_pdbx_entity_nonpoly.entity_id   2 
_pdbx_entity_nonpoly.name        water 
_pdbx_entity_nonpoly.comp_id     HOH 
# 
loop_
_entity_poly_seq.entity_id 
_entity_poly_seq.num 
_entity_poly_seq.mon_id 
_entity_poly_seq.hetero 
1 1   THR n 
1 2   ASP n 
1 3   GLY n 
1 4   ASN n 
1 5   ALA n 
1 6   GLY n 
1 7   LEU n 
1 8   LEU n 
1 9   ALA n 
1 10  GLU n 
1 11  PRO n 
1 12  GLN n 
1 13  ILE n 
1 14  ALA n 
1 15  MET n 
1 16  PHE n 
1 17  CYS n 
1 18  GLY n 
1 19  ARG n 
1 20  LEU n 
1 21  ASN n 
1 22  MET n 
1 23  HIS n 
1 24  MET n 
1 25  ASN n 
1 26  VAL n 
1 27  GLN n 
1 28  ASN n 
1 29  GLY n 
1 30  LYS n 
1 31  TRP n 
1 32  ASP n 
1 33  SER n 
1 34  ASP n 
1 35  PRO n 
1 36  SER n 
1 37  GLY n 
1 38  THR n 
1 39  LYS n 
1 40  THR n 
1 41  CYS n 
1 42  ILE n 
1 43  ASP n 
1 44  THR n 
1 45  LYS n 
1 46  GLU n 
1 47  GLY n 
1 48  ILE n 
1 49  LEU n 
1 50  GLN n 
1 51  TYR n 
1 52  CYS n 
1 53  GLN n 
1 54  GLU n 
1 55  VAL n 
1 56  TYR n 
1 57  PRO n 
1 58  GLU n 
1 59  LEU n 
1 60  GLN n 
1 61  ILE n 
1 62  THR n 
1 63  ASN n 
1 64  VAL n 
1 65  VAL n 
1 66  GLU n 
1 67  ALA n 
1 68  ASN n 
1 69  GLN n 
1 70  PRO n 
1 71  VAL n 
1 72  THR n 
1 73  ILE n 
1 74  GLN n 
1 75  ASN n 
1 76  TRP n 
1 77  CYS n 
1 78  LYS n 
1 79  ARG n 
1 80  GLY n 
1 81  ARG n 
1 82  LYS n 
1 83  GLN n 
1 84  CYS n 
1 85  LYS n 
1 86  THR n 
1 87  HIS n 
1 88  PRO n 
1 89  HIS n 
1 90  PHE n 
1 91  VAL n 
1 92  ILE n 
1 93  PRO n 
1 94  TYR n 
1 95  ARG n 
1 96  CYS n 
1 97  LEU n 
1 98  VAL n 
1 99  GLY n 
1 100 GLU n 
1 101 PHE n 
1 102 VAL n 
1 103 SER n 
1 104 ASP n 
1 105 ALA n 
# 
_entity_src_gen.entity_id                          1 
_entity_src_gen.pdbx_src_id                        1 
_entity_src_gen.pdbx_alt_source_flag               sample 
_entity_src_gen.pdbx_seq_type                      ? 
_entity_src_gen.pdbx_beg_seq_num                   ? 
_entity_src_gen.pdbx_end_seq_num                   ? 
_entity_src_gen.gene_src_common_name               human 
_entity_src_gen.gene_src_genus                     ? 
_entity_src_gen.pdbx_gene_src_gene                 'APP, A4, AD1' 
_entity_src_gen.gene_src_species                   ? 
_entity_src_gen.gene_src_strain                    ? 
_entity_src_gen.gene_src_tissue                    ? 
_entity_src_gen.gene_src_tissue_fraction           ? 
_entity_src_gen.gene_src_details                   ? 
_entity_src_gen.pdbx_gene_src_fragment             ? 
_entity_src_gen.pdbx_gene_src_scientific_name      'Homo sapiens' 
_entity_src_gen.pdbx_gene_src_ncbi_taxonomy_id     9606 
_entity_src_gen.pdbx_gene_src_variant              ? 
_entity_src_gen.pdbx_gene_src_cell_line            ? 
_entity_src_gen.pdbx_gene_src_atcc                 ? 
_entity_src_gen.pdbx_gene_src_organ                ? 
_entity_src_gen.pdbx_gene_src_organelle            ? 
_entity_src_gen.pdbx_gene_src_cell                 ? 
_entity_src_gen.pdbx_gene_src_cellular_location    ? 
_entity_src_gen.host_org_common_name               ? 
_entity_src_gen.pdbx_host_org_scientific_name      'Escherichia coli' 
_entity_src_gen.pdbx_host_org_ncbi_taxonomy_id     562 
_entity_src_gen.host_org_genus                     ? 
_entity_src_gen.pdbx_host_org_gene                 ? 
_entity_src_gen.pdbx_host_org_organ                ? 
_entity_src_gen.host_org_species                   ? 
_entity_src_gen.pdbx_host_org_tissue               ? 
_entity_src_gen.pdbx_host_org_tissue_fraction      ? 
_entity_src_gen.pdbx_host_org_strain               ? 
_entity_src_gen.pdbx_host_org_variant              ? 
_entity_src_gen.pdbx_host_org_cell_line            ? 
_entity_src_gen.pdbx_host_org_atcc                 ? 
_entity_src_gen.pdbx_host_org_culture_collection   ? 
_entity_src_gen.pdbx_host_org_cell                 ? 
_entity_src_gen.pdbx_host_org_organelle            ? 
_entity_src_gen.pdbx_host_org_cellular_location    ? 
_entity_src_gen.pdbx_host_org_vector_type          ? 
_entity_src_gen.pdbx_host_org_vector               ? 
_entity_src_gen.host_org_details                   ? 
_entity_src_gen.expression_system_id               ? 
_entity_src_gen.plasmid_name                       ? 
_entity_src_gen.plasmid_details                    ? 
_entity_src_gen.pdbx_description                   ? 
# 
loop_
_chem_comp.id 
_chem_comp.type 
_chem_comp.mon_nstd_flag 
_chem_comp.name 
_chem_comp.pdbx_synonyms 
_chem_comp.formula 
_chem_comp.formula_weight 
ALA 'L-peptide linking' y ALANINE         ? 'C3 H7 N O2'     89.093  
ARG 'L-peptide linking' y ARGININE        ? 'C6 H15 N4 O2 1' 175.209 
ASN 'L-peptide linking' y ASPARAGINE      ? 'C4 H8 N2 O3'    132.118 
ASP 'L-peptide linking' y 'ASPARTIC ACID' ? 'C4 H7 N O4'     133.103 
CYS 'L-peptide linking' y CYSTEINE        ? 'C3 H7 N O2 S'   121.158 
GLN 'L-peptide linking' y GLUTAMINE       ? 'C5 H10 N2 O3'   146.144 
GLU 'L-peptide linking' y 'GLUTAMIC ACID' ? 'C5 H9 N O4'     147.129 
GLY 'peptide linking'   y GLYCINE         ? 'C2 H5 N O2'     75.067  
HIS 'L-peptide linking' y HISTIDINE       ? 'C6 H10 N3 O2 1' 156.162 
HOH non-polymer         . WATER           ? 'H2 O'           18.015  
ILE 'L-peptide linking' y ISOLEUCINE      ? 'C6 H13 N O2'    131.173 
LEU 'L-peptide linking' y LEUCINE         ? 'C6 H13 N O2'    131.173 
LYS 'L-peptide linking' y LYSINE          ? 'C6 H15 N2 O2 1' 147.195 
MET 'L-peptide linking' y METHIONINE      ? 'C5 H11 N O2 S'  149.211 
PHE 'L-peptide linking' y PHENYLALANINE   ? 'C9 H11 N O2'    165.189 
PRO 'L-peptide linking' y PROLINE         ? 'C5 H9 N O2'     115.130 
SER 'L-peptide linking' y SERINE          ? 'C3 H7 N O3'     105.093 
THR 'L-peptide linking' y THREONINE       ? 'C4 H9 N O3'     119.119 
TRP 'L-peptide linking' y TRYPTOPHAN      ? 'C11 H12 N2 O2'  204.225 
TYR 'L-peptide linking' y TYROSINE        ? 'C9 H11 N O3'    181.189 
VAL 'L-peptide linking' y VALINE          ? 'C5 H11 N O2'    117.146 
# 
loop_
_pdbx_poly_seq_scheme.asym_id 
_pdbx_poly_seq_scheme.entity_id 
_pdbx_poly_seq_scheme.seq_id 
_pdbx_poly_seq_scheme.mon_id 
_pdbx_poly_seq_scheme.ndb_seq_num 
_pdbx_poly_seq_scheme.pdb_seq_num 
_pdbx_poly_seq_scheme.auth_seq_num 
_pdbx_poly_seq_scheme.pdb_mon_id 
_pdbx_poly_seq_scheme.auth_mon_id 
_pdbx_poly_seq_scheme.pdb_strand_id 
_pdbx_poly_seq_scheme.pdb_ins_code 
_pdbx_poly_seq_scheme.hetero 
A 1 1   THR 1   22  22  THR THR A . n 
A 1 2   ASP 2   23  23  ASP ASP A . n 
A 1 3   GLY 3   24  24  GLY GLY A . n 
A 1 4   ASN 4   25  25  ASN ASN A . n 
A 1 5   ALA 5   26  26  ALA ALA A . n 
A 1 6   GLY 6   27  27  GLY GLY A . n 
A 1 7   LEU 7   28  28  LEU LEU A . n 
A 1 8   LEU 8   29  29  LEU LEU A . n 
A 1 9   ALA 9   30  30  ALA ALA A . n 
A 1 10  GLU 10  31  31  GLU GLU A . n 
A 1 11  PRO 11  32  32  PRO PRO A . n 
A 1 12  GLN 12  33  33  GLN GLN A . n 
A 1 13  ILE 13  34  34  ILE ILE A . n 
A 1 14  ALA 14  35  35  ALA ALA A . n 
A 1 15  MET 15  36  36  MET MET A . n 
A 1 16  PHE 16  37  37  PHE PHE A . n 
A 1 17  CYS 17  38  38  CYS CYS A . n 
A 1 18  GLY 18  39  39  GLY GLY A . n 
A 1 19  ARG 19  40  40  ARG ARG A . n 
A 1 20  LEU 20  41  41  LEU LEU A . n 
A 1 21  ASN 21  42  42  ASN ASN A . n 
A 1 22  MET 22  43  43  MET MET A . n 
A 1 23  HIS 23  44  44  HIS HIS A . n 
A 1 24  MET 24  45  45  MET MET A . n 
A 1 25  ASN 25  46  46  ASN ASN A . n 
A 1 26  VAL 26  47  47  VAL VAL A . n 
A 1 27  GLN 27  48  48  GLN GLN A . n 
A 1 28  ASN 28  49  49  ASN ASN A . n 
A 1 29  GLY 29  50  50  GLY GLY A . n 
A 1 30  LYS 30  51  51  LYS LYS A . n 
A 1 31  TRP 31  52  52  TRP TRP A . n 
A 1 32  ASP 32  53  53  ASP ASP A . n 
A 1 33  SER 33  54  54  SER SER A . n 
A 1 34  ASP 34  55  55  ASP ASP A . n 
A 1 35  PRO 35  56  56  PRO PRO A . n 
A 1 36  SER 36  57  57  SER SER A . n 
A 1 37  GLY 37  58  58  GLY GLY A . n 
A 1 38  THR 38  59  59  THR THR A . n 
A 1 39  LYS 39  60  60  LYS LYS A . n 
A 1 40  THR 40  61  61  THR THR A . n 
A 1 41  CYS 41  62  62  CYS CYS A . n 
A 1 42  ILE 42  63  63  ILE ILE A . n 
A 1 43  ASP 43  64  64  ASP ASP A . n 
A 1 44  THR 44  65  65  THR THR A . n 
A 1 45  LYS 45  66  66  LYS LYS A . n 
A 1 46  GLU 46  67  67  GLU GLU A . n 
A 1 47  GLY 47  68  68  GLY GLY A . n 
A 1 48  ILE 48  69  69  ILE ILE A . n 
A 1 49  LEU 49  70  70  LEU LEU A . n 
A 1 50  GLN 50  71  71  GLN GLN A . n 
A 1 51  TYR 51  72  72  TYR TYR A . n 
A 1 52  CYS 52  73  73  CYS CYS A . n 
A 1 53  GLN 53  74  74  GLN GLN A . n 
A 1 54  GLU 54  75  75  GLU GLU A . n 
A 1 55  VAL 55  76  76  VAL VAL A . n 
A 1 56  TYR 56  77  77  TYR TYR A . n 
A 1 57  PRO 57  78  78  PRO PRO A . n 
A 1 58  GLU 58  79  79  GLU GLU A . n 
A 1 59  LEU 59  80  80  LEU LEU A . n 
A 1 60  GLN 60  81  81  GLN GLN A . n 
A 1 61  ILE 61  82  82  ILE ILE A . n 
A 1 62  THR 62  83  83  THR THR A . n 
A 1 63  ASN 63  84  84  ASN ASN A . n 
A 1 64  VAL 64  85  85  VAL VAL A . n 
A 1 65  VAL 65  86  86  VAL VAL A . n 
A 1 66  GLU 66  87  87  GLU GLU A . n 
A 1 67  ALA 67  88  88  ALA ALA A . n 
A 1 68  ASN 68  89  89  ASN ASN A . n 
A 1 69  GLN 69  90  90  GLN GLN A . n 
A 1 70  PRO 70  91  91  PRO PRO A . n 
A 1 71  VAL 71  92  92  VAL VAL A . n 
A 1 72  THR 72  93  93  THR THR A . n 
A 1 73  ILE 73  94  94  ILE ILE A . n 
A 1 74  GLN 74  95  95  GLN GLN A . n 
A 1 75  ASN 75  96  96  ASN ASN A . n 
A 1 76  TRP 76  97  97  TRP TRP A . n 
A 1 77  CYS 77  98  98  CYS CYS A . n 
A 1 78  LYS 78  99  99  LYS LYS A . n 
A 1 79  ARG 79  100 100 ARG ARG A . n 
A 1 80  GLY 80  101 101 GLY GLY A . n 
A 1 81  ARG 81  102 102 ARG ARG A . n 
A 1 82  LYS 82  103 103 LYS LYS A . n 
A 1 83  GLN 83  104 104 GLN GLN A . n 
A 1 84  CYS 84  105 105 CYS CYS A . n 
A 1 85  LYS 85  106 106 LYS LYS A . n 
A 1 86  THR 86  107 107 THR THR A . n 
A 1 87  HIS 87  108 108 HIS HIS A . n 
A 1 88  PRO 88  109 109 PRO PRO A . n 
A 1 89  HIS 89  110 110 HIS HIS A . n 
A 1 90  PHE 90  111 111 PHE PHE A . n 
A 1 91  VAL 91  112 112 VAL VAL A . n 
A 1 92  ILE 92  113 113 ILE ILE A . n 
A 1 93  PRO 93  114 114 PRO PRO A . n 
A 1 94  TYR 94  115 115 TYR TYR A . n 
A 1 95  ARG 95  116 116 ARG ARG A . n 
A 1 96  CYS 96  117 117 CYS CYS A . n 
A 1 97  LEU 97  118 118 LEU LEU A . n 
A 1 98  VAL 98  119 119 VAL VAL A . n 
A 1 99  GLY 99  120 120 GLY GLY A . n 
A 1 100 GLU 100 121 121 GLU GLU A . n 
A 1 101 PHE 101 122 122 PHE PHE A . n 
A 1 102 VAL 102 123 123 VAL VAL A . n 
A 1 103 SER 103 124 124 SER SER A . n 
A 1 104 ASP 104 125 125 ASP ASP A . n 
A 1 105 ALA 105 126 126 ALA ALA A . n 
# 
loop_
_pdbx_nonpoly_scheme.asym_id 
_pdbx_nonpoly_scheme.entity_id 
_pdbx_nonpoly_scheme.mon_id 
_pdbx_nonpoly_scheme.ndb_seq_num 
_pdbx_nonpoly_scheme.pdb_seq_num 
_pdbx_nonpoly_scheme.auth_seq_num 
_pdbx_nonpoly_scheme.pdb_mon_id 
_pdbx_nonpoly_scheme.auth_mon_id 
_pdbx_nonpoly_scheme.pdb_strand_id 
_pdbx_nonpoly_scheme.pdb_ins_code 
B 2 HOH 1   201 1   HOH HOH A . 
B 2 HOH 2   202 2   HOH HOH A . 
B 2 HOH 3   203 3   HOH HOH A . 
B 2 HOH 4   204 4   HOH HOH A . 
B 2 HOH 5   205 5   HOH HOH A . 
B 2 HOH 6   206 6   HOH HOH A . 
B 2 HOH 7   207 7   HOH HOH A . 
B 2 HOH 8   208 8   HOH HOH A . 
B 2 HOH 9   209 9   HOH HOH A . 
B 2 HOH 10  210 10  HOH HOH A . 
B 2 HOH 11  211 11  HOH HOH A . 
B 2 HOH 12  212 12  HOH HOH A . 
B 2 HOH 13  213 13  HOH HOH A . 
B 2 HOH 14  214 14  HOH HOH A . 
B 2 HOH 15  215 15  HOH HOH A . 
B 2 HOH 16  216 16  HOH HOH A . 
B 2 HOH 17  217 17  HOH HOH A . 
B 2 HOH 18  218 18  HOH HOH A . 
B 2 HOH 19  219 19  HOH HOH A . 
B 2 HOH 20  220 20  HOH HOH A . 
B 2 HOH 21  221 21  HOH HOH A . 
B 2 HOH 22  222 22  HOH HOH A . 
B 2 HOH 23  223 23  HOH HOH A . 
B 2 HOH 24  224 24  HOH HOH A . 
B 2 HOH 25  225 25  HOH HOH A . 
B 2 HOH 26  226 26  HOH HOH A . 
B 2 HOH 27  227 27  HOH HOH A . 
B 2 HOH 28  228 28  HOH HOH A . 
B 2 HOH 29  229 29  HOH HOH A . 
B 2 HOH 30  230 30  HOH HOH A . 
B 2 HOH 31  231 31  HOH HOH A . 
B 2 HOH 32  232 32  HOH HOH A . 
B 2 HOH 33  233 33  HOH HOH A . 
B 2 HOH 34  234 34  HOH HOH A . 
B 2 HOH 35  235 35  HOH HOH A . 
B 2 HOH 36  236 36  HOH HOH A . 
B 2 HOH 37  237 37  HOH HOH A . 
B 2 HOH 38  238 38  HOH HOH A . 
B 2 HOH 39  239 39  HOH HOH A . 
B 2 HOH 40  240 40  HOH HOH A . 
B 2 HOH 41  241 41  HOH HOH A . 
B 2 HOH 42  242 42  HOH HOH A . 
B 2 HOH 43  243 43  HOH HOH A . 
B 2 HOH 44  244 44  HOH HOH A . 
B 2 HOH 45  245 45  HOH HOH A . 
B 2 HOH 46  246 46  HOH HOH A . 
B 2 HOH 47  247 47  HOH HOH A . 
B 2 HOH 48  248 48  HOH HOH A . 
B 2 HOH 49  249 49  HOH HOH A . 
B 2 HOH 50  250 50  HOH HOH A . 
B 2 HOH 51  251 51  HOH HOH A . 
B 2 HOH 52  252 52  HOH HOH A . 
B 2 HOH 53  253 53  HOH HOH A . 
B 2 HOH 54  254 54  HOH HOH A . 
B 2 HOH 55  255 55  HOH HOH A . 
B 2 HOH 56  256 56  HOH HOH A . 
B 2 HOH 57  257 57  HOH HOH A . 
B 2 HOH 58  258 58  HOH HOH A . 
B 2 HOH 59  259 59  HOH HOH A . 
B 2 HOH 60  260 60  HOH HOH A . 
B 2 HOH 61  261 61  HOH HOH A . 
B 2 HOH 62  262 62  HOH HOH A . 
B 2 HOH 63  263 63  HOH HOH A . 
B 2 HOH 64  264 64  HOH HOH A . 
B 2 HOH 65  265 65  HOH HOH A . 
B 2 HOH 66  266 66  HOH HOH A . 
B 2 HOH 67  267 67  HOH HOH A . 
B 2 HOH 68  268 68  HOH HOH A . 
B 2 HOH 69  269 69  HOH HOH A . 
B 2 HOH 70  270 70  HOH HOH A . 
B 2 HOH 71  271 71  HOH HOH A . 
B 2 HOH 72  272 72  HOH HOH A . 
B 2 HOH 73  273 73  HOH HOH A . 
B 2 HOH 74  274 74  HOH HOH A . 
B 2 HOH 75  275 75  HOH HOH A . 
B 2 HOH 76  276 76  HOH HOH A . 
B 2 HOH 77  277 77  HOH HOH A . 
B 2 HOH 78  278 78  HOH HOH A . 
B 2 HOH 79  279 79  HOH HOH A . 
B 2 HOH 80  280 80  HOH HOH A . 
B 2 HOH 81  281 81  HOH HOH A . 
B 2 HOH 82  282 82  HOH HOH A . 
B 2 HOH 83  283 83  HOH HOH A . 
B 2 HOH 84  284 84  HOH HOH A . 
B 2 HOH 85  285 85  HOH HOH A . 
B 2 HOH 86  286 86  HOH HOH A . 
B 2 HOH 87  287 87  HOH HOH A . 
B 2 HOH 88  288 88  HOH HOH A . 
B 2 HOH 89  289 89  HOH HOH A . 
B 2 HOH 90  290 90  HOH HOH A . 
B 2 HOH 91  291 91  HOH HOH A . 
B 2 HOH 92  292 92  HOH HOH A . 
B 2 HOH 93  293 93  HOH HOH A . 
B 2 HOH 94  294 94  HOH HOH A . 
B 2 HOH 95  295 95  HOH HOH A . 
B 2 HOH 96  296 96  HOH HOH A . 
B 2 HOH 97  297 97  HOH HOH A . 
B 2 HOH 98  298 98  HOH HOH A . 
B 2 HOH 99  299 99  HOH HOH A . 
B 2 HOH 100 300 100 HOH HOH A . 
B 2 HOH 101 301 101 HOH HOH A . 
B 2 HOH 102 302 102 HOH HOH A . 
B 2 HOH 103 303 103 HOH HOH A . 
B 2 HOH 104 304 104 HOH HOH A . 
B 2 HOH 105 305 105 HOH HOH A . 
B 2 HOH 106 306 106 HOH HOH A . 
B 2 HOH 107 307 107 HOH HOH A . 
B 2 HOH 108 308 108 HOH HOH A . 
B 2 HOH 109 309 109 HOH HOH A . 
B 2 HOH 110 310 110 HOH HOH A . 
B 2 HOH 111 311 111 HOH HOH A . 
B 2 HOH 112 312 112 HOH HOH A . 
B 2 HOH 113 313 113 HOH HOH A . 
B 2 HOH 114 314 114 HOH HOH A . 
B 2 HOH 115 315 115 HOH HOH A . 
B 2 HOH 116 316 116 HOH HOH A . 
B 2 HOH 117 317 117 HOH HOH A . 
B 2 HOH 118 318 118 HOH HOH A . 
B 2 HOH 119 319 119 HOH HOH A . 
B 2 HOH 120 320 120 HOH HOH A . 
B 2 HOH 121 321 121 HOH HOH A . 
B 2 HOH 122 322 122 HOH HOH A . 
B 2 HOH 123 323 123 HOH HOH A . 
B 2 HOH 124 324 124 HOH HOH A . 
B 2 HOH 125 325 125 HOH HOH A . 
B 2 HOH 126 326 126 HOH HOH A . 
B 2 HOH 127 327 127 HOH HOH A . 
B 2 HOH 128 328 128 HOH HOH A . 
B 2 HOH 129 329 129 HOH HOH A . 
B 2 HOH 130 330 130 HOH HOH A . 
B 2 HOH 131 331 131 HOH HOH A . 
B 2 HOH 132 332 132 HOH HOH A . 
B 2 HOH 133 333 133 HOH HOH A . 
B 2 HOH 134 334 134 HOH HOH A . 
B 2 HOH 135 335 135 HOH HOH A . 
B 2 HOH 136 336 136 HOH HOH A . 
B 2 HOH 137 337 137 HOH HOH A . 
B 2 HOH 138 338 138 HOH HOH A . 
B 2 HOH 139 339 139 HOH HOH A . 
B 2 HOH 140 340 140 HOH HOH A . 
B 2 HOH 141 341 141 HOH HOH A . 
B 2 HOH 142 342 142 HOH HOH A . 
B 2 HOH 143 343 143 HOH HOH A . 
B 2 HOH 144 344 144 HOH HOH A . 
B 2 HOH 145 345 145 HOH HOH A . 
B 2 HOH 146 346 146 HOH HOH A . 
B 2 HOH 147 347 147 HOH HOH A . 
B 2 HOH 148 348 148 HOH HOH A . 
B 2 HOH 149 349 149 HOH HOH A . 
B 2 HOH 150 350 150 HOH HOH A . 
B 2 HOH 151 351 151 HOH HOH A . 
B 2 HOH 152 352 152 HOH HOH A . 
B 2 HOH 153 353 153 HOH HOH A . 
B 2 HOH 154 354 154 HOH HOH A . 
B 2 HOH 155 355 155 HOH HOH A . 
B 2 HOH 156 356 156 HOH HOH A . 
B 2 HOH 157 357 157 HOH HOH A . 
B 2 HOH 158 358 158 HOH HOH A . 
B 2 HOH 159 359 159 HOH HOH A . 
B 2 HOH 160 360 160 HOH HOH A . 
B 2 HOH 161 361 161 HOH HOH A . 
# 
loop_
_software.name 
_software.classification 
_software.version 
_software.citation_id 
_software.pdbx_ordinal 
HKL-2000 'data collection' .                             ? 1 
AMoRE    phasing           .                             ? 2 
PHENIX   refinement        '(phenix.refine: 1.8.2_1309)' ? 3 
HKL-2000 'data reduction'  .                             ? 4 
HKL-2000 'data scaling'    .                             ? 5 
# 
_cell.entry_id           4PQD 
_cell.length_a           32.755 
_cell.length_b           49.025 
_cell.length_c           65.141 
_cell.angle_alpha        90.00 
_cell.angle_beta         90.00 
_cell.angle_gamma        90.00 
_cell.Z_PDB              4 
_cell.pdbx_unique_axis   ? 
_cell.length_a_esd       ? 
_cell.length_b_esd       ? 
_cell.length_c_esd       ? 
_cell.angle_alpha_esd    ? 
_cell.angle_beta_esd     ? 
_cell.angle_gamma_esd    ? 
# 
_symmetry.entry_id                         4PQD 
_symmetry.space_group_name_H-M             'P 21 21 21' 
_symmetry.pdbx_full_space_group_name_H-M   ? 
_symmetry.cell_setting                     ? 
_symmetry.Int_Tables_number                19 
_symmetry.space_group_name_Hall            ? 
# 
_exptl.entry_id          4PQD 
_exptl.method            'X-RAY DIFFRACTION' 
_exptl.crystals_number   1 
# 
_exptl_crystal.id                    1 
_exptl_crystal.density_meas          ? 
_exptl_crystal.density_Matthews      2.21 
_exptl_crystal.density_percent_sol   44.31 
_exptl_crystal.description           ? 
_exptl_crystal.F_000                 ? 
_exptl_crystal.preparation           ? 
# 
_exptl_crystal_grow.crystal_id      1 
_exptl_crystal_grow.method          'VAPOR DIFFUSION, HANGING DROP' 
_exptl_crystal_grow.temp            288 
_exptl_crystal_grow.temp_details    ? 
_exptl_crystal_grow.pH              7.0 
_exptl_crystal_grow.pdbx_details    '60% v/v TacsimateTM  pH 7.0, VAPOR DIFFUSION, HANGING DROP, temperature 288K' 
_exptl_crystal_grow.pdbx_pH_range   ? 
# 
_diffrn.id                     1 
_diffrn.ambient_temp           100 
_diffrn.ambient_temp_details   ? 
_diffrn.crystal_id             1 
# 
_diffrn_detector.diffrn_id              1 
_diffrn_detector.detector               CCD 
_diffrn_detector.type                   'ADSC QUANTUM 315r' 
_diffrn_detector.pdbx_collection_date   2012-11-15 
_diffrn_detector.details                ? 
# 
_diffrn_radiation.diffrn_id                        1 
_diffrn_radiation.wavelength_id                    1 
_diffrn_radiation.pdbx_monochromatic_or_laue_m_l   M 
_diffrn_radiation.monochromator                    GRAPHITE 
_diffrn_radiation.pdbx_diffrn_protocol             'SINGLE WAVELENGTH' 
_diffrn_radiation.pdbx_scattering_type             x-ray 
# 
_diffrn_radiation_wavelength.id           1 
_diffrn_radiation_wavelength.wavelength   0.9793 
_diffrn_radiation_wavelength.wt           1.0 
# 
_diffrn_source.diffrn_id                   1 
_diffrn_source.source                      SYNCHROTRON 
_diffrn_source.type                        'SSRF BEAMLINE BL17U' 
_diffrn_source.pdbx_synchrotron_site       SSRF 
_diffrn_source.pdbx_synchrotron_beamline   BL17U 
_diffrn_source.pdbx_wavelength             ? 
_diffrn_source.pdbx_wavelength_list        0.9793 
# 
_reflns.entry_id                     4PQD 
_reflns.observed_criterion_sigma_I   2.0 
_reflns.observed_criterion_sigma_F   2.0 
_reflns.d_resolution_low             27.23 
_reflns.d_resolution_high            1.33 
_reflns.number_obs                   22664 
_reflns.number_all                   23021 
_reflns.percent_possible_obs         98.4 
_reflns.pdbx_Rmerge_I_obs            ? 
_reflns.pdbx_Rsym_value              ? 
_reflns.pdbx_netI_over_sigmaI        ? 
_reflns.B_iso_Wilson_estimate        ? 
_reflns.pdbx_redundancy              ? 
_reflns.R_free_details               ? 
_reflns.limit_h_max                  ? 
_reflns.limit_h_min                  ? 
_reflns.limit_k_max                  ? 
_reflns.limit_k_min                  ? 
_reflns.limit_l_max                  ? 
_reflns.limit_l_min                  ? 
_reflns.observed_criterion_F_max     ? 
_reflns.observed_criterion_F_min     ? 
_reflns.pdbx_chi_squared             ? 
_reflns.pdbx_scaling_rejects         ? 
_reflns.pdbx_ordinal                 1 
_reflns.pdbx_diffrn_id               1 
# 
loop_
_reflns_shell.d_res_high 
_reflns_shell.d_res_low 
_reflns_shell.percent_possible_all 
_reflns_shell.Rmerge_I_obs 
_reflns_shell.pdbx_Rsym_value 
_reflns_shell.meanI_over_sigI_obs 
_reflns_shell.pdbx_redundancy 
_reflns_shell.percent_possible_obs 
_reflns_shell.number_unique_all 
_reflns_shell.number_measured_all 
_reflns_shell.number_measured_obs 
_reflns_shell.number_unique_obs 
_reflns_shell.pdbx_chi_squared 
_reflns_shell.pdbx_ordinal 
_reflns_shell.pdbx_diffrn_id 
1.33 1.36 54  ? ? ? ? ? ? ? ? ? ? 1  1 
1.36 1.40 68  ? ? ? ? ? ? ? ? ? ? 2  1 
1.40 1.44 80  ? ? ? ? ? ? ? ? ? ? 3  1 
1.44 1.48 91  ? ? ? ? ? ? ? ? ? ? 4  1 
1.48 1.54 99  ? ? ? ? ? ? ? ? ? ? 5  1 
1.54 1.60 100 ? ? ? ? ? ? ? ? ? ? 6  1 
1.60 1.67 100 ? ? ? ? ? ? ? ? ? ? 7  1 
1.67 1.76 100 ? ? ? ? ? ? ? ? ? ? 8  1 
1.76 1.87 100 ? ? ? ? ? ? ? ? ? ? 9  1 
1.87 2.02 100 ? ? ? ? ? ? ? ? ? ? 10 1 
2.02 2.22 100 ? ? ? ? ? ? ? ? ? ? 11 1 
# 
_refine.entry_id                                 4PQD 
_refine.ls_number_reflns_obs                     22664 
_refine.ls_number_reflns_all                     23021 
_refine.pdbx_ls_sigma_I                          ? 
_refine.pdbx_ls_sigma_F                          1.34 
_refine.pdbx_data_cutoff_high_absF               ? 
_refine.pdbx_data_cutoff_low_absF                ? 
_refine.pdbx_data_cutoff_high_rms_absF           ? 
_refine.ls_d_res_low                             27.23 
_refine.ls_d_res_high                            1.332 
_refine.ls_percent_reflns_obs                    91.72 
_refine.ls_R_factor_obs                          0.1710 
_refine.ls_R_factor_all                          ? 
_refine.ls_R_factor_R_work                       0.1696 
_refine.ls_R_factor_R_free                       0.1863 
_refine.ls_R_factor_R_free_error                 ? 
_refine.ls_R_factor_R_free_error_details         ? 
_refine.ls_percent_reflns_R_free                 8.82 
_refine.ls_number_reflns_R_free                  1998 
_refine.ls_number_parameters                     ? 
_refine.ls_number_restraints                     ? 
_refine.occupancy_min                            ? 
_refine.occupancy_max                            ? 
_refine.correlation_coeff_Fo_to_Fc               ? 
_refine.correlation_coeff_Fo_to_Fc_free          ? 
_refine.B_iso_mean                               ? 
_refine.aniso_B[1][1]                            ? 
_refine.aniso_B[2][2]                            ? 
_refine.aniso_B[3][3]                            ? 
_refine.aniso_B[1][2]                            ? 
_refine.aniso_B[1][3]                            ? 
_refine.aniso_B[2][3]                            ? 
_refine.solvent_model_details                    'FLAT BULK SOLVENT MODEL' 
_refine.solvent_model_param_ksol                 ? 
_refine.solvent_model_param_bsol                 ? 
_refine.pdbx_solvent_vdw_probe_radii             1.11 
_refine.pdbx_solvent_ion_probe_radii             ? 
_refine.pdbx_solvent_shrinkage_radii             0.90 
_refine.pdbx_ls_cross_valid_method               ? 
_refine.details                                  ? 
_refine.pdbx_starting_model                      ? 
_refine.pdbx_method_to_determine_struct          'MOLECULAR REPLACEMENT' 
_refine.pdbx_isotropic_thermal_model             ? 
_refine.pdbx_stereochemistry_target_values       ML 
_refine.pdbx_stereochem_target_val_spec_case     ? 
_refine.pdbx_R_Free_selection_details            random 
_refine.pdbx_overall_ESU_R                       ? 
_refine.pdbx_overall_ESU_R_Free                  ? 
_refine.overall_SU_ML                            0.10 
_refine.pdbx_overall_phase_error                 17.48 
_refine.overall_SU_B                             ? 
_refine.overall_SU_R_Cruickshank_DPI             ? 
_refine.ls_redundancy_reflns_obs                 ? 
_refine.B_iso_min                                ? 
_refine.B_iso_max                                ? 
_refine.overall_SU_R_free                        ? 
_refine.ls_wR_factor_R_free                      ? 
_refine.ls_wR_factor_R_work                      ? 
_refine.overall_FOM_free_R_set                   ? 
_refine.overall_FOM_work_R_set                   ? 
_refine.pdbx_diffrn_id                           1 
_refine.pdbx_refine_id                           'X-RAY DIFFRACTION' 
_refine.pdbx_TLS_residual_ADP_flag               ? 
_refine.pdbx_overall_SU_R_free_Cruickshank_DPI   ? 
_refine.pdbx_overall_SU_R_Blow_DPI               ? 
_refine.pdbx_overall_SU_R_free_Blow_DPI          ? 
# 
_refine_hist.pdbx_refine_id                   'X-RAY DIFFRACTION' 
_refine_hist.cycle_id                         LAST 
_refine_hist.pdbx_number_atoms_protein        825 
_refine_hist.pdbx_number_atoms_nucleic_acid   0 
_refine_hist.pdbx_number_atoms_ligand         0 
_refine_hist.number_atoms_solvent             161 
_refine_hist.number_atoms_total               986 
_refine_hist.d_res_high                       1.332 
_refine_hist.d_res_low                        27.23 
# 
loop_
_refine_ls_restr.type 
_refine_ls_restr.dev_ideal 
_refine_ls_restr.dev_ideal_target 
_refine_ls_restr.weight 
_refine_ls_restr.number 
_refine_ls_restr.pdbx_restraint_function 
_refine_ls_restr.pdbx_refine_id 
f_bond_d           0.007  ? ? 846  ? 'X-RAY DIFFRACTION' 
f_angle_d          1.104  ? ? 1143 ? 'X-RAY DIFFRACTION' 
f_dihedral_angle_d 12.320 ? ? 314  ? 'X-RAY DIFFRACTION' 
f_chiral_restr     0.081  ? ? 124  ? 'X-RAY DIFFRACTION' 
f_plane_restr      0.005  ? ? 151  ? 'X-RAY DIFFRACTION' 
# 
loop_
_refine_ls_shell.pdbx_total_number_of_bins_used 
_refine_ls_shell.d_res_high 
_refine_ls_shell.d_res_low 
_refine_ls_shell.number_reflns_R_work 
_refine_ls_shell.R_factor_R_work 
_refine_ls_shell.percent_reflns_obs 
_refine_ls_shell.R_factor_R_free 
_refine_ls_shell.R_factor_R_free_error 
_refine_ls_shell.percent_reflns_R_free 
_refine_ls_shell.number_reflns_R_free 
_refine_ls_shell.number_reflns_all 
_refine_ls_shell.R_factor_all 
_refine_ls_shell.number_reflns_obs 
_refine_ls_shell.redundancy_reflns_obs 
_refine_ls_shell.pdbx_refine_id 
. 1.3317 1.3650  862  0.1929 54.00  0.1843 . . 83  . . . . 'X-RAY DIFFRACTION' 
. 1.3650 1.4019  1065 0.1716 68.00  0.2025 . . 104 . . . . 'X-RAY DIFFRACTION' 
. 1.4019 1.4431  1252 0.1772 80.00  0.1637 . . 121 . . . . 'X-RAY DIFFRACTION' 
. 1.4431 1.4897  1467 0.1773 91.00  0.1897 . . 142 . . . . 'X-RAY DIFFRACTION' 
. 1.4897 1.5429  1554 0.1694 99.00  0.1869 . . 149 . . . . 'X-RAY DIFFRACTION' 
. 1.5429 1.6047  1576 0.1635 100.00 0.1817 . . 151 . . . . 'X-RAY DIFFRACTION' 
. 1.6047 1.6777  1594 0.1692 100.00 0.1932 . . 155 . . . . 'X-RAY DIFFRACTION' 
. 1.6777 1.7661  1583 0.1658 100.00 0.1772 . . 153 . . . . 'X-RAY DIFFRACTION' 
. 1.7661 1.8768  1604 0.1661 100.00 0.1862 . . 156 . . . . 'X-RAY DIFFRACTION' 
. 1.8768 2.0216  1600 0.1572 100.00 0.2019 . . 155 . . . . 'X-RAY DIFFRACTION' 
. 2.0216 2.2250  1621 0.1532 100.00 0.1563 . . 156 . . . . 'X-RAY DIFFRACTION' 
. 2.2250 2.5468  1636 0.1655 100.00 0.1780 . . 159 . . . . 'X-RAY DIFFRACTION' 
. 2.5468 3.2079  1634 0.1740 100.00 0.1943 . . 158 . . . . 'X-RAY DIFFRACTION' 
. 3.2079 27.2411 1618 0.1804 93.00  0.1975 . . 156 . . . . 'X-RAY DIFFRACTION' 
# 
_struct.entry_id                  4PQD 
_struct.title                     
'The longer crystal structure of the grow factor like domain from Beta amypoid precusor protein (APP22-126)' 
_struct.pdbx_model_details        ? 
_struct.pdbx_CASP_flag            ? 
_struct.pdbx_model_type_details   ? 
# 
_struct_keywords.entry_id        4PQD 
_struct_keywords.pdbx_keywords   'PROTEIN BINDING' 
_struct_keywords.text            
;Alphan and Beta, Growth factor, Heparin binding, protein binding, Alzheimer's Disease, Death receptor 6 binding
;
# 
loop_
_struct_asym.id 
_struct_asym.pdbx_blank_PDB_chainid_flag 
_struct_asym.pdbx_modified 
_struct_asym.entity_id 
_struct_asym.details 
A N N 1 ? 
B N N 2 ? 
# 
_struct_ref.id                         1 
_struct_ref.db_name                    UNP 
_struct_ref.db_code                    A4_HUMAN 
_struct_ref.pdbx_db_accession          P05067 
_struct_ref.entity_id                  1 
_struct_ref.pdbx_seq_one_letter_code   
;TDGNAGLLAEPQIAMFCGRLNMHMNVQNGKWDSDPSGTKTCIDTKEGILQYCQEVYPELQITNVVEANQPVTIQNWCKRG
RKQCKTHPHFVIPYRCLVGEFVSDA
;
_struct_ref.pdbx_align_begin           22 
_struct_ref.pdbx_db_isoform            ? 
# 
_struct_ref_seq.align_id                      1 
_struct_ref_seq.ref_id                        1 
_struct_ref_seq.pdbx_PDB_id_code              4PQD 
_struct_ref_seq.pdbx_strand_id                A 
_struct_ref_seq.seq_align_beg                 1 
_struct_ref_seq.pdbx_seq_align_beg_ins_code   ? 
_struct_ref_seq.seq_align_end                 105 
_struct_ref_seq.pdbx_seq_align_end_ins_code   ? 
_struct_ref_seq.pdbx_db_accession             P05067 
_struct_ref_seq.db_align_beg                  22 
_struct_ref_seq.pdbx_db_align_beg_ins_code    ? 
_struct_ref_seq.db_align_end                  126 
_struct_ref_seq.pdbx_db_align_end_ins_code    ? 
_struct_ref_seq.pdbx_auth_seq_align_beg       22 
_struct_ref_seq.pdbx_auth_seq_align_end       126 
# 
_pdbx_struct_assembly.id                   1 
_pdbx_struct_assembly.details              author_and_software_defined_assembly 
_pdbx_struct_assembly.method_details       PISA 
_pdbx_struct_assembly.oligomeric_details   monomeric 
_pdbx_struct_assembly.oligomeric_count     1 
# 
_pdbx_struct_assembly_gen.assembly_id       1 
_pdbx_struct_assembly_gen.oper_expression   1 
_pdbx_struct_assembly_gen.asym_id_list      A,B 
# 
_pdbx_struct_oper_list.id                   1 
_pdbx_struct_oper_list.type                 'identity operation' 
_pdbx_struct_oper_list.name                 1_555 
_pdbx_struct_oper_list.symmetry_operation   x,y,z 
_pdbx_struct_oper_list.matrix[1][1]         1.0000000000 
_pdbx_struct_oper_list.matrix[1][2]         0.0000000000 
_pdbx_struct_oper_list.matrix[1][3]         0.0000000000 
_pdbx_struct_oper_list.vector[1]            0.0000000000 
_pdbx_struct_oper_list.matrix[2][1]         0.0000000000 
_pdbx_struct_oper_list.matrix[2][2]         1.0000000000 
_pdbx_struct_oper_list.matrix[2][3]         0.0000000000 
_pdbx_struct_oper_list.vector[2]            0.0000000000 
_pdbx_struct_oper_list.matrix[3][1]         0.0000000000 
_pdbx_struct_oper_list.matrix[3][2]         0.0000000000 
_pdbx_struct_oper_list.matrix[3][3]         1.0000000000 
_pdbx_struct_oper_list.vector[3]            0.0000000000 
# 
_struct_biol.id        1 
_struct_biol.details   ? 
# 
loop_
_struct_conf.conf_type_id 
_struct_conf.id 
_struct_conf.pdbx_PDB_helix_id 
_struct_conf.beg_label_comp_id 
_struct_conf.beg_label_asym_id 
_struct_conf.beg_label_seq_id 
_struct_conf.pdbx_beg_PDB_ins_code 
_struct_conf.end_label_comp_id 
_struct_conf.end_label_asym_id 
_struct_conf.end_label_seq_id 
_struct_conf.pdbx_end_PDB_ins_code 
_struct_conf.beg_auth_comp_id 
_struct_conf.beg_auth_asym_id 
_struct_conf.beg_auth_seq_id 
_struct_conf.end_auth_comp_id 
_struct_conf.end_auth_asym_id 
_struct_conf.end_auth_seq_id 
_struct_conf.pdbx_PDB_helix_class 
_struct_conf.details 
_struct_conf.pdbx_PDB_helix_length 
HELX_P HELX_P1 1 ASN A 4  ? LEU A 8  ? ASN A 25 LEU A 29 5 ? 5  
HELX_P HELX_P2 2 THR A 44 ? TYR A 56 ? THR A 65 TYR A 77 1 ? 13 
# 
_struct_conf_type.id          HELX_P 
_struct_conf_type.criteria    ? 
_struct_conf_type.reference   ? 
# 
loop_
_struct_conn.id 
_struct_conn.conn_type_id 
_struct_conn.pdbx_leaving_atom_flag 
_struct_conn.pdbx_PDB_id 
_struct_conn.ptnr1_label_asym_id 
_struct_conn.ptnr1_label_comp_id 
_struct_conn.ptnr1_label_seq_id 
_struct_conn.ptnr1_label_atom_id 
_struct_conn.pdbx_ptnr1_label_alt_id 
_struct_conn.pdbx_ptnr1_PDB_ins_code 
_struct_conn.pdbx_ptnr1_standard_comp_id 
_struct_conn.ptnr1_symmetry 
_struct_conn.ptnr2_label_asym_id 
_struct_conn.ptnr2_label_comp_id 
_struct_conn.ptnr2_label_seq_id 
_struct_conn.ptnr2_label_atom_id 
_struct_conn.pdbx_ptnr2_label_alt_id 
_struct_conn.pdbx_ptnr2_PDB_ins_code 
_struct_conn.ptnr1_auth_asym_id 
_struct_conn.ptnr1_auth_comp_id 
_struct_conn.ptnr1_auth_seq_id 
_struct_conn.ptnr2_auth_asym_id 
_struct_conn.ptnr2_auth_comp_id 
_struct_conn.ptnr2_auth_seq_id 
_struct_conn.ptnr2_symmetry 
_struct_conn.pdbx_ptnr3_label_atom_id 
_struct_conn.pdbx_ptnr3_label_seq_id 
_struct_conn.pdbx_ptnr3_label_comp_id 
_struct_conn.pdbx_ptnr3_label_asym_id 
_struct_conn.pdbx_ptnr3_label_alt_id 
_struct_conn.pdbx_ptnr3_PDB_ins_code 
_struct_conn.details 
_struct_conn.pdbx_dist_value 
_struct_conn.pdbx_value_order 
_struct_conn.pdbx_role 
disulf1 disulf ? ? A CYS 17 SG ? ? ? 1_555 A CYS 41 SG ? ? A CYS 38 A CYS 62  1_555 ? ? ? ? ? ? ? 2.041 ? ? 
disulf2 disulf ? ? A CYS 52 SG ? ? ? 1_555 A CYS 96 SG ? ? A CYS 73 A CYS 117 1_555 ? ? ? ? ? ? ? 2.085 ? ? 
disulf3 disulf ? ? A CYS 77 SG ? ? ? 1_555 A CYS 84 SG ? ? A CYS 98 A CYS 105 1_555 ? ? ? ? ? ? ? 2.037 ? ? 
# 
_struct_conn_type.id          disulf 
_struct_conn_type.criteria    ? 
_struct_conn_type.reference   ? 
# 
loop_
_pdbx_modification_feature.ordinal 
_pdbx_modification_feature.label_comp_id 
_pdbx_modification_feature.label_asym_id 
_pdbx_modification_feature.label_seq_id 
_pdbx_modification_feature.label_alt_id 
_pdbx_modification_feature.modified_residue_label_comp_id 
_pdbx_modification_feature.modified_residue_label_asym_id 
_pdbx_modification_feature.modified_residue_label_seq_id 
_pdbx_modification_feature.modified_residue_label_alt_id 
_pdbx_modification_feature.auth_comp_id 
_pdbx_modification_feature.auth_asym_id 
_pdbx_modification_feature.auth_seq_id 
_pdbx_modification_feature.PDB_ins_code 
_pdbx_modification_feature.symmetry 
_pdbx_modification_feature.modified_residue_auth_comp_id 
_pdbx_modification_feature.modified_residue_auth_asym_id 
_pdbx_modification_feature.modified_residue_auth_seq_id 
_pdbx_modification_feature.modified_residue_PDB_ins_code 
_pdbx_modification_feature.modified_residue_symmetry 
_pdbx_modification_feature.comp_id_linking_atom 
_pdbx_modification_feature.modified_residue_id_linking_atom 
_pdbx_modification_feature.modified_residue_id 
_pdbx_modification_feature.ref_pcm_id 
_pdbx_modification_feature.ref_comp_id 
_pdbx_modification_feature.type 
_pdbx_modification_feature.category 
1 CYS A 17 ? CYS A 41 ? CYS A 38 ? 1_555 CYS A 62  ? 1_555 SG SG . . . None 'Disulfide bridge' 
2 CYS A 52 ? CYS A 96 ? CYS A 73 ? 1_555 CYS A 117 ? 1_555 SG SG . . . None 'Disulfide bridge' 
3 CYS A 77 ? CYS A 84 ? CYS A 98 ? 1_555 CYS A 105 ? 1_555 SG SG . . . None 'Disulfide bridge' 
# 
loop_
_struct_sheet.id 
_struct_sheet.type 
_struct_sheet.number_strands 
_struct_sheet.details 
A ? 5 ? 
B ? 2 ? 
C ? 2 ? 
# 
loop_
_struct_sheet_order.sheet_id 
_struct_sheet_order.range_id_1 
_struct_sheet_order.range_id_2 
_struct_sheet_order.offset 
_struct_sheet_order.sense 
A 1 2 ? anti-parallel 
A 2 3 ? anti-parallel 
A 3 4 ? anti-parallel 
A 4 5 ? anti-parallel 
B 1 2 ? anti-parallel 
C 1 2 ? anti-parallel 
# 
loop_
_struct_sheet_range.sheet_id 
_struct_sheet_range.id 
_struct_sheet_range.beg_label_comp_id 
_struct_sheet_range.beg_label_asym_id 
_struct_sheet_range.beg_label_seq_id 
_struct_sheet_range.pdbx_beg_PDB_ins_code 
_struct_sheet_range.end_label_comp_id 
_struct_sheet_range.end_label_asym_id 
_struct_sheet_range.end_label_seq_id 
_struct_sheet_range.pdbx_end_PDB_ins_code 
_struct_sheet_range.beg_auth_comp_id 
_struct_sheet_range.beg_auth_asym_id 
_struct_sheet_range.beg_auth_seq_id 
_struct_sheet_range.end_auth_comp_id 
_struct_sheet_range.end_auth_asym_id 
_struct_sheet_range.end_auth_seq_id 
A 1 TRP A 31 ? SER A 33 ? TRP A 52  SER A 54  
A 2 MET A 22 ? MET A 24 ? MET A 43  MET A 45  
A 3 GLN A 12 ? ALA A 14 ? GLN A 33  ALA A 35  
A 4 TYR A 94 ? VAL A 98 ? TYR A 115 VAL A 119 
A 5 ILE A 61 ? GLU A 66 ? ILE A 82  GLU A 87  
B 1 VAL A 71 ? ILE A 73 ? VAL A 92  ILE A 94  
B 2 HIS A 89 ? VAL A 91 ? HIS A 110 VAL A 112 
C 1 TRP A 76 ? LYS A 78 ? TRP A 97  LYS A 99  
C 2 LYS A 82 ? LYS A 85 ? LYS A 103 LYS A 106 
# 
loop_
_pdbx_struct_sheet_hbond.sheet_id 
_pdbx_struct_sheet_hbond.range_id_1 
_pdbx_struct_sheet_hbond.range_id_2 
_pdbx_struct_sheet_hbond.range_1_label_atom_id 
_pdbx_struct_sheet_hbond.range_1_label_comp_id 
_pdbx_struct_sheet_hbond.range_1_label_asym_id 
_pdbx_struct_sheet_hbond.range_1_label_seq_id 
_pdbx_struct_sheet_hbond.range_1_PDB_ins_code 
_pdbx_struct_sheet_hbond.range_1_auth_atom_id 
_pdbx_struct_sheet_hbond.range_1_auth_comp_id 
_pdbx_struct_sheet_hbond.range_1_auth_asym_id 
_pdbx_struct_sheet_hbond.range_1_auth_seq_id 
_pdbx_struct_sheet_hbond.range_2_label_atom_id 
_pdbx_struct_sheet_hbond.range_2_label_comp_id 
_pdbx_struct_sheet_hbond.range_2_label_asym_id 
_pdbx_struct_sheet_hbond.range_2_label_seq_id 
_pdbx_struct_sheet_hbond.range_2_PDB_ins_code 
_pdbx_struct_sheet_hbond.range_2_auth_atom_id 
_pdbx_struct_sheet_hbond.range_2_auth_comp_id 
_pdbx_struct_sheet_hbond.range_2_auth_asym_id 
_pdbx_struct_sheet_hbond.range_2_auth_seq_id 
A 1 2 O ASP A 32 ? O ASP A 53  N HIS A 23 ? N HIS A 44  
A 2 3 O MET A 22 ? O MET A 43  N ALA A 14 ? N ALA A 35  
A 3 4 N ILE A 13 ? N ILE A 34  O TYR A 94 ? O TYR A 115 
A 4 5 O ARG A 95 ? O ARG A 116 N VAL A 65 ? N VAL A 86  
B 1 2 N VAL A 71 ? N VAL A 92  O VAL A 91 ? O VAL A 112 
C 1 2 N LYS A 78 ? N LYS A 99  O LYS A 82 ? O LYS A 103 
# 
_pdbx_entry_details.entry_id                   4PQD 
_pdbx_entry_details.compound_details           ? 
_pdbx_entry_details.source_details             ? 
_pdbx_entry_details.nonpolymer_details         ? 
_pdbx_entry_details.sequence_details           ? 
_pdbx_entry_details.has_ligand_of_interest     ? 
_pdbx_entry_details.has_protein_modification   Y 
# 
loop_
_pdbx_validate_close_contact.id 
_pdbx_validate_close_contact.PDB_model_num 
_pdbx_validate_close_contact.auth_atom_id_1 
_pdbx_validate_close_contact.auth_asym_id_1 
_pdbx_validate_close_contact.auth_comp_id_1 
_pdbx_validate_close_contact.auth_seq_id_1 
_pdbx_validate_close_contact.PDB_ins_code_1 
_pdbx_validate_close_contact.label_alt_id_1 
_pdbx_validate_close_contact.auth_atom_id_2 
_pdbx_validate_close_contact.auth_asym_id_2 
_pdbx_validate_close_contact.auth_comp_id_2 
_pdbx_validate_close_contact.auth_seq_id_2 
_pdbx_validate_close_contact.PDB_ins_code_2 
_pdbx_validate_close_contact.label_alt_id_2 
_pdbx_validate_close_contact.dist 
1  1 O A HOH 295 ? ? O A HOH 296 ? ? 1.82 
2  1 O A HOH 347 ? ? O A HOH 360 ? ? 1.85 
3  1 O A HOH 217 ? ? O A HOH 221 ? ? 1.96 
4  1 O A HOH 349 ? ? O A HOH 360 ? ? 1.98 
5  1 O A HOH 253 ? ? O A HOH 254 ? ? 2.00 
6  1 O A HOH 298 ? ? O A HOH 326 ? ? 2.05 
7  1 O A HOH 249 ? ? O A HOH 295 ? ? 2.05 
8  1 O A HOH 313 ? ? O A HOH 314 ? ? 2.09 
9  1 O A HOH 254 ? ? O A HOH 285 ? ? 2.12 
10 1 O A HOH 233 ? ? O A HOH 242 ? ? 2.16 
11 1 O A HOH 284 ? ? O A HOH 321 ? ? 2.19 
12 1 O A HOH 244 ? ? O A HOH 288 ? ? 2.19 
# 
loop_
_pdbx_validate_symm_contact.id 
_pdbx_validate_symm_contact.PDB_model_num 
_pdbx_validate_symm_contact.auth_atom_id_1 
_pdbx_validate_symm_contact.auth_asym_id_1 
_pdbx_validate_symm_contact.auth_comp_id_1 
_pdbx_validate_symm_contact.auth_seq_id_1 
_pdbx_validate_symm_contact.PDB_ins_code_1 
_pdbx_validate_symm_contact.label_alt_id_1 
_pdbx_validate_symm_contact.site_symmetry_1 
_pdbx_validate_symm_contact.auth_atom_id_2 
_pdbx_validate_symm_contact.auth_asym_id_2 
_pdbx_validate_symm_contact.auth_comp_id_2 
_pdbx_validate_symm_contact.auth_seq_id_2 
_pdbx_validate_symm_contact.PDB_ins_code_2 
_pdbx_validate_symm_contact.label_alt_id_2 
_pdbx_validate_symm_contact.site_symmetry_2 
_pdbx_validate_symm_contact.dist 
1 1 O A HOH 323 ? ? 1_555 O A HOH 324 ? ? 3_755 1.73 
2 1 O A HOH 291 ? ? 1_555 O A HOH 293 ? ? 3_645 1.76 
# 
loop_
_pdbx_validate_torsion.id 
_pdbx_validate_torsion.PDB_model_num 
_pdbx_validate_torsion.auth_comp_id 
_pdbx_validate_torsion.auth_asym_id 
_pdbx_validate_torsion.auth_seq_id 
_pdbx_validate_torsion.PDB_ins_code 
_pdbx_validate_torsion.label_alt_id 
_pdbx_validate_torsion.phi 
_pdbx_validate_torsion.psi 
1 1 ASN A 25 ? ? -153.31 82.91   
2 1 THR A 61 ? ? -115.73 -166.53 
# 
loop_
_pdbx_refine_tls.pdbx_refine_id 
_pdbx_refine_tls.id 
_pdbx_refine_tls.details 
_pdbx_refine_tls.method 
_pdbx_refine_tls.origin_x 
_pdbx_refine_tls.origin_y 
_pdbx_refine_tls.origin_z 
_pdbx_refine_tls.T[1][1] 
_pdbx_refine_tls.T[2][2] 
_pdbx_refine_tls.T[3][3] 
_pdbx_refine_tls.T[1][2] 
_pdbx_refine_tls.T[1][3] 
_pdbx_refine_tls.T[2][3] 
_pdbx_refine_tls.L[1][1] 
_pdbx_refine_tls.L[2][2] 
_pdbx_refine_tls.L[3][3] 
_pdbx_refine_tls.L[1][2] 
_pdbx_refine_tls.L[1][3] 
_pdbx_refine_tls.L[2][3] 
_pdbx_refine_tls.S[1][1] 
_pdbx_refine_tls.S[1][2] 
_pdbx_refine_tls.S[1][3] 
_pdbx_refine_tls.S[2][1] 
_pdbx_refine_tls.S[2][2] 
_pdbx_refine_tls.S[2][3] 
_pdbx_refine_tls.S[3][1] 
_pdbx_refine_tls.S[3][2] 
_pdbx_refine_tls.S[3][3] 
'X-RAY DIFFRACTION' 1 ? refined -10.0828 -15.0210 -13.8732 0.3272 0.2791 0.2321 -0.0230 -0.0681 -0.0330 4.2583 7.0474 6.7420 -2.9542 -3.1115 -2.5701 0.0277  0.8345  -0.4895 -0.9927 0.0684  0.6308  0.3199  -0.8702 -0.0720 
'X-RAY DIFFRACTION' 2 ? refined 4.2811   1.1412   0.3808   0.0515 0.0594 0.0718 0.0191  0.0099  -0.0046 3.1641 1.8305 4.4995 0.4589  2.3306  1.2207  0.1198  0.0008  -0.0431 0.1820  -0.0176 -0.1791 0.0073  0.1207  -0.0838 
'X-RAY DIFFRACTION' 3 ? refined 0.9742   -0.6354  -7.4705  0.1386 0.0889 0.0624 -0.0174 -0.0084 -0.0067 5.3336 3.8099 4.3677 1.7904  1.1281  1.3472  -0.1778 0.4435  -0.0286 -0.4858 0.1479  -0.0056 -0.1170 0.0688  0.0338  
'X-RAY DIFFRACTION' 4 ? refined 2.4783   9.2914   4.0460   0.1326 0.0827 0.1111 -0.0017 -0.0006 -0.0123 1.9310 3.0792 5.7293 0.4879  -1.1766 -3.2940 0.0618  -0.1580 0.2962  0.1769  -0.0310 -0.0178 -0.4979 0.1529  -0.0322 
'X-RAY DIFFRACTION' 5 ? refined -4.3066  3.8597   6.8044   0.0854 0.0597 0.0865 0.0072  -0.0013 -0.0149 5.1602 1.4409 8.9540 0.7668  1.7708  0.9876  -0.0784 -0.1853 0.0919  0.0420  0.0024  0.1382  -0.0630 -0.1697 0.1160  
'X-RAY DIFFRACTION' 6 ? refined -1.9059  -4.3683  2.8633   0.0809 0.0585 0.0711 -0.0036 -0.0055 -0.0048 4.1449 0.9428 1.3322 -0.3186 -0.6793 -0.0156 -0.0708 -0.1157 -0.2463 -0.0047 0.0007  0.0490  0.1044  -0.0478 0.0629  
'X-RAY DIFFRACTION' 7 ? refined 11.6898  8.2150   -5.9565  0.2144 0.2234 0.2596 0.0204  0.0583  0.0587  2.8003 6.6407 1.3784 -3.9397 -0.0043 0.0457  0.2723  0.5405  0.6722  -0.9657 -0.4548 -0.9252 -0.1001 0.3614  0.1385  
'X-RAY DIFFRACTION' 8 ? refined -5.4445  -5.3755  6.1426   0.0605 0.0722 0.0566 0.0034  -0.0021 0.0090  5.0625 0.7471 1.5540 0.8302  -1.6500 -0.1697 -0.1383 -0.0300 -0.0300 0.0115  0.1014  0.0399  0.0398  -0.1954 0.0613  
# 
loop_
_pdbx_refine_tls_group.pdbx_refine_id 
_pdbx_refine_tls_group.id 
_pdbx_refine_tls_group.refine_tls_id 
_pdbx_refine_tls_group.beg_auth_asym_id 
_pdbx_refine_tls_group.beg_auth_seq_id 
_pdbx_refine_tls_group.beg_label_asym_id 
_pdbx_refine_tls_group.beg_label_seq_id 
_pdbx_refine_tls_group.end_auth_asym_id 
_pdbx_refine_tls_group.end_auth_seq_id 
_pdbx_refine_tls_group.end_label_asym_id 
_pdbx_refine_tls_group.end_label_seq_id 
_pdbx_refine_tls_group.selection 
_pdbx_refine_tls_group.selection_details 
'X-RAY DIFFRACTION' 1 1 ? ? ? ? ? ? ? ? ? 
;chain 'A' and (resid 22 through 28 )
;
'X-RAY DIFFRACTION' 2 2 ? ? ? ? ? ? ? ? ? 
;chain 'A' and (resid 29 through 42 )
;
'X-RAY DIFFRACTION' 3 3 ? ? ? ? ? ? ? ? ? 
;chain 'A' and (resid 43 through 54 )
;
'X-RAY DIFFRACTION' 4 4 ? ? ? ? ? ? ? ? ? 
;chain 'A' and (resid 55 through 65 )
;
'X-RAY DIFFRACTION' 5 5 ? ? ? ? ? ? ? ? ? 
;chain 'A' and (resid 66 through 76 )
;
'X-RAY DIFFRACTION' 6 6 ? ? ? ? ? ? ? ? ? 
;chain 'A' and (resid 77 through 94 )
;
'X-RAY DIFFRACTION' 7 7 ? ? ? ? ? ? ? ? ? 
;chain 'A' and (resid 95 through 109 )
;
'X-RAY DIFFRACTION' 8 8 ? ? ? ? ? ? ? ? ? 
;chain 'A' and (resid 110 through 126 )
;
# 
loop_
_chem_comp_atom.comp_id 
_chem_comp_atom.atom_id 
_chem_comp_atom.type_symbol 
_chem_comp_atom.pdbx_aromatic_flag 
_chem_comp_atom.pdbx_stereo_config 
_chem_comp_atom.pdbx_ordinal 
ALA N    N N N 1   
ALA CA   C N S 2   
ALA C    C N N 3   
ALA O    O N N 4   
ALA CB   C N N 5   
ALA OXT  O N N 6   
ALA H    H N N 7   
ALA H2   H N N 8   
ALA HA   H N N 9   
ALA HB1  H N N 10  
ALA HB2  H N N 11  
ALA HB3  H N N 12  
ALA HXT  H N N 13  
ARG N    N N N 14  
ARG CA   C N S 15  
ARG C    C N N 16  
ARG O    O N N 17  
ARG CB   C N N 18  
ARG CG   C N N 19  
ARG CD   C N N 20  
ARG NE   N N N 21  
ARG CZ   C N N 22  
ARG NH1  N N N 23  
ARG NH2  N N N 24  
ARG OXT  O N N 25  
ARG H    H N N 26  
ARG H2   H N N 27  
ARG HA   H N N 28  
ARG HB2  H N N 29  
ARG HB3  H N N 30  
ARG HG2  H N N 31  
ARG HG3  H N N 32  
ARG HD2  H N N 33  
ARG HD3  H N N 34  
ARG HE   H N N 35  
ARG HH11 H N N 36  
ARG HH12 H N N 37  
ARG HH21 H N N 38  
ARG HH22 H N N 39  
ARG HXT  H N N 40  
ASN N    N N N 41  
ASN CA   C N S 42  
ASN C    C N N 43  
ASN O    O N N 44  
ASN CB   C N N 45  
ASN CG   C N N 46  
ASN OD1  O N N 47  
ASN ND2  N N N 48  
ASN OXT  O N N 49  
ASN H    H N N 50  
ASN H2   H N N 51  
ASN HA   H N N 52  
ASN HB2  H N N 53  
ASN HB3  H N N 54  
ASN HD21 H N N 55  
ASN HD22 H N N 56  
ASN HXT  H N N 57  
ASP N    N N N 58  
ASP CA   C N S 59  
ASP C    C N N 60  
ASP O    O N N 61  
ASP CB   C N N 62  
ASP CG   C N N 63  
ASP OD1  O N N 64  
ASP OD2  O N N 65  
ASP OXT  O N N 66  
ASP H    H N N 67  
ASP H2   H N N 68  
ASP HA   H N N 69  
ASP HB2  H N N 70  
ASP HB3  H N N 71  
ASP HD2  H N N 72  
ASP HXT  H N N 73  
CYS N    N N N 74  
CYS CA   C N R 75  
CYS C    C N N 76  
CYS O    O N N 77  
CYS CB   C N N 78  
CYS SG   S N N 79  
CYS OXT  O N N 80  
CYS H    H N N 81  
CYS H2   H N N 82  
CYS HA   H N N 83  
CYS HB2  H N N 84  
CYS HB3  H N N 85  
CYS HG   H N N 86  
CYS HXT  H N N 87  
GLN N    N N N 88  
GLN CA   C N S 89  
GLN C    C N N 90  
GLN O    O N N 91  
GLN CB   C N N 92  
GLN CG   C N N 93  
GLN CD   C N N 94  
GLN OE1  O N N 95  
GLN NE2  N N N 96  
GLN OXT  O N N 97  
GLN H    H N N 98  
GLN H2   H N N 99  
GLN HA   H N N 100 
GLN HB2  H N N 101 
GLN HB3  H N N 102 
GLN HG2  H N N 103 
GLN HG3  H N N 104 
GLN HE21 H N N 105 
GLN HE22 H N N 106 
GLN HXT  H N N 107 
GLU N    N N N 108 
GLU CA   C N S 109 
GLU C    C N N 110 
GLU O    O N N 111 
GLU CB   C N N 112 
GLU CG   C N N 113 
GLU CD   C N N 114 
GLU OE1  O N N 115 
GLU OE2  O N N 116 
GLU OXT  O N N 117 
GLU H    H N N 118 
GLU H2   H N N 119 
GLU HA   H N N 120 
GLU HB2  H N N 121 
GLU HB3  H N N 122 
GLU HG2  H N N 123 
GLU HG3  H N N 124 
GLU HE2  H N N 125 
GLU HXT  H N N 126 
GLY N    N N N 127 
GLY CA   C N N 128 
GLY C    C N N 129 
GLY O    O N N 130 
GLY OXT  O N N 131 
GLY H    H N N 132 
GLY H2   H N N 133 
GLY HA2  H N N 134 
GLY HA3  H N N 135 
GLY HXT  H N N 136 
HIS N    N N N 137 
HIS CA   C N S 138 
HIS C    C N N 139 
HIS O    O N N 140 
HIS CB   C N N 141 
HIS CG   C Y N 142 
HIS ND1  N Y N 143 
HIS CD2  C Y N 144 
HIS CE1  C Y N 145 
HIS NE2  N Y N 146 
HIS OXT  O N N 147 
HIS H    H N N 148 
HIS H2   H N N 149 
HIS HA   H N N 150 
HIS HB2  H N N 151 
HIS HB3  H N N 152 
HIS HD1  H N N 153 
HIS HD2  H N N 154 
HIS HE1  H N N 155 
HIS HE2  H N N 156 
HIS HXT  H N N 157 
HOH O    O N N 158 
HOH H1   H N N 159 
HOH H2   H N N 160 
ILE N    N N N 161 
ILE CA   C N S 162 
ILE C    C N N 163 
ILE O    O N N 164 
ILE CB   C N S 165 
ILE CG1  C N N 166 
ILE CG2  C N N 167 
ILE CD1  C N N 168 
ILE OXT  O N N 169 
ILE H    H N N 170 
ILE H2   H N N 171 
ILE HA   H N N 172 
ILE HB   H N N 173 
ILE HG12 H N N 174 
ILE HG13 H N N 175 
ILE HG21 H N N 176 
ILE HG22 H N N 177 
ILE HG23 H N N 178 
ILE HD11 H N N 179 
ILE HD12 H N N 180 
ILE HD13 H N N 181 
ILE HXT  H N N 182 
LEU N    N N N 183 
LEU CA   C N S 184 
LEU C    C N N 185 
LEU O    O N N 186 
LEU CB   C N N 187 
LEU CG   C N N 188 
LEU CD1  C N N 189 
LEU CD2  C N N 190 
LEU OXT  O N N 191 
LEU H    H N N 192 
LEU H2   H N N 193 
LEU HA   H N N 194 
LEU HB2  H N N 195 
LEU HB3  H N N 196 
LEU HG   H N N 197 
LEU HD11 H N N 198 
LEU HD12 H N N 199 
LEU HD13 H N N 200 
LEU HD21 H N N 201 
LEU HD22 H N N 202 
LEU HD23 H N N 203 
LEU HXT  H N N 204 
LYS N    N N N 205 
LYS CA   C N S 206 
LYS C    C N N 207 
LYS O    O N N 208 
LYS CB   C N N 209 
LYS CG   C N N 210 
LYS CD   C N N 211 
LYS CE   C N N 212 
LYS NZ   N N N 213 
LYS OXT  O N N 214 
LYS H    H N N 215 
LYS H2   H N N 216 
LYS HA   H N N 217 
LYS HB2  H N N 218 
LYS HB3  H N N 219 
LYS HG2  H N N 220 
LYS HG3  H N N 221 
LYS HD2  H N N 222 
LYS HD3  H N N 223 
LYS HE2  H N N 224 
LYS HE3  H N N 225 
LYS HZ1  H N N 226 
LYS HZ2  H N N 227 
LYS HZ3  H N N 228 
LYS HXT  H N N 229 
MET N    N N N 230 
MET CA   C N S 231 
MET C    C N N 232 
MET O    O N N 233 
MET CB   C N N 234 
MET CG   C N N 235 
MET SD   S N N 236 
MET CE   C N N 237 
MET OXT  O N N 238 
MET H    H N N 239 
MET H2   H N N 240 
MET HA   H N N 241 
MET HB2  H N N 242 
MET HB3  H N N 243 
MET HG2  H N N 244 
MET HG3  H N N 245 
MET HE1  H N N 246 
MET HE2  H N N 247 
MET HE3  H N N 248 
MET HXT  H N N 249 
PHE N    N N N 250 
PHE CA   C N S 251 
PHE C    C N N 252 
PHE O    O N N 253 
PHE CB   C N N 254 
PHE CG   C Y N 255 
PHE CD1  C Y N 256 
PHE CD2  C Y N 257 
PHE CE1  C Y N 258 
PHE CE2  C Y N 259 
PHE CZ   C Y N 260 
PHE OXT  O N N 261 
PHE H    H N N 262 
PHE H2   H N N 263 
PHE HA   H N N 264 
PHE HB2  H N N 265 
PHE HB3  H N N 266 
PHE HD1  H N N 267 
PHE HD2  H N N 268 
PHE HE1  H N N 269 
PHE HE2  H N N 270 
PHE HZ   H N N 271 
PHE HXT  H N N 272 
PRO N    N N N 273 
PRO CA   C N S 274 
PRO C    C N N 275 
PRO O    O N N 276 
PRO CB   C N N 277 
PRO CG   C N N 278 
PRO CD   C N N 279 
PRO OXT  O N N 280 
PRO H    H N N 281 
PRO HA   H N N 282 
PRO HB2  H N N 283 
PRO HB3  H N N 284 
PRO HG2  H N N 285 
PRO HG3  H N N 286 
PRO HD2  H N N 287 
PRO HD3  H N N 288 
PRO HXT  H N N 289 
SER N    N N N 290 
SER CA   C N S 291 
SER C    C N N 292 
SER O    O N N 293 
SER CB   C N N 294 
SER OG   O N N 295 
SER OXT  O N N 296 
SER H    H N N 297 
SER H2   H N N 298 
SER HA   H N N 299 
SER HB2  H N N 300 
SER HB3  H N N 301 
SER HG   H N N 302 
SER HXT  H N N 303 
THR N    N N N 304 
THR CA   C N S 305 
THR C    C N N 306 
THR O    O N N 307 
THR CB   C N R 308 
THR OG1  O N N 309 
THR CG2  C N N 310 
THR OXT  O N N 311 
THR H    H N N 312 
THR H2   H N N 313 
THR HA   H N N 314 
THR HB   H N N 315 
THR HG1  H N N 316 
THR HG21 H N N 317 
THR HG22 H N N 318 
THR HG23 H N N 319 
THR HXT  H N N 320 
TRP N    N N N 321 
TRP CA   C N S 322 
TRP C    C N N 323 
TRP O    O N N 324 
TRP CB   C N N 325 
TRP CG   C Y N 326 
TRP CD1  C Y N 327 
TRP CD2  C Y N 328 
TRP NE1  N Y N 329 
TRP CE2  C Y N 330 
TRP CE3  C Y N 331 
TRP CZ2  C Y N 332 
TRP CZ3  C Y N 333 
TRP CH2  C Y N 334 
TRP OXT  O N N 335 
TRP H    H N N 336 
TRP H2   H N N 337 
TRP HA   H N N 338 
TRP HB2  H N N 339 
TRP HB3  H N N 340 
TRP HD1  H N N 341 
TRP HE1  H N N 342 
TRP HE3  H N N 343 
TRP HZ2  H N N 344 
TRP HZ3  H N N 345 
TRP HH2  H N N 346 
TRP HXT  H N N 347 
TYR N    N N N 348 
TYR CA   C N S 349 
TYR C    C N N 350 
TYR O    O N N 351 
TYR CB   C N N 352 
TYR CG   C Y N 353 
TYR CD1  C Y N 354 
TYR CD2  C Y N 355 
TYR CE1  C Y N 356 
TYR CE2  C Y N 357 
TYR CZ   C Y N 358 
TYR OH   O N N 359 
TYR OXT  O N N 360 
TYR H    H N N 361 
TYR H2   H N N 362 
TYR HA   H N N 363 
TYR HB2  H N N 364 
TYR HB3  H N N 365 
TYR HD1  H N N 366 
TYR HD2  H N N 367 
TYR HE1  H N N 368 
TYR HE2  H N N 369 
TYR HH   H N N 370 
TYR HXT  H N N 371 
VAL N    N N N 372 
VAL CA   C N S 373 
VAL C    C N N 374 
VAL O    O N N 375 
VAL CB   C N N 376 
VAL CG1  C N N 377 
VAL CG2  C N N 378 
VAL OXT  O N N 379 
VAL H    H N N 380 
VAL H2   H N N 381 
VAL HA   H N N 382 
VAL HB   H N N 383 
VAL HG11 H N N 384 
VAL HG12 H N N 385 
VAL HG13 H N N 386 
VAL HG21 H N N 387 
VAL HG22 H N N 388 
VAL HG23 H N N 389 
VAL HXT  H N N 390 
# 
loop_
_chem_comp_bond.comp_id 
_chem_comp_bond.atom_id_1 
_chem_comp_bond.atom_id_2 
_chem_comp_bond.value_order 
_chem_comp_bond.pdbx_aromatic_flag 
_chem_comp_bond.pdbx_stereo_config 
_chem_comp_bond.pdbx_ordinal 
ALA N   CA   sing N N 1   
ALA N   H    sing N N 2   
ALA N   H2   sing N N 3   
ALA CA  C    sing N N 4   
ALA CA  CB   sing N N 5   
ALA CA  HA   sing N N 6   
ALA C   O    doub N N 7   
ALA C   OXT  sing N N 8   
ALA CB  HB1  sing N N 9   
ALA CB  HB2  sing N N 10  
ALA CB  HB3  sing N N 11  
ALA OXT HXT  sing N N 12  
ARG N   CA   sing N N 13  
ARG N   H    sing N N 14  
ARG N   H2   sing N N 15  
ARG CA  C    sing N N 16  
ARG CA  CB   sing N N 17  
ARG CA  HA   sing N N 18  
ARG C   O    doub N N 19  
ARG C   OXT  sing N N 20  
ARG CB  CG   sing N N 21  
ARG CB  HB2  sing N N 22  
ARG CB  HB3  sing N N 23  
ARG CG  CD   sing N N 24  
ARG CG  HG2  sing N N 25  
ARG CG  HG3  sing N N 26  
ARG CD  NE   sing N N 27  
ARG CD  HD2  sing N N 28  
ARG CD  HD3  sing N N 29  
ARG NE  CZ   sing N N 30  
ARG NE  HE   sing N N 31  
ARG CZ  NH1  sing N N 32  
ARG CZ  NH2  doub N N 33  
ARG NH1 HH11 sing N N 34  
ARG NH1 HH12 sing N N 35  
ARG NH2 HH21 sing N N 36  
ARG NH2 HH22 sing N N 37  
ARG OXT HXT  sing N N 38  
ASN N   CA   sing N N 39  
ASN N   H    sing N N 40  
ASN N   H2   sing N N 41  
ASN CA  C    sing N N 42  
ASN CA  CB   sing N N 43  
ASN CA  HA   sing N N 44  
ASN C   O    doub N N 45  
ASN C   OXT  sing N N 46  
ASN CB  CG   sing N N 47  
ASN CB  HB2  sing N N 48  
ASN CB  HB3  sing N N 49  
ASN CG  OD1  doub N N 50  
ASN CG  ND2  sing N N 51  
ASN ND2 HD21 sing N N 52  
ASN ND2 HD22 sing N N 53  
ASN OXT HXT  sing N N 54  
ASP N   CA   sing N N 55  
ASP N   H    sing N N 56  
ASP N   H2   sing N N 57  
ASP CA  C    sing N N 58  
ASP CA  CB   sing N N 59  
ASP CA  HA   sing N N 60  
ASP C   O    doub N N 61  
ASP C   OXT  sing N N 62  
ASP CB  CG   sing N N 63  
ASP CB  HB2  sing N N 64  
ASP CB  HB3  sing N N 65  
ASP CG  OD1  doub N N 66  
ASP CG  OD2  sing N N 67  
ASP OD2 HD2  sing N N 68  
ASP OXT HXT  sing N N 69  
CYS N   CA   sing N N 70  
CYS N   H    sing N N 71  
CYS N   H2   sing N N 72  
CYS CA  C    sing N N 73  
CYS CA  CB   sing N N 74  
CYS CA  HA   sing N N 75  
CYS C   O    doub N N 76  
CYS C   OXT  sing N N 77  
CYS CB  SG   sing N N 78  
CYS CB  HB2  sing N N 79  
CYS CB  HB3  sing N N 80  
CYS SG  HG   sing N N 81  
CYS OXT HXT  sing N N 82  
GLN N   CA   sing N N 83  
GLN N   H    sing N N 84  
GLN N   H2   sing N N 85  
GLN CA  C    sing N N 86  
GLN CA  CB   sing N N 87  
GLN CA  HA   sing N N 88  
GLN C   O    doub N N 89  
GLN C   OXT  sing N N 90  
GLN CB  CG   sing N N 91  
GLN CB  HB2  sing N N 92  
GLN CB  HB3  sing N N 93  
GLN CG  CD   sing N N 94  
GLN CG  HG2  sing N N 95  
GLN CG  HG3  sing N N 96  
GLN CD  OE1  doub N N 97  
GLN CD  NE2  sing N N 98  
GLN NE2 HE21 sing N N 99  
GLN NE2 HE22 sing N N 100 
GLN OXT HXT  sing N N 101 
GLU N   CA   sing N N 102 
GLU N   H    sing N N 103 
GLU N   H2   sing N N 104 
GLU CA  C    sing N N 105 
GLU CA  CB   sing N N 106 
GLU CA  HA   sing N N 107 
GLU C   O    doub N N 108 
GLU C   OXT  sing N N 109 
GLU CB  CG   sing N N 110 
GLU CB  HB2  sing N N 111 
GLU CB  HB3  sing N N 112 
GLU CG  CD   sing N N 113 
GLU CG  HG2  sing N N 114 
GLU CG  HG3  sing N N 115 
GLU CD  OE1  doub N N 116 
GLU CD  OE2  sing N N 117 
GLU OE2 HE2  sing N N 118 
GLU OXT HXT  sing N N 119 
GLY N   CA   sing N N 120 
GLY N   H    sing N N 121 
GLY N   H2   sing N N 122 
GLY CA  C    sing N N 123 
GLY CA  HA2  sing N N 124 
GLY CA  HA3  sing N N 125 
GLY C   O    doub N N 126 
GLY C   OXT  sing N N 127 
GLY OXT HXT  sing N N 128 
HIS N   CA   sing N N 129 
HIS N   H    sing N N 130 
HIS N   H2   sing N N 131 
HIS CA  C    sing N N 132 
HIS CA  CB   sing N N 133 
HIS CA  HA   sing N N 134 
HIS C   O    doub N N 135 
HIS C   OXT  sing N N 136 
HIS CB  CG   sing N N 137 
HIS CB  HB2  sing N N 138 
HIS CB  HB3  sing N N 139 
HIS CG  ND1  sing Y N 140 
HIS CG  CD2  doub Y N 141 
HIS ND1 CE1  doub Y N 142 
HIS ND1 HD1  sing N N 143 
HIS CD2 NE2  sing Y N 144 
HIS CD2 HD2  sing N N 145 
HIS CE1 NE2  sing Y N 146 
HIS CE1 HE1  sing N N 147 
HIS NE2 HE2  sing N N 148 
HIS OXT HXT  sing N N 149 
HOH O   H1   sing N N 150 
HOH O   H2   sing N N 151 
ILE N   CA   sing N N 152 
ILE N   H    sing N N 153 
ILE N   H2   sing N N 154 
ILE CA  C    sing N N 155 
ILE CA  CB   sing N N 156 
ILE CA  HA   sing N N 157 
ILE C   O    doub N N 158 
ILE C   OXT  sing N N 159 
ILE CB  CG1  sing N N 160 
ILE CB  CG2  sing N N 161 
ILE CB  HB   sing N N 162 
ILE CG1 CD1  sing N N 163 
ILE CG1 HG12 sing N N 164 
ILE CG1 HG13 sing N N 165 
ILE CG2 HG21 sing N N 166 
ILE CG2 HG22 sing N N 167 
ILE CG2 HG23 sing N N 168 
ILE CD1 HD11 sing N N 169 
ILE CD1 HD12 sing N N 170 
ILE CD1 HD13 sing N N 171 
ILE OXT HXT  sing N N 172 
LEU N   CA   sing N N 173 
LEU N   H    sing N N 174 
LEU N   H2   sing N N 175 
LEU CA  C    sing N N 176 
LEU CA  CB   sing N N 177 
LEU CA  HA   sing N N 178 
LEU C   O    doub N N 179 
LEU C   OXT  sing N N 180 
LEU CB  CG   sing N N 181 
LEU CB  HB2  sing N N 182 
LEU CB  HB3  sing N N 183 
LEU CG  CD1  sing N N 184 
LEU CG  CD2  sing N N 185 
LEU CG  HG   sing N N 186 
LEU CD1 HD11 sing N N 187 
LEU CD1 HD12 sing N N 188 
LEU CD1 HD13 sing N N 189 
LEU CD2 HD21 sing N N 190 
LEU CD2 HD22 sing N N 191 
LEU CD2 HD23 sing N N 192 
LEU OXT HXT  sing N N 193 
LYS N   CA   sing N N 194 
LYS N   H    sing N N 195 
LYS N   H2   sing N N 196 
LYS CA  C    sing N N 197 
LYS CA  CB   sing N N 198 
LYS CA  HA   sing N N 199 
LYS C   O    doub N N 200 
LYS C   OXT  sing N N 201 
LYS CB  CG   sing N N 202 
LYS CB  HB2  sing N N 203 
LYS CB  HB3  sing N N 204 
LYS CG  CD   sing N N 205 
LYS CG  HG2  sing N N 206 
LYS CG  HG3  sing N N 207 
LYS CD  CE   sing N N 208 
LYS CD  HD2  sing N N 209 
LYS CD  HD3  sing N N 210 
LYS CE  NZ   sing N N 211 
LYS CE  HE2  sing N N 212 
LYS CE  HE3  sing N N 213 
LYS NZ  HZ1  sing N N 214 
LYS NZ  HZ2  sing N N 215 
LYS NZ  HZ3  sing N N 216 
LYS OXT HXT  sing N N 217 
MET N   CA   sing N N 218 
MET N   H    sing N N 219 
MET N   H2   sing N N 220 
MET CA  C    sing N N 221 
MET CA  CB   sing N N 222 
MET CA  HA   sing N N 223 
MET C   O    doub N N 224 
MET C   OXT  sing N N 225 
MET CB  CG   sing N N 226 
MET CB  HB2  sing N N 227 
MET CB  HB3  sing N N 228 
MET CG  SD   sing N N 229 
MET CG  HG2  sing N N 230 
MET CG  HG3  sing N N 231 
MET SD  CE   sing N N 232 
MET CE  HE1  sing N N 233 
MET CE  HE2  sing N N 234 
MET CE  HE3  sing N N 235 
MET OXT HXT  sing N N 236 
PHE N   CA   sing N N 237 
PHE N   H    sing N N 238 
PHE N   H2   sing N N 239 
PHE CA  C    sing N N 240 
PHE CA  CB   sing N N 241 
PHE CA  HA   sing N N 242 
PHE C   O    doub N N 243 
PHE C   OXT  sing N N 244 
PHE CB  CG   sing N N 245 
PHE CB  HB2  sing N N 246 
PHE CB  HB3  sing N N 247 
PHE CG  CD1  doub Y N 248 
PHE CG  CD2  sing Y N 249 
PHE CD1 CE1  sing Y N 250 
PHE CD1 HD1  sing N N 251 
PHE CD2 CE2  doub Y N 252 
PHE CD2 HD2  sing N N 253 
PHE CE1 CZ   doub Y N 254 
PHE CE1 HE1  sing N N 255 
PHE CE2 CZ   sing Y N 256 
PHE CE2 HE2  sing N N 257 
PHE CZ  HZ   sing N N 258 
PHE OXT HXT  sing N N 259 
PRO N   CA   sing N N 260 
PRO N   CD   sing N N 261 
PRO N   H    sing N N 262 
PRO CA  C    sing N N 263 
PRO CA  CB   sing N N 264 
PRO CA  HA   sing N N 265 
PRO C   O    doub N N 266 
PRO C   OXT  sing N N 267 
PRO CB  CG   sing N N 268 
PRO CB  HB2  sing N N 269 
PRO CB  HB3  sing N N 270 
PRO CG  CD   sing N N 271 
PRO CG  HG2  sing N N 272 
PRO CG  HG3  sing N N 273 
PRO CD  HD2  sing N N 274 
PRO CD  HD3  sing N N 275 
PRO OXT HXT  sing N N 276 
SER N   CA   sing N N 277 
SER N   H    sing N N 278 
SER N   H2   sing N N 279 
SER CA  C    sing N N 280 
SER CA  CB   sing N N 281 
SER CA  HA   sing N N 282 
SER C   O    doub N N 283 
SER C   OXT  sing N N 284 
SER CB  OG   sing N N 285 
SER CB  HB2  sing N N 286 
SER CB  HB3  sing N N 287 
SER OG  HG   sing N N 288 
SER OXT HXT  sing N N 289 
THR N   CA   sing N N 290 
THR N   H    sing N N 291 
THR N   H2   sing N N 292 
THR CA  C    sing N N 293 
THR CA  CB   sing N N 294 
THR CA  HA   sing N N 295 
THR C   O    doub N N 296 
THR C   OXT  sing N N 297 
THR CB  OG1  sing N N 298 
THR CB  CG2  sing N N 299 
THR CB  HB   sing N N 300 
THR OG1 HG1  sing N N 301 
THR CG2 HG21 sing N N 302 
THR CG2 HG22 sing N N 303 
THR CG2 HG23 sing N N 304 
THR OXT HXT  sing N N 305 
TRP N   CA   sing N N 306 
TRP N   H    sing N N 307 
TRP N   H2   sing N N 308 
TRP CA  C    sing N N 309 
TRP CA  CB   sing N N 310 
TRP CA  HA   sing N N 311 
TRP C   O    doub N N 312 
TRP C   OXT  sing N N 313 
TRP CB  CG   sing N N 314 
TRP CB  HB2  sing N N 315 
TRP CB  HB3  sing N N 316 
TRP CG  CD1  doub Y N 317 
TRP CG  CD2  sing Y N 318 
TRP CD1 NE1  sing Y N 319 
TRP CD1 HD1  sing N N 320 
TRP CD2 CE2  doub Y N 321 
TRP CD2 CE3  sing Y N 322 
TRP NE1 CE2  sing Y N 323 
TRP NE1 HE1  sing N N 324 
TRP CE2 CZ2  sing Y N 325 
TRP CE3 CZ3  doub Y N 326 
TRP CE3 HE3  sing N N 327 
TRP CZ2 CH2  doub Y N 328 
TRP CZ2 HZ2  sing N N 329 
TRP CZ3 CH2  sing Y N 330 
TRP CZ3 HZ3  sing N N 331 
TRP CH2 HH2  sing N N 332 
TRP OXT HXT  sing N N 333 
TYR N   CA   sing N N 334 
TYR N   H    sing N N 335 
TYR N   H2   sing N N 336 
TYR CA  C    sing N N 337 
TYR CA  CB   sing N N 338 
TYR CA  HA   sing N N 339 
TYR C   O    doub N N 340 
TYR C   OXT  sing N N 341 
TYR CB  CG   sing N N 342 
TYR CB  HB2  sing N N 343 
TYR CB  HB3  sing N N 344 
TYR CG  CD1  doub Y N 345 
TYR CG  CD2  sing Y N 346 
TYR CD1 CE1  sing Y N 347 
TYR CD1 HD1  sing N N 348 
TYR CD2 CE2  doub Y N 349 
TYR CD2 HD2  sing N N 350 
TYR CE1 CZ   doub Y N 351 
TYR CE1 HE1  sing N N 352 
TYR CE2 CZ   sing Y N 353 
TYR CE2 HE2  sing N N 354 
TYR CZ  OH   sing N N 355 
TYR OH  HH   sing N N 356 
TYR OXT HXT  sing N N 357 
VAL N   CA   sing N N 358 
VAL N   H    sing N N 359 
VAL N   H2   sing N N 360 
VAL CA  C    sing N N 361 
VAL CA  CB   sing N N 362 
VAL CA  HA   sing N N 363 
VAL C   O    doub N N 364 
VAL C   OXT  sing N N 365 
VAL CB  CG1  sing N N 366 
VAL CB  CG2  sing N N 367 
VAL CB  HB   sing N N 368 
VAL CG1 HG11 sing N N 369 
VAL CG1 HG12 sing N N 370 
VAL CG1 HG13 sing N N 371 
VAL CG2 HG21 sing N N 372 
VAL CG2 HG22 sing N N 373 
VAL CG2 HG23 sing N N 374 
VAL OXT HXT  sing N N 375 
# 
_atom_sites.entry_id                    4PQD 
_atom_sites.fract_transf_matrix[1][1]   -0.00806998 
_atom_sites.fract_transf_matrix[1][2]   -0.02899719 
_atom_sites.fract_transf_matrix[1][3]   -0.00511070 
_atom_sites.fract_transf_matrix[2][1]   0.01808702 
_atom_sites.fract_transf_matrix[2][2]   -0.00627453 
_atom_sites.fract_transf_matrix[2][3]   0.00704049 
_atom_sites.fract_transf_matrix[3][1]   -0.00582294 
_atom_sites.fract_transf_matrix[3][2]   -0.00087806 
_atom_sites.fract_transf_matrix[3][3]   0.01417659 
_atom_sites.fract_transf_vector[1]      0.838303 
_atom_sites.fract_transf_vector[2]      0.292219 
_atom_sites.fract_transf_vector[3]      0.274488 
# 
loop_
_atom_type.symbol 
C 
N 
O 
S 
# 
loop_
_atom_site.group_PDB 
_atom_site.id 
_atom_site.type_symbol 
_atom_site.label_atom_id 
_atom_site.label_alt_id 
_atom_site.label_comp_id 
_atom_site.label_asym_id 
_atom_site.label_entity_id 
_atom_site.label_seq_id 
_atom_site.pdbx_PDB_ins_code 
_atom_site.Cartn_x 
_atom_site.Cartn_y 
_atom_site.Cartn_z 
_atom_site.occupancy 
_atom_site.B_iso_or_equiv 
_atom_site.pdbx_formal_charge 
_atom_site.auth_seq_id 
_atom_site.auth_comp_id 
_atom_site.auth_asym_id 
_atom_site.auth_atom_id 
_atom_site.pdbx_PDB_model_num 
ATOM   1   N N   . THR A 1 1   ? -15.815 -17.520 -20.055 1.00 66.22 ? 22  THR A N   1 
ATOM   2   C CA  . THR A 1 1   ? -15.538 -16.245 -19.406 1.00 62.34 ? 22  THR A CA  1 
ATOM   3   C C   . THR A 1 1   ? -14.731 -16.463 -18.138 1.00 58.08 ? 22  THR A C   1 
ATOM   4   O O   . THR A 1 1   ? -14.394 -15.512 -17.432 1.00 57.16 ? 22  THR A O   1 
ATOM   5   C CB  . THR A 1 1   ? -16.845 -15.522 -19.031 1.00 65.00 ? 22  THR A CB  1 
ATOM   6   O OG1 . THR A 1 1   ? -17.559 -16.293 -18.055 1.00 69.28 ? 22  THR A OG1 1 
ATOM   7   C CG2 . THR A 1 1   ? -17.717 -15.354 -20.248 1.00 69.17 ? 22  THR A CG2 1 
ATOM   8   N N   . ASP A 1 2   ? -14.399 -17.724 -17.878 1.00 59.67 ? 23  ASP A N   1 
ATOM   9   C CA  . ASP A 1 2   ? -14.005 -18.163 -16.541 1.00 52.48 ? 23  ASP A CA  1 
ATOM   10  C C   . ASP A 1 2   ? -12.850 -17.410 -15.886 1.00 48.49 ? 23  ASP A C   1 
ATOM   11  O O   . ASP A 1 2   ? -11.844 -17.071 -16.517 1.00 52.89 ? 23  ASP A O   1 
ATOM   12  C CB  . ASP A 1 2   ? -13.841 -19.680 -16.485 1.00 56.14 ? 23  ASP A CB  1 
ATOM   13  C CG  . ASP A 1 2   ? -15.165 -20.400 -16.671 1.00 61.92 ? 23  ASP A CG  1 
ATOM   14  O OD1 . ASP A 1 2   ? -16.219 -19.755 -16.477 1.00 65.49 ? 23  ASP A OD1 1 
ATOM   15  O OD2 . ASP A 1 2   ? -15.156 -21.599 -17.012 1.00 66.19 ? 23  ASP A OD2 1 
ATOM   16  N N   . GLY A 1 3   ? -13.028 -17.160 -14.597 1.00 38.92 ? 24  GLY A N   1 
ATOM   17  C CA  . GLY A 1 3   ? -12.336 -16.083 -13.935 1.00 26.85 ? 24  GLY A CA  1 
ATOM   18  C C   . GLY A 1 3   ? -10.912 -16.311 -13.499 1.00 23.80 ? 24  GLY A C   1 
ATOM   19  O O   . GLY A 1 3   ? -10.380 -17.423 -13.502 1.00 24.16 ? 24  GLY A O   1 
ATOM   20  N N   . ASN A 1 4   ? -10.291 -15.209 -13.128 1.00 21.29 ? 25  ASN A N   1 
ATOM   21  C CA  . ASN A 1 4   ? -8.978  -15.236 -12.537 1.00 18.82 ? 25  ASN A CA  1 
ATOM   22  C C   . ASN A 1 4   ? -8.853  -14.000 -11.662 1.00 16.89 ? 25  ASN A C   1 
ATOM   23  O O   . ASN A 1 4   ? -8.321  -12.981 -12.085 1.00 16.60 ? 25  ASN A O   1 
ATOM   24  C CB  . ASN A 1 4   ? -7.903  -15.255 -13.620 1.00 19.35 ? 25  ASN A CB  1 
ATOM   25  C CG  . ASN A 1 4   ? -6.549  -15.616 -13.068 1.00 17.78 ? 25  ASN A CG  1 
ATOM   26  O OD1 . ASN A 1 4   ? -6.327  -15.546 -11.856 1.00 16.09 ? 25  ASN A OD1 1 
ATOM   27  N ND2 . ASN A 1 4   ? -5.633  -15.995 -13.948 1.00 18.84 ? 25  ASN A ND2 1 
ATOM   28  N N   . ALA A 1 5   ? -9.369  -14.095 -10.442 1.00 16.12 ? 26  ALA A N   1 
ATOM   29  C CA  . ALA A 1 5   ? -9.264  -13.003 -9.478  1.00 14.87 ? 26  ALA A CA  1 
ATOM   30  C C   . ALA A 1 5   ? -7.803  -12.733 -9.130  1.00 13.57 ? 26  ALA A C   1 
ATOM   31  O O   . ALA A 1 5   ? -7.450  -11.625 -8.724  1.00 13.96 ? 26  ALA A O   1 
ATOM   32  C CB  . ALA A 1 5   ? -10.060 -13.329 -8.224  1.00 14.85 ? 26  ALA A CB  1 
ATOM   33  N N   . GLY A 1 6   ? -6.958  -13.748 -9.307  1.00 13.40 ? 27  GLY A N   1 
ATOM   34  C CA  . GLY A 1 6   ? -5.536  -13.617 -9.048  1.00 13.39 ? 27  GLY A CA  1 
ATOM   35  C C   . GLY A 1 6   ? -4.809  -12.675 -9.986  1.00 13.44 ? 27  GLY A C   1 
ATOM   36  O O   . GLY A 1 6   ? -3.649  -12.346 -9.740  1.00 14.35 ? 27  GLY A O   1 
ATOM   37  N N   . LEU A 1 7   ? -5.467  -12.237 -11.062 1.00 14.25 ? 28  LEU A N   1 
ATOM   38  C CA  . LEU A 1 7   ? -4.902  -11.200 -11.920 1.00 15.16 ? 28  LEU A CA  1 
ATOM   39  C C   . LEU A 1 7   ? -4.876  -9.852  -11.197 1.00 15.10 ? 28  LEU A C   1 
ATOM   40  O O   . LEU A 1 7   ? -4.196  -8.924  -11.630 1.00 16.79 ? 28  LEU A O   1 
ATOM   41  C CB  . LEU A 1 7   ? -5.690  -11.085 -13.228 1.00 16.61 ? 28  LEU A CB  1 
ATOM   42  C CG  . LEU A 1 7   ? -5.652  -12.324 -14.119 1.00 17.67 ? 28  LEU A CG  1 
ATOM   43  C CD1 . LEU A 1 7   ? -6.581  -12.159 -15.320 1.00 21.15 ? 28  LEU A CD1 1 
ATOM   44  C CD2 . LEU A 1 7   ? -4.220  -12.592 -14.557 1.00 21.49 ? 28  LEU A CD2 1 
ATOM   45  N N   . LEU A 1 8   ? -5.647  -9.741  -10.115 1.00 10.59 ? 29  LEU A N   1 
ATOM   46  C CA  . LEU A 1 8   ? -5.626  -8.567  -9.246  1.00 9.59  ? 29  LEU A CA  1 
ATOM   47  C C   . LEU A 1 8   ? -4.623  -8.788  -8.131  1.00 10.70 ? 29  LEU A C   1 
ATOM   48  O O   . LEU A 1 8   ? -4.631  -9.841  -7.484  1.00 12.88 ? 29  LEU A O   1 
ATOM   49  C CB  . LEU A 1 8   ? -7.010  -8.334  -8.632  1.00 11.06 ? 29  LEU A CB  1 
ATOM   50  C CG  . LEU A 1 8   ? -8.147  -8.116  -9.628  1.00 12.72 ? 29  LEU A CG  1 
ATOM   51  C CD1 . LEU A 1 8   ? -9.509  -8.062  -8.922  1.00 20.73 ? 29  LEU A CD1 1 
ATOM   52  C CD2 . LEU A 1 8   ? -7.888  -6.845  -10.436 1.00 20.29 ? 29  LEU A CD2 1 
ATOM   53  N N   . ALA A 1 9   ? -3.751  -7.815  -7.901  1.00 10.15 ? 30  ALA A N   1 
ATOM   54  C CA  . ALA A 1 9   ? -2.779  -7.917  -6.812  1.00 10.44 ? 30  ALA A CA  1 
ATOM   55  C C   . ALA A 1 9   ? -3.422  -7.537  -5.475  1.00 10.21 ? 30  ALA A C   1 
ATOM   56  O O   . ALA A 1 9   ? -4.437  -6.834  -5.447  1.00 11.88 ? 30  ALA A O   1 
ATOM   57  C CB  . ALA A 1 9   ? -1.558  -7.049  -7.094  1.00 14.09 ? 30  ALA A CB  1 
ATOM   58  N N   . GLU A 1 10  ? -2.847  -8.001  -4.372  1.00 10.86 ? 31  GLU A N   1 
ATOM   59  C CA  . GLU A 1 10  ? -3.387  -7.689  -3.050  1.00 12.42 ? 31  GLU A CA  1 
ATOM   60  C C   . GLU A 1 10  ? -3.065  -6.254  -2.630  1.00 9.06  ? 31  GLU A C   1 
ATOM   61  O O   . GLU A 1 10  ? -1.940  -5.783  -2.828  1.00 8.84  ? 31  GLU A O   1 
ATOM   62  C CB  . GLU A 1 10  ? -2.834  -8.661  -2.001  1.00 15.04 ? 31  GLU A CB  1 
ATOM   63  C CG  . GLU A 1 10  ? -3.074  -10.133 -2.329  1.00 21.92 ? 31  GLU A CG  1 
ATOM   64  C CD  . GLU A 1 10  ? -2.480  -11.058 -1.284  1.00 32.64 ? 31  GLU A CD  1 
ATOM   65  O OE1 . GLU A 1 10  ? -2.153  -10.575 -0.177  1.00 35.34 ? 31  GLU A OE1 1 
ATOM   66  O OE2 . GLU A 1 10  ? -2.328  -12.266 -1.574  1.00 42.63 ? 31  GLU A OE2 1 
ATOM   67  N N   . PRO A 1 11  ? -4.040  -5.553  -2.027  1.00 8.34  ? 32  PRO A N   1 
ATOM   68  C CA  . PRO A 1 11  ? -3.767  -4.184  -1.559  1.00 8.38  ? 32  PRO A CA  1 
ATOM   69  C C   . PRO A 1 11  ? -2.785  -4.169  -0.386  1.00 6.71  ? 32  PRO A C   1 
ATOM   70  O O   . PRO A 1 11  ? -2.935  -4.917  0.565   1.00 8.23  ? 32  PRO A O   1 
ATOM   71  C CB  . PRO A 1 11  ? -5.148  -3.668  -1.125  1.00 10.36 ? 32  PRO A CB  1 
ATOM   72  C CG  . PRO A 1 11  ? -5.909  -4.886  -0.785  1.00 11.18 ? 32  PRO A CG  1 
ATOM   73  C CD  . PRO A 1 11  ? -5.432  -5.951  -1.765  1.00 9.71  ? 32  PRO A CD  1 
ATOM   74  N N   . GLN A 1 12  ? -1.764  -3.328  -0.494  1.00 7.77  ? 33  GLN A N   1 
ATOM   75  C CA  . GLN A 1 12  ? -0.730  -3.246  0.525   1.00 8.48  ? 33  GLN A CA  1 
ATOM   76  C C   . GLN A 1 12  ? 0.013   -1.942  0.392   1.00 7.38  ? 33  GLN A C   1 
ATOM   77  O O   . GLN A 1 12  ? 0.037   -1.342  -0.684  1.00 7.95  ? 33  GLN A O   1 
ATOM   78  C CB  . GLN A 1 12  ? 0.232   -4.430  0.436   1.00 16.45 ? 33  GLN A CB  1 
ATOM   79  C CG  . GLN A 1 12  ? 0.761   -4.721  -0.930  1.00 17.16 ? 33  GLN A CG  1 
ATOM   80  C CD  . GLN A 1 12  ? 1.257   -6.155  -1.062  1.00 15.49 ? 33  GLN A CD  1 
ATOM   81  O OE1 . GLN A 1 12  ? 2.112   -6.612  -0.293  1.00 15.83 ? 33  GLN A OE1 1 
ATOM   82  N NE2 . GLN A 1 12  ? 0.735   -6.864  -2.055  1.00 14.86 ? 33  GLN A NE2 1 
ATOM   83  N N   . ILE A 1 13  ? 0.614   -1.509  1.497   1.00 6.97  ? 34  ILE A N   1 
ATOM   84  C CA  . ILE A 1 13  ? 1.412   -0.295  1.503   1.00 7.64  ? 34  ILE A CA  1 
ATOM   85  C C   . ILE A 1 13  ? 2.814   -0.613  2.001   1.00 6.45  ? 34  ILE A C   1 
ATOM   86  O O   . ILE A 1 13  ? 3.024   -1.601  2.709   1.00 7.32  ? 34  ILE A O   1 
ATOM   87  C CB  . ILE A 1 13  ? 0.729   0.855   2.299   1.00 7.46  ? 34  ILE A CB  1 
ATOM   88  C CG1 . ILE A 1 13  ? 0.629   0.532   3.788   1.00 8.87  ? 34  ILE A CG1 1 
ATOM   89  C CG2 . ILE A 1 13  ? -0.656  1.166   1.698   1.00 9.96  ? 34  ILE A CG2 1 
ATOM   90  C CD1 . ILE A 1 13  ? 1.832   0.990   4.622   1.00 9.79  ? 34  ILE A CD1 1 
ATOM   91  N N   . ALA A 1 14  ? 3.768   0.230   1.626   1.00 6.91  ? 35  ALA A N   1 
ATOM   92  C CA  . ALA A 1 14  ? 5.158   0.035   2.013   1.00 6.68  ? 35  ALA A CA  1 
ATOM   93  C C   . ALA A 1 14  ? 5.783   1.386   2.286   1.00 5.72  ? 35  ALA A C   1 
ATOM   94  O O   . ALA A 1 14  ? 5.490   2.361   1.599   1.00 7.35  ? 35  ALA A O   1 
ATOM   95  C CB  . ALA A 1 14  ? 5.900   -0.677  0.924   1.00 8.49  ? 35  ALA A CB  1 
ATOM   96  N N   . MET A 1 15  ? 6.627   1.448   3.306   1.00 6.75  ? 36  MET A N   1 
ATOM   97  C CA  . MET A 1 15  ? 7.177   2.716   3.767   1.00 7.79  ? 36  MET A CA  1 
ATOM   98  C C   . MET A 1 15  ? 8.672   2.676   3.941   1.00 7.47  ? 36  MET A C   1 
ATOM   99  O O   . MET A 1 15  ? 9.241   1.656   4.328   1.00 8.78  ? 36  MET A O   1 
ATOM   100 C CB  . MET A 1 15  ? 6.516   3.112   5.087   1.00 7.20  ? 36  MET A CB  1 
ATOM   101 C CG  . MET A 1 15  ? 4.991   3.190   4.970   1.00 8.68  ? 36  MET A CG  1 
ATOM   102 S SD  . MET A 1 15  ? 4.116   3.595   6.496   1.00 10.03 ? 36  MET A SD  1 
ATOM   103 C CE  . MET A 1 15  ? 4.349   2.078   7.399   1.00 12.53 ? 36  MET A CE  1 
ATOM   104 N N   . PHE A 1 16  ? 9.305   3.805   3.652   1.00 8.47  ? 37  PHE A N   1 
ATOM   105 C CA  . PHE A 1 16  ? 10.731  3.969   3.831   1.00 9.64  ? 37  PHE A CA  1 
ATOM   106 C C   . PHE A 1 16  ? 10.935  5.438   4.162   1.00 9.69  ? 37  PHE A C   1 
ATOM   107 O O   . PHE A 1 16  ? 10.724  6.306   3.305   1.00 10.67 ? 37  PHE A O   1 
ATOM   108 C CB  . PHE A 1 16  ? 11.492  3.571   2.560   1.00 10.74 ? 37  PHE A CB  1 
ATOM   109 C CG  . PHE A 1 16  ? 12.973  3.503   2.755   1.00 12.42 ? 37  PHE A CG  1 
ATOM   110 C CD1 . PHE A 1 16  ? 13.582  2.329   3.182   1.00 12.13 ? 37  PHE A CD1 1 
ATOM   111 C CD2 . PHE A 1 16  ? 13.760  4.621   2.542   1.00 15.54 ? 37  PHE A CD2 1 
ATOM   112 C CE1 . PHE A 1 16  ? 14.937  2.267   3.374   1.00 14.42 ? 37  PHE A CE1 1 
ATOM   113 C CE2 . PHE A 1 16  ? 15.126  4.568   2.733   1.00 20.04 ? 37  PHE A CE2 1 
ATOM   114 C CZ  . PHE A 1 16  ? 15.718  3.392   3.157   1.00 15.61 ? 37  PHE A CZ  1 
ATOM   115 N N   . CYS A 1 17  ? 11.300  5.730   5.405   1.00 10.95 ? 38  CYS A N   1 
ATOM   116 C CA  . CYS A 1 17  ? 11.380  7.122   5.838   1.00 11.87 ? 38  CYS A CA  1 
ATOM   117 C C   . CYS A 1 17  ? 12.360  7.914   4.971   1.00 12.13 ? 38  CYS A C   1 
ATOM   118 O O   . CYS A 1 17  ? 13.429  7.426   4.613   1.00 16.20 ? 38  CYS A O   1 
ATOM   119 C CB  . CYS A 1 17  ? 11.723  7.215   7.325   1.00 11.65 ? 38  CYS A CB  1 
ATOM   120 S SG  . CYS A 1 17  ? 10.406  6.590   8.414   1.00 14.82 ? 38  CYS A SG  1 
ATOM   121 N N   . GLY A 1 18  ? 11.964  9.129   4.607   1.00 12.90 ? 39  GLY A N   1 
ATOM   122 C CA  . GLY A 1 18  ? 12.741  9.947   3.695   1.00 15.02 ? 39  GLY A CA  1 
ATOM   123 C C   . GLY A 1 18  ? 12.172  9.934   2.285   1.00 13.55 ? 39  GLY A C   1 
ATOM   124 O O   . GLY A 1 18  ? 12.604  10.726  1.443   1.00 15.91 ? 39  GLY A O   1 
ATOM   125 N N   . ARG A 1 19  ? 11.222  9.037   2.024   1.00 11.93 ? 40  ARG A N   1 
ATOM   126 C CA  . ARG A 1 19  ? 10.583  8.920   0.713   1.00 11.49 ? 40  ARG A CA  1 
ATOM   127 C C   . ARG A 1 19  ? 9.072   8.807   0.860   1.00 10.21 ? 40  ARG A C   1 
ATOM   128 O O   . ARG A 1 19  ? 8.564   8.448   1.917   1.00 9.93  ? 40  ARG A O   1 
ATOM   129 C CB  . ARG A 1 19  ? 11.071  7.666   -0.015  1.00 12.77 ? 40  ARG A CB  1 
ATOM   130 C CG  . ARG A 1 19  ? 12.571  7.598   -0.229  1.00 16.88 ? 40  ARG A CG  1 
ATOM   131 C CD  . ARG A 1 19  ? 13.012  8.421   -1.430  1.00 21.74 ? 40  ARG A CD  1 
ATOM   132 N NE  . ARG A 1 19  ? 13.605  9.702   -1.057  1.00 40.71 ? 40  ARG A NE  1 
ATOM   133 C CZ  . ARG A 1 19  ? 14.807  9.843   -0.504  1.00 40.53 ? 40  ARG A CZ  1 
ATOM   134 N NH1 . ARG A 1 19  ? 15.554  8.779   -0.233  1.00 44.78 ? 40  ARG A NH1 1 
ATOM   135 N NH2 . ARG A 1 19  ? 15.260  11.051  -0.204  1.00 44.47 ? 40  ARG A NH2 1 
ATOM   136 N N   . LEU A 1 20  ? 8.346   9.096   -0.214  1.00 10.14 ? 41  LEU A N   1 
ATOM   137 C CA  . LEU A 1 20  ? 6.899   8.922   -0.206  1.00 9.28  ? 41  LEU A CA  1 
ATOM   138 C C   . LEU A 1 20  ? 6.530   7.458   -0.059  1.00 8.23  ? 41  LEU A C   1 
ATOM   139 O O   . LEU A 1 20  ? 7.230   6.574   -0.569  1.00 9.36  ? 41  LEU A O   1 
ATOM   140 C CB  . LEU A 1 20  ? 6.303   9.456   -1.506  1.00 9.61  ? 41  LEU A CB  1 
ATOM   141 C CG  . LEU A 1 20  ? 6.411   10.959  -1.749  1.00 11.34 ? 41  LEU A CG  1 
ATOM   142 C CD1 . LEU A 1 20  ? 5.677   11.345  -3.021  1.00 13.65 ? 41  LEU A CD1 1 
ATOM   143 C CD2 . LEU A 1 20  ? 5.845   11.732  -0.573  1.00 13.24 ? 41  LEU A CD2 1 
ATOM   144 N N   . ASN A 1 21  ? 5.429   7.200   0.634   1.00 7.54  ? 42  ASN A N   1 
ATOM   145 C CA  . ASN A 1 21  ? 4.906   5.839   0.751   1.00 8.11  ? 42  ASN A CA  1 
ATOM   146 C C   . ASN A 1 21  ? 4.577   5.230   -0.607  1.00 8.06  ? 42  ASN A C   1 
ATOM   147 O O   . ASN A 1 21  ? 4.138   5.938   -1.528  1.00 9.08  ? 42  ASN A O   1 
ATOM   148 C CB  . ASN A 1 21  ? 3.631   5.824   1.591   1.00 7.39  ? 42  ASN A CB  1 
ATOM   149 C CG  . ASN A 1 21  ? 3.850   6.308   3.003   1.00 8.28  ? 42  ASN A CG  1 
ATOM   150 O OD1 . ASN A 1 21  ? 4.972   6.265   3.520   1.00 9.55  ? 42  ASN A OD1 1 
ATOM   151 N ND2 . ASN A 1 21  ? 2.781   6.756   3.643   1.00 8.58  ? 42  ASN A ND2 1 
ATOM   152 N N   . MET A 1 22  ? 4.747   3.915   -0.709  1.00 7.91  ? 43  MET A N   1 
ATOM   153 C CA  . MET A 1 22  ? 4.360   3.160   -1.894  1.00 7.81  ? 43  MET A CA  1 
ATOM   154 C C   . MET A 1 22  ? 3.141   2.300   -1.603  1.00 7.17  ? 43  MET A C   1 
ATOM   155 O O   . MET A 1 22  ? 2.841   1.992   -0.453  1.00 7.74  ? 43  MET A O   1 
ATOM   156 C CB  . MET A 1 22  ? 5.526   2.281   -2.379  1.00 9.73  ? 43  MET A CB  1 
ATOM   157 C CG  . MET A 1 22  ? 6.789   3.061   -2.711  1.00 9.49  ? 43  MET A CG  1 
ATOM   158 S SD  . MET A 1 22  ? 6.650   3.992   -4.236  1.00 13.13 ? 43  MET A SD  1 
ATOM   159 C CE  . MET A 1 22  ? 7.595   2.993   -5.390  1.00 13.02 ? 43  MET A CE  1 
ATOM   160 N N   . HIS A 1 23  ? 2.431   1.915   -2.649  1.00 7.85  ? 44  HIS A N   1 
ATOM   161 C CA  . HIS A 1 23  ? 1.295   1.019   -2.500  1.00 8.33  ? 44  HIS A CA  1 
ATOM   162 C C   . HIS A 1 23  ? 1.165   0.156   -3.740  1.00 7.89  ? 44  HIS A C   1 
ATOM   163 O O   . HIS A 1 23  ? 1.629   0.523   -4.826  1.00 9.06  ? 44  HIS A O   1 
ATOM   164 C CB  . HIS A 1 23  ? 0.000   1.795   -2.282  1.00 9.18  ? 44  HIS A CB  1 
ATOM   165 C CG  . HIS A 1 23  ? -0.469  2.520   -3.502  1.00 8.47  ? 44  HIS A CG  1 
ATOM   166 N ND1 . HIS A 1 23  ? -0.018  3.777   -3.836  1.00 9.52  ? 44  HIS A ND1 1 
ATOM   167 C CD2 . HIS A 1 23  ? -1.332  2.153   -4.480  1.00 11.99 ? 44  HIS A CD2 1 
ATOM   168 C CE1 . HIS A 1 23  ? -0.588  4.157   -4.968  1.00 13.06 ? 44  HIS A CE1 1 
ATOM   169 N NE2 . HIS A 1 23  ? -1.391  3.192   -5.376  1.00 13.12 ? 44  HIS A NE2 1 
ATOM   170 N N   . MET A 1 24  ? 0.535   -0.999  -3.580  1.00 7.48  ? 45  MET A N   1 
ATOM   171 C CA  . MET A 1 24  ? 0.333   -1.911  -4.684  1.00 7.64  ? 45  MET A CA  1 
ATOM   172 C C   . MET A 1 24  ? -0.819  -1.461  -5.577  1.00 8.22  ? 45  MET A C   1 
ATOM   173 O O   . MET A 1 24  ? -1.954  -1.289  -5.127  1.00 8.26  ? 45  MET A O   1 
ATOM   174 C CB  . MET A 1 24  ? 0.072   -3.319  -4.149  1.00 8.05  ? 45  MET A CB  1 
ATOM   175 C CG  . MET A 1 24  ? -0.181  -4.360  -5.230  1.00 8.24  ? 45  MET A CG  1 
ATOM   176 S SD  . MET A 1 24  ? 1.116   -4.469  -6.485  1.00 9.86  ? 45  MET A SD  1 
ATOM   177 C CE  . MET A 1 24  ? 2.542   -4.856  -5.466  1.00 14.08 ? 45  MET A CE  1 
ATOM   178 N N   . ASN A 1 25  ? -0.528  -1.273  -6.855  1.00 7.49  ? 46  ASN A N   1 
ATOM   179 C CA  . ASN A 1 25  ? -1.564  -1.040  -7.846  1.00 9.03  ? 46  ASN A CA  1 
ATOM   180 C C   . ASN A 1 25  ? -2.239  -2.375  -8.115  1.00 9.69  ? 46  ASN A C   1 
ATOM   181 O O   . ASN A 1 25  ? -1.644  -3.279  -8.707  1.00 10.72 ? 46  ASN A O   1 
ATOM   182 C CB  . ASN A 1 25  ? -0.938  -0.457  -9.114  1.00 11.60 ? 46  ASN A CB  1 
ATOM   183 C CG  . ASN A 1 25  ? -1.967  -0.097  -10.178 1.00 12.58 ? 46  ASN A CG  1 
ATOM   184 O OD1 . ASN A 1 25  ? -2.911  -0.844  -10.446 1.00 13.71 ? 46  ASN A OD1 1 
ATOM   185 N ND2 . ASN A 1 25  ? -1.774  1.055   -10.808 1.00 15.55 ? 46  ASN A ND2 1 
ATOM   186 N N   . VAL A 1 26  ? -3.476  -2.498  -7.640  1.00 10.26 ? 47  VAL A N   1 
ATOM   187 C CA  . VAL A 1 26  ? -4.238  -3.739  -7.742  1.00 12.46 ? 47  VAL A CA  1 
ATOM   188 C C   . VAL A 1 26  ? -4.386  -4.203  -9.188  1.00 11.59 ? 47  VAL A C   1 
ATOM   189 O O   . VAL A 1 26  ? -4.285  -5.400  -9.487  1.00 12.56 ? 47  VAL A O   1 
ATOM   190 C CB  . VAL A 1 26  ? -5.637  -3.567  -7.074  1.00 13.19 ? 47  VAL A CB  1 
ATOM   191 C CG1 . VAL A 1 26  ? -6.550  -4.735  -7.373  1.00 17.03 ? 47  VAL A CG1 1 
ATOM   192 C CG2 . VAL A 1 26  ? -5.495  -3.369  -5.563  1.00 15.76 ? 47  VAL A CG2 1 
ATOM   193 N N   . GLN A 1 27  ? -4.606  -3.256  -10.094 1.00 13.10 ? 48  GLN A N   1 
ATOM   194 C CA  . GLN A 1 27  ? -4.867  -3.597  -11.491 1.00 13.88 ? 48  GLN A CA  1 
ATOM   195 C C   . GLN A 1 27  ? -3.646  -4.086  -12.269 1.00 13.93 ? 48  GLN A C   1 
ATOM   196 O O   . GLN A 1 27  ? -3.768  -4.978  -13.101 1.00 16.96 ? 48  GLN A O   1 
ATOM   197 C CB  . GLN A 1 27  ? -5.512  -2.415  -12.227 1.00 16.90 ? 48  GLN A CB  1 
ATOM   198 C CG  . GLN A 1 27  ? -5.957  -2.741  -13.652 1.00 21.89 ? 48  GLN A CG  1 
ATOM   199 C CD  . GLN A 1 27  ? -7.075  -1.837  -14.131 1.00 38.67 ? 48  GLN A CD  1 
ATOM   200 O OE1 . GLN A 1 27  ? -7.603  -1.028  -13.367 1.00 39.52 ? 48  GLN A OE1 1 
ATOM   201 N NE2 . GLN A 1 27  ? -7.448  -1.974  -15.400 1.00 43.23 ? 48  GLN A NE2 1 
ATOM   202 N N   . ASN A 1 28  ? -2.475  -3.508  -12.007 1.00 15.19 ? 49  ASN A N   1 
ATOM   203 C CA  . ASN A 1 28  ? -1.302  -3.855  -12.820 1.00 17.58 ? 49  ASN A CA  1 
ATOM   204 C C   . ASN A 1 28  ? -0.137  -4.507  -12.063 1.00 18.49 ? 49  ASN A C   1 
ATOM   205 O O   . ASN A 1 28  ? 0.861   -4.884  -12.673 1.00 18.58 ? 49  ASN A O   1 
ATOM   206 C CB  . ASN A 1 28  ? -0.819  -2.660  -13.668 1.00 19.38 ? 49  ASN A CB  1 
ATOM   207 C CG  . ASN A 1 28  ? -0.152  -1.568  -12.839 1.00 16.56 ? 49  ASN A CG  1 
ATOM   208 O OD1 . ASN A 1 28  ? 0.176   -1.758  -11.674 1.00 15.76 ? 49  ASN A OD1 1 
ATOM   209 N ND2 . ASN A 1 28  ? 0.064   -0.412  -13.458 1.00 22.37 ? 49  ASN A ND2 1 
ATOM   210 N N   . GLY A 1 29  ? -0.263  -4.623  -10.744 1.00 14.02 ? 50  GLY A N   1 
ATOM   211 C CA  . GLY A 1 29  ? 0.723   -5.310  -9.930  1.00 13.12 ? 50  GLY A CA  1 
ATOM   212 C C   . GLY A 1 29  ? 2.013   -4.555  -9.653  1.00 15.04 ? 50  GLY A C   1 
ATOM   213 O O   . GLY A 1 29  ? 2.967   -5.131  -9.125  1.00 15.60 ? 50  GLY A O   1 
ATOM   214 N N   . LYS A 1 30  ? 2.047   -3.267  -9.985  1.00 12.73 ? 51  LYS A N   1 
ATOM   215 C CA  . LYS A 1 30  ? 3.245   -2.449  -9.779  1.00 14.25 ? 51  LYS A CA  1 
ATOM   216 C C   . LYS A 1 30  ? 3.131   -1.653  -8.496  1.00 13.06 ? 51  LYS A C   1 
ATOM   217 O O   . LYS A 1 30  ? 2.035   -1.291  -8.075  1.00 10.87 ? 51  LYS A O   1 
ATOM   218 C CB  . LYS A 1 30  ? 3.424   -1.451  -10.921 1.00 14.65 ? 51  LYS A CB  1 
ATOM   219 C CG  . LYS A 1 30  ? 3.538   -2.067  -12.298 1.00 25.92 ? 51  LYS A CG  1 
ATOM   220 C CD  . LYS A 1 30  ? 4.729   -2.998  -12.402 1.00 33.72 ? 51  LYS A CD  1 
ATOM   221 C CE  . LYS A 1 30  ? 5.061   -3.266  -13.861 1.00 37.65 ? 51  LYS A CE  1 
ATOM   222 N NZ  . LYS A 1 30  ? 5.965   -4.439  -14.034 1.00 43.00 ? 51  LYS A NZ  1 
ATOM   223 N N   . TRP A 1 31  ? 4.269   -1.359  -7.882  1.00 10.54 ? 52  TRP A N   1 
ATOM   224 C CA  . TRP A 1 31  ? 4.300   -0.449  -6.753  1.00 10.69 ? 52  TRP A CA  1 
ATOM   225 C C   . TRP A 1 31  ? 4.299   0.998   -7.227  1.00 11.45 ? 52  TRP A C   1 
ATOM   226 O O   . TRP A 1 31  ? 5.213   1.427   -7.938  1.00 15.17 ? 52  TRP A O   1 
ATOM   227 C CB  . TRP A 1 31  ? 5.540   -0.704  -5.900  1.00 11.07 ? 52  TRP A CB  1 
ATOM   228 C CG  . TRP A 1 31  ? 5.521   -2.015  -5.171  1.00 9.54  ? 52  TRP A CG  1 
ATOM   229 C CD1 . TRP A 1 31  ? 6.103   -3.174  -5.563  1.00 10.84 ? 52  TRP A CD1 1 
ATOM   230 C CD2 . TRP A 1 31  ? 4.893   -2.280  -3.909  1.00 8.51  ? 52  TRP A CD2 1 
ATOM   231 N NE1 . TRP A 1 31  ? 5.882   -4.161  -4.625  1.00 10.50 ? 52  TRP A NE1 1 
ATOM   232 C CE2 . TRP A 1 31  ? 5.149   -3.630  -3.593  1.00 9.02  ? 52  TRP A CE2 1 
ATOM   233 C CE3 . TRP A 1 31  ? 4.154   -1.501  -3.010  1.00 8.19  ? 52  TRP A CE3 1 
ATOM   234 C CZ2 . TRP A 1 31  ? 4.677   -4.228  -2.424  1.00 10.24 ? 52  TRP A CZ2 1 
ATOM   235 C CZ3 . TRP A 1 31  ? 3.683   -2.094  -1.851  1.00 8.54  ? 52  TRP A CZ3 1 
ATOM   236 C CH2 . TRP A 1 31  ? 3.950   -3.441  -1.566  1.00 9.31  ? 52  TRP A CH2 1 
ATOM   237 N N   . ASP A 1 32  ? 3.262   1.735   -6.847  1.00 10.82 ? 53  ASP A N   1 
ATOM   238 C CA  . ASP A 1 32  ? 3.112   3.142   -7.204  1.00 11.94 ? 53  ASP A CA  1 
ATOM   239 C C   . ASP A 1 32  ? 3.355   4.039   -5.999  1.00 10.15 ? 53  ASP A C   1 
ATOM   240 O O   . ASP A 1 32  ? 3.089   3.645   -4.868  1.00 10.03 ? 53  ASP A O   1 
ATOM   241 C CB  . ASP A 1 32  ? 1.690   3.414   -7.701  1.00 11.81 ? 53  ASP A CB  1 
ATOM   242 C CG  . ASP A 1 32  ? 1.413   2.840   -9.066  1.00 13.53 ? 53  ASP A CG  1 
ATOM   243 O OD1 . ASP A 1 32  ? 2.357   2.430   -9.780  1.00 17.25 ? 53  ASP A OD1 1 
ATOM   244 O OD2 . ASP A 1 32  ? 0.221   2.836   -9.446  1.00 18.00 ? 53  ASP A OD2 1 
ATOM   245 N N   . SER A 1 33  ? 3.815   5.258   -6.244  1.00 11.02 ? 54  SER A N   1 
ATOM   246 C CA  . SER A 1 33  ? 4.043   6.220   -5.174  1.00 10.06 ? 54  SER A CA  1 
ATOM   247 C C   . SER A 1 33  ? 2.734   6.857   -4.695  1.00 10.94 ? 54  SER A C   1 
ATOM   248 O O   . SER A 1 33  ? 1.655   6.591   -5.230  1.00 13.16 ? 54  SER A O   1 
ATOM   249 C CB  . SER A 1 33  ? 5.041   7.282   -5.630  1.00 14.22 ? 54  SER A CB  1 
ATOM   250 O OG  . SER A 1 33  ? 5.529   8.041   -4.542  1.00 14.81 ? 54  SER A OG  1 
ATOM   251 N N   . ASP A 1 34  ? 2.839   7.692   -3.672  1.00 9.94  ? 55  ASP A N   1 
ATOM   252 C CA  . ASP A 1 34  ? 1.667   8.216   -2.994  1.00 9.20  ? 55  ASP A CA  1 
ATOM   253 C C   . ASP A 1 34  ? 0.779   9.041   -3.923  1.00 11.24 ? 55  ASP A C   1 
ATOM   254 O O   . ASP A 1 34  ? 1.261   9.967   -4.580  1.00 10.63 ? 55  ASP A O   1 
ATOM   255 C CB  . ASP A 1 34  ? 2.119   9.096   -1.831  1.00 9.83  ? 55  ASP A CB  1 
ATOM   256 C CG  . ASP A 1 34  ? 0.961   9.667   -1.066  1.00 10.82 ? 55  ASP A CG  1 
ATOM   257 O OD1 . ASP A 1 34  ? 0.111   8.863   -0.615  1.00 12.09 ? 55  ASP A OD1 1 
ATOM   258 O OD2 . ASP A 1 34  ? 0.877   10.906  -0.922  1.00 11.65 ? 55  ASP A OD2 1 
ATOM   259 N N   . PRO A 1 35  ? -0.531  8.723   -3.973  1.00 10.76 ? 56  PRO A N   1 
ATOM   260 C CA  . PRO A 1 35  ? -1.430  9.459   -4.875  1.00 13.87 ? 56  PRO A CA  1 
ATOM   261 C C   . PRO A 1 35  ? -1.459  10.968  -4.653  1.00 13.36 ? 56  PRO A C   1 
ATOM   262 O O   . PRO A 1 35  ? -1.579  11.701  -5.620  1.00 16.97 ? 56  PRO A O   1 
ATOM   263 C CB  . PRO A 1 35  ? -2.801  8.845   -4.576  1.00 16.28 ? 56  PRO A CB  1 
ATOM   264 C CG  . PRO A 1 35  ? -2.486  7.447   -4.161  1.00 15.25 ? 56  PRO A CG  1 
ATOM   265 C CD  . PRO A 1 35  ? -1.207  7.568   -3.356  1.00 11.98 ? 56  PRO A CD  1 
ATOM   266 N N   . SER A 1 36  ? -1.340  11.424  -3.413  1.00 13.28 ? 57  SER A N   1 
ATOM   267 C CA  . SER A 1 36  ? -1.357  12.860  -3.160  1.00 16.36 ? 57  SER A CA  1 
ATOM   268 C C   . SER A 1 36  ? 0.014   13.496  -3.378  1.00 13.02 ? 57  SER A C   1 
ATOM   269 O O   . SER A 1 36  ? 0.129   14.713  -3.453  1.00 14.10 ? 57  SER A O   1 
ATOM   270 C CB  . SER A 1 36  ? -1.880  13.170  -1.757  1.00 22.24 ? 57  SER A CB  1 
ATOM   271 O OG  . SER A 1 36  ? -0.924  12.874  -0.766  1.00 25.68 ? 57  SER A OG  1 
ATOM   272 N N   . GLY A 1 37  ? 1.051   12.669  -3.476  1.00 11.71 ? 58  GLY A N   1 
ATOM   273 C CA  . GLY A 1 37  ? 2.400   13.170  -3.679  1.00 10.82 ? 58  GLY A CA  1 
ATOM   274 C C   . GLY A 1 37  ? 3.036   13.740  -2.421  1.00 11.25 ? 58  GLY A C   1 
ATOM   275 O O   . GLY A 1 37  ? 4.022   14.474  -2.502  1.00 12.09 ? 58  GLY A O   1 
ATOM   276 N N   . THR A 1 38  ? 2.480   13.401  -1.260  1.00 10.97 ? 59  THR A N   1 
ATOM   277 C CA  . THR A 1 38  ? 2.898   14.040  -0.010  1.00 11.87 ? 59  THR A CA  1 
ATOM   278 C C   . THR A 1 38  ? 3.138   13.105  1.173   1.00 12.29 ? 59  THR A C   1 
ATOM   279 O O   . THR A 1 38  ? 3.865   13.476  2.092   1.00 13.82 ? 59  THR A O   1 
ATOM   280 C CB  . THR A 1 38  ? 1.856   15.064  0.470   1.00 13.56 ? 59  THR A CB  1 
ATOM   281 O OG1 . THR A 1 38  ? 0.635   14.370  0.757   1.00 15.66 ? 59  THR A OG1 1 
ATOM   282 C CG2 . THR A 1 38  ? 1.597   16.128  -0.581  1.00 16.09 ? 59  THR A CG2 1 
ATOM   283 N N   . LYS A 1 39  ? 2.511   11.930  1.197   1.00 10.12 ? 60  LYS A N   1 
ATOM   284 C CA  . LYS A 1 39  ? 2.504   11.135  2.429   1.00 10.69 ? 60  LYS A CA  1 
ATOM   285 C C   . LYS A 1 39  ? 3.781   10.319  2.606   1.00 9.25  ? 60  LYS A C   1 
ATOM   286 O O   . LYS A 1 39  ? 4.172   9.546   1.721   1.00 10.16 ? 60  LYS A O   1 
ATOM   287 C CB  . LYS A 1 39  ? 1.283   10.212  2.470   1.00 10.07 ? 60  LYS A CB  1 
ATOM   288 C CG  . LYS A 1 39  ? -0.055  10.920  2.311   1.00 14.44 ? 60  LYS A CG  1 
ATOM   289 C CD  . LYS A 1 39  ? -0.244  12.003  3.353   1.00 17.93 ? 60  LYS A CD  1 
ATOM   290 C CE  . LYS A 1 39  ? -1.635  12.606  3.249   1.00 21.88 ? 60  LYS A CE  1 
ATOM   291 N NZ  . LYS A 1 39  ? -1.825  13.753  4.181   1.00 30.83 ? 60  LYS A NZ  1 
ATOM   292 N N   . THR A 1 40  ? 4.428   10.474  3.756   1.00 12.27 ? 61  THR A N   1 
ATOM   293 C CA  . THR A 1 40  ? 5.625   9.679   4.034   1.00 13.57 ? 61  THR A CA  1 
ATOM   294 C C   . THR A 1 40  ? 5.390   8.752   5.221   1.00 12.17 ? 61  THR A C   1 
ATOM   295 O O   . THR A 1 40  ? 4.244   8.538   5.640   1.00 10.66 ? 61  THR A O   1 
ATOM   296 C CB  . THR A 1 40  ? 6.900   10.544  4.208   1.00 28.26 ? 61  THR A CB  1 
ATOM   297 O OG1 . THR A 1 40  ? 8.052   9.707   4.440   1.00 26.35 ? 61  THR A OG1 1 
ATOM   298 C CG2 . THR A 1 40  ? 6.717   11.511  5.348   1.00 26.34 ? 61  THR A CG2 1 
ATOM   299 N N   . CYS A 1 41  ? 6.467   8.185   5.747   1.00 10.94 ? 62  CYS A N   1 
ATOM   300 C CA  . CYS A 1 41  ? 6.356   7.046   6.651   1.00 10.30 ? 62  CYS A CA  1 
ATOM   301 C C   . CYS A 1 41  ? 5.531   7.352   7.899   1.00 10.27 ? 62  CYS A C   1 
ATOM   302 O O   . CYS A 1 41  ? 5.572   8.461   8.444   1.00 12.01 ? 62  CYS A O   1 
ATOM   303 C CB  . CYS A 1 41  ? 7.745   6.516   7.015   1.00 11.07 ? 62  CYS A CB  1 
ATOM   304 S SG  . CYS A 1 41  ? 8.700   7.641   8.030   1.00 15.07 ? 62  CYS A SG  1 
ATOM   305 N N   . ILE A 1 42  ? 4.775   6.345   8.323   1.00 10.06 ? 63  ILE A N   1 
ATOM   306 C CA  . ILE A 1 42  ? 3.774   6.461   9.378   1.00 9.95  ? 63  ILE A CA  1 
ATOM   307 C C   . ILE A 1 42  ? 4.159   5.539   10.524  1.00 12.55 ? 63  ILE A C   1 
ATOM   308 O O   . ILE A 1 42  ? 4.472   4.369   10.288  1.00 12.06 ? 63  ILE A O   1 
ATOM   309 C CB  . ILE A 1 42  ? 2.408   6.027   8.830   1.00 8.72  ? 63  ILE A CB  1 
ATOM   310 C CG1 . ILE A 1 42  ? 1.994   6.945   7.686   1.00 10.13 ? 63  ILE A CG1 1 
ATOM   311 C CG2 . ILE A 1 42  ? 1.357   6.020   9.926   1.00 11.06 ? 63  ILE A CG2 1 
ATOM   312 C CD1 . ILE A 1 42  ? 0.926   6.348   6.786   1.00 12.14 ? 63  ILE A CD1 1 
ATOM   313 N N   . ASP A 1 43  ? 4.130   6.039   11.753  1.00 11.61 ? 64  ASP A N   1 
ATOM   314 C CA  . ASP A 1 43  ? 4.659   5.239   12.862  1.00 12.70 ? 64  ASP A CA  1 
ATOM   315 C C   . ASP A 1 43  ? 3.617   4.710   13.850  1.00 11.57 ? 64  ASP A C   1 
ATOM   316 O O   . ASP A 1 43  ? 3.971   4.261   14.937  1.00 13.03 ? 64  ASP A O   1 
ATOM   317 C CB  . ASP A 1 43  ? 5.799   5.961   13.588  1.00 15.62 ? 64  ASP A CB  1 
ATOM   318 C CG  . ASP A 1 43  ? 5.329   7.155   14.387  1.00 18.53 ? 64  ASP A CG  1 
ATOM   319 O OD1 . ASP A 1 43  ? 4.152   7.546   14.283  1.00 20.99 ? 64  ASP A OD1 1 
ATOM   320 O OD2 . ASP A 1 43  ? 6.164   7.718   15.125  1.00 24.93 ? 64  ASP A OD2 1 
ATOM   321 N N   . THR A 1 44  ? 2.341   4.762   13.486  1.00 10.72 ? 65  THR A N   1 
ATOM   322 C CA  . THR A 1 44  ? 1.324   4.091   14.297  1.00 10.66 ? 65  THR A CA  1 
ATOM   323 C C   . THR A 1 44  ? 0.479   3.154   13.442  1.00 9.34  ? 65  THR A C   1 
ATOM   324 O O   . THR A 1 44  ? 0.264   3.408   12.251  1.00 9.40  ? 65  THR A O   1 
ATOM   325 C CB  . THR A 1 44  ? 0.379   5.071   15.006  1.00 12.15 ? 65  THR A CB  1 
ATOM   326 O OG1 . THR A 1 44  ? -0.398  5.772   14.023  1.00 12.66 ? 65  THR A OG1 1 
ATOM   327 C CG2 . THR A 1 44  ? 1.152   6.064   15.862  1.00 15.20 ? 65  THR A CG2 1 
ATOM   328 N N   . LYS A 1 45  ? -0.024  2.091   14.062  1.00 10.23 ? 66  LYS A N   1 
ATOM   329 C CA  . LYS A 1 45  ? -0.883  1.149   13.354  1.00 9.95  ? 66  LYS A CA  1 
ATOM   330 C C   . LYS A 1 45  ? -2.155  1.831   12.869  1.00 9.14  ? 66  LYS A C   1 
ATOM   331 O O   . LYS A 1 45  ? -2.612  1.579   11.762  1.00 8.95  ? 66  LYS A O   1 
ATOM   332 C CB  . LYS A 1 45  ? -1.208  -0.075  14.216  1.00 12.53 ? 66  LYS A CB  1 
ATOM   333 C CG  . LYS A 1 45  ? -1.977  -1.169  13.470  1.00 13.58 ? 66  LYS A CG  1 
ATOM   334 C CD  . LYS A 1 45  ? -2.447  -2.281  14.397  1.00 19.31 ? 66  LYS A CD  1 
ATOM   335 C CE  . LYS A 1 45  ? -3.166  -3.370  13.608  1.00 23.99 ? 66  LYS A CE  1 
ATOM   336 N NZ  . LYS A 1 45  ? -4.046  -4.205  14.473  1.00 27.78 ? 66  LYS A NZ  1 
ATOM   337 N N   . GLU A 1 46  ? -2.717  2.705   13.698  1.00 9.64  ? 67  GLU A N   1 
ATOM   338 C CA  . GLU A 1 46  ? -3.913  3.458   13.326  1.00 9.91  ? 67  GLU A CA  1 
ATOM   339 C C   . GLU A 1 46  ? -3.657  4.329   12.099  1.00 8.99  ? 67  GLU A C   1 
ATOM   340 O O   . GLU A 1 46  ? -4.501  4.412   11.200  1.00 9.36  ? 67  GLU A O   1 
ATOM   341 C CB  . GLU A 1 46  ? -4.410  4.303   14.509  1.00 11.41 ? 67  GLU A CB  1 
ATOM   342 C CG  . GLU A 1 46  ? -4.906  3.484   15.706  1.00 18.60 ? 67  GLU A CG  1 
ATOM   343 C CD  . GLU A 1 46  ? -3.803  2.927   16.608  1.00 18.63 ? 67  GLU A CD  1 
ATOM   344 O OE1 . GLU A 1 46  ? -2.607  3.271   16.445  1.00 14.05 ? 67  GLU A OE1 1 
ATOM   345 O OE2 . GLU A 1 46  ? -4.159  2.149   17.520  1.00 24.39 ? 67  GLU A OE2 1 
ATOM   346 N N   . GLY A 1 47  ? -2.491  4.965   12.048  1.00 9.38  ? 68  GLY A N   1 
ATOM   347 C CA  . GLY A 1 47  ? -2.122  5.777   10.903  1.00 9.04  ? 68  GLY A CA  1 
ATOM   348 C C   . GLY A 1 47  ? -1.982  4.941   9.644   1.00 8.26  ? 68  GLY A C   1 
ATOM   349 O O   . GLY A 1 47  ? -2.336  5.380   8.543   1.00 8.68  ? 68  GLY A O   1 
ATOM   350 N N   . ILE A 1 48  ? -1.464  3.724   9.787   1.00 8.33  ? 69  ILE A N   1 
ATOM   351 C CA  . ILE A 1 48  ? -1.305  2.846   8.626   1.00 8.62  ? 69  ILE A CA  1 
ATOM   352 C C   . ILE A 1 48  ? -2.670  2.395   8.114   1.00 8.43  ? 69  ILE A C   1 
ATOM   353 O O   . ILE A 1 48  ? -2.901  2.369   6.905   1.00 8.67  ? 69  ILE A O   1 
ATOM   354 C CB  . ILE A 1 48  ? -0.414  1.638   8.948   1.00 7.16  ? 69  ILE A CB  1 
ATOM   355 C CG1 . ILE A 1 48  ? 0.997   2.121   9.290   1.00 10.60 ? 69  ILE A CG1 1 
ATOM   356 C CG2 . ILE A 1 48  ? -0.389  0.640   7.782   1.00 8.94  ? 69  ILE A CG2 1 
ATOM   357 C CD1 . ILE A 1 48  ? 1.856   1.044   9.942   1.00 12.13 ? 69  ILE A CD1 1 
ATOM   358 N N   . LEU A 1 49  ? -3.589  2.064   9.017   1.00 8.04  ? 70  LEU A N   1 
ATOM   359 C CA  . LEU A 1 49  ? -4.953  1.733   8.616   1.00 8.22  ? 70  LEU A CA  1 
ATOM   360 C C   . LEU A 1 49  ? -5.593  2.897   7.861   1.00 7.69  ? 70  LEU A C   1 
ATOM   361 O O   . LEU A 1 49  ? -6.193  2.707   6.793   1.00 8.25  ? 70  LEU A O   1 
ATOM   362 C CB  . LEU A 1 49  ? -5.800  1.357   9.831   1.00 9.46  ? 70  LEU A CB  1 
ATOM   363 C CG  . LEU A 1 49  ? -7.285  1.113   9.544   1.00 10.86 ? 70  LEU A CG  1 
ATOM   364 C CD1 . LEU A 1 49  ? -7.505  0.028   8.473   1.00 11.38 ? 70  LEU A CD1 1 
ATOM   365 C CD2 . LEU A 1 49  ? -8.005  0.752   10.842  1.00 12.99 ? 70  LEU A CD2 1 
ATOM   366 N N   . GLN A 1 50  ? -5.464  4.101   8.407   1.00 7.92  ? 71  GLN A N   1 
ATOM   367 C CA  . GLN A 1 50  ? -5.988  5.282   7.735   1.00 9.82  ? 71  GLN A CA  1 
ATOM   368 C C   . GLN A 1 50  ? -5.389  5.427   6.344   1.00 8.65  ? 71  GLN A C   1 
ATOM   369 O O   . GLN A 1 50  ? -6.105  5.749   5.388   1.00 9.63  ? 71  GLN A O   1 
ATOM   370 C CB  . GLN A 1 50  ? -5.702  6.542   8.545   1.00 11.72 ? 71  GLN A CB  1 
ATOM   371 C CG  . GLN A 1 50  ? -6.213  7.808   7.879   1.00 20.73 ? 71  GLN A CG  1 
ATOM   372 C CD  . GLN A 1 50  ? -5.925  9.054   8.685   1.00 27.69 ? 71  GLN A CD  1 
ATOM   373 O OE1 . GLN A 1 50  ? -6.841  9.772   9.081   1.00 37.21 ? 71  GLN A OE1 1 
ATOM   374 N NE2 . GLN A 1 50  ? -4.646  9.328   8.922   1.00 27.24 ? 71  GLN A NE2 1 
ATOM   375 N N   . TYR A 1 51  ? -4.089  5.187   6.220   1.00 8.41  ? 72  TYR A N   1 
ATOM   376 C CA  . TYR A 1 51  ? -3.429  5.333   4.924   1.00 8.57  ? 72  TYR A CA  1 
ATOM   377 C C   . TYR A 1 51  ? -3.926  4.301   3.908   1.00 8.00  ? 72  TYR A C   1 
ATOM   378 O O   . TYR A 1 51  ? -4.205  4.637   2.746   1.00 8.33  ? 72  TYR A O   1 
ATOM   379 C CB  . TYR A 1 51  ? -1.902  5.302   5.078   1.00 8.15  ? 72  TYR A CB  1 
ATOM   380 C CG  . TYR A 1 51  ? -1.205  5.618   3.782   1.00 6.82  ? 72  TYR A CG  1 
ATOM   381 C CD1 . TYR A 1 51  ? -1.316  6.875   3.214   1.00 10.60 ? 72  TYR A CD1 1 
ATOM   382 C CD2 . TYR A 1 51  ? -0.470  4.650   3.106   1.00 8.32  ? 72  TYR A CD2 1 
ATOM   383 C CE1 . TYR A 1 51  ? -0.716  7.170   1.998   1.00 10.67 ? 72  TYR A CE1 1 
ATOM   384 C CE2 . TYR A 1 51  ? 0.135   4.932   1.889   1.00 9.74  ? 72  TYR A CE2 1 
ATOM   385 C CZ  . TYR A 1 51  ? 0.006   6.190   1.336   1.00 9.05  ? 72  TYR A CZ  1 
ATOM   386 O OH  . TYR A 1 51  ? 0.613   6.462   0.132   1.00 10.17 ? 72  TYR A OH  1 
ATOM   387 N N   . CYS A 1 52  ? -4.082  3.054   4.347   1.00 7.16  ? 73  CYS A N   1 
ATOM   388 C CA  . CYS A 1 52  ? -4.707  2.029   3.507   1.00 7.82  ? 73  CYS A CA  1 
ATOM   389 C C   . CYS A 1 52  ? -6.070  2.486   3.007   1.00 7.51  ? 73  CYS A C   1 
ATOM   390 O O   . CYS A 1 52  ? -6.398  2.301   1.831   1.00 8.62  ? 73  CYS A O   1 
ATOM   391 C CB  . CYS A 1 52  ? -4.903  0.719   4.266   1.00 7.65  ? 73  CYS A CB  1 
ATOM   392 S SG  . CYS A 1 52  ? -3.449  -0.345  4.426   1.00 9.19  ? 73  CYS A SG  1 
ATOM   393 N N   . GLN A 1 53  ? -6.870  3.077   3.890   1.00 7.41  ? 74  GLN A N   1 
ATOM   394 C CA  . GLN A 1 53  ? -8.211  3.505   3.514   1.00 8.74  ? 74  GLN A CA  1 
ATOM   395 C C   . GLN A 1 53  ? -8.180  4.669   2.522   1.00 9.40  ? 74  GLN A C   1 
ATOM   396 O O   . GLN A 1 53  ? -9.034  4.771   1.646   1.00 11.90 ? 74  GLN A O   1 
ATOM   397 C CB  . GLN A 1 53  ? -9.017  3.863   4.769   1.00 10.03 ? 74  GLN A CB  1 
ATOM   398 C CG  . GLN A 1 53  ? -9.339  2.639   5.631   1.00 10.53 ? 74  GLN A CG  1 
ATOM   399 C CD  . GLN A 1 53  ? -9.822  2.989   7.023   1.00 13.41 ? 74  GLN A CD  1 
ATOM   400 O OE1 . GLN A 1 53  ? -9.578  4.093   7.517   1.00 15.10 ? 74  GLN A OE1 1 
ATOM   401 N NE2 . GLN A 1 53  ? -10.504 2.051   7.666   1.00 13.05 ? 74  GLN A NE2 1 
ATOM   402 N N   . GLU A 1 54  ? -7.173  5.520   2.642   1.00 8.72  ? 75  GLU A N   1 
ATOM   403 C CA  . GLU A 1 54  ? -6.984  6.663   1.750   1.00 11.33 ? 75  GLU A CA  1 
ATOM   404 C C   . GLU A 1 54  ? -6.590  6.195   0.345   1.00 9.36  ? 75  GLU A C   1 
ATOM   405 O O   . GLU A 1 54  ? -7.081  6.712   -0.651  1.00 11.86 ? 75  GLU A O   1 
ATOM   406 C CB  . GLU A 1 54  ? -5.897  7.540   2.369   1.00 15.53 ? 75  GLU A CB  1 
ATOM   407 C CG  . GLU A 1 54  ? -5.417  8.742   1.614   1.00 27.22 ? 75  GLU A CG  1 
ATOM   408 C CD  . GLU A 1 54  ? -4.386  9.496   2.440   1.00 33.04 ? 75  GLU A CD  1 
ATOM   409 O OE1 . GLU A 1 54  ? -4.292  9.216   3.662   1.00 28.96 ? 75  GLU A OE1 1 
ATOM   410 O OE2 . GLU A 1 54  ? -3.669  10.350  1.877   1.00 41.92 ? 75  GLU A OE2 1 
ATOM   411 N N   . VAL A 1 55  ? -5.712  5.199   0.284   1.00 8.86  ? 76  VAL A N   1 
ATOM   412 C CA  . VAL A 1 55  ? -5.210  4.669   -0.984  1.00 10.84 ? 76  VAL A CA  1 
ATOM   413 C C   . VAL A 1 55  ? -6.185  3.700   -1.668  1.00 9.32  ? 76  VAL A C   1 
ATOM   414 O O   . VAL A 1 55  ? -6.209  3.591   -2.890  1.00 10.35 ? 76  VAL A O   1 
ATOM   415 C CB  . VAL A 1 55  ? -3.826  4.011   -0.775  1.00 11.77 ? 76  VAL A CB  1 
ATOM   416 C CG1 . VAL A 1 55  ? -3.384  3.218   -1.993  1.00 14.00 ? 76  VAL A CG1 1 
ATOM   417 C CG2 . VAL A 1 55  ? -2.793  5.077   -0.416  1.00 14.52 ? 76  VAL A CG2 1 
ATOM   418 N N   . TYR A 1 56  ? -6.990  3.013   -0.870  1.00 8.60  ? 77  TYR A N   1 
ATOM   419 C CA  . TYR A 1 56  ? -7.951  2.046   -1.382  1.00 8.50  ? 77  TYR A CA  1 
ATOM   420 C C   . TYR A 1 56  ? -9.341  2.409   -0.850  1.00 9.56  ? 77  TYR A C   1 
ATOM   421 O O   . TYR A 1 56  ? -9.941  1.652   -0.084  1.00 9.73  ? 77  TYR A O   1 
ATOM   422 C CB  . TYR A 1 56  ? -7.561  0.637   -0.935  1.00 8.63  ? 77  TYR A CB  1 
ATOM   423 C CG  . TYR A 1 56  ? -6.184  0.191   -1.373  1.00 7.43  ? 77  TYR A CG  1 
ATOM   424 C CD1 . TYR A 1 56  ? -5.921  -0.085  -2.706  1.00 8.36  ? 77  TYR A CD1 1 
ATOM   425 C CD2 . TYR A 1 56  ? -5.161  0.035   -0.454  1.00 6.98  ? 77  TYR A CD2 1 
ATOM   426 C CE1 . TYR A 1 56  ? -4.668  -0.510  -3.115  1.00 8.64  ? 77  TYR A CE1 1 
ATOM   427 C CE2 . TYR A 1 56  ? -3.903  -0.395  -0.854  1.00 7.66  ? 77  TYR A CE2 1 
ATOM   428 C CZ  . TYR A 1 56  ? -3.665  -0.661  -2.170  1.00 6.79  ? 77  TYR A CZ  1 
ATOM   429 O OH  . TYR A 1 56  ? -2.404  -1.094  -2.551  1.00 8.60  ? 77  TYR A OH  1 
ATOM   430 N N   . PRO A 1 57  ? -9.865  3.582   -1.253  1.00 10.84 ? 78  PRO A N   1 
ATOM   431 C CA  . PRO A 1 57  ? -11.067 4.117   -0.601  1.00 11.42 ? 78  PRO A CA  1 
ATOM   432 C C   . PRO A 1 57  ? -12.325 3.260   -0.753  1.00 12.25 ? 78  PRO A C   1 
ATOM   433 O O   . PRO A 1 57  ? -13.242 3.387   0.067   1.00 13.42 ? 78  PRO A O   1 
ATOM   434 C CB  . PRO A 1 57  ? -11.254 5.481   -1.280  1.00 14.12 ? 78  PRO A CB  1 
ATOM   435 C CG  . PRO A 1 57  ? -10.515 5.375   -2.584  1.00 13.40 ? 78  PRO A CG  1 
ATOM   436 C CD  . PRO A 1 57  ? -9.328  4.512   -2.259  1.00 10.59 ? 78  PRO A CD  1 
ATOM   437 N N   . GLU A 1 58  ? -12.375 2.400   -1.767  1.00 10.28 ? 79  GLU A N   1 
ATOM   438 C CA  . GLU A 1 58  ? -13.581 1.609   -2.008  1.00 10.99 ? 79  GLU A CA  1 
ATOM   439 C C   . GLU A 1 58  ? -13.445 0.140   -1.601  1.00 10.42 ? 79  GLU A C   1 
ATOM   440 O O   . GLU A 1 58  ? -14.342 -0.658  -1.876  1.00 10.48 ? 79  GLU A O   1 
ATOM   441 C CB  . GLU A 1 58  ? -14.017 1.730   -3.471  1.00 12.70 ? 79  GLU A CB  1 
ATOM   442 C CG  . GLU A 1 58  ? -14.177 3.171   -3.943  1.00 15.62 ? 79  GLU A CG  1 
ATOM   443 C CD  . GLU A 1 58  ? -14.456 3.270   -5.422  1.00 25.81 ? 79  GLU A CD  1 
ATOM   444 O OE1 . GLU A 1 58  ? -14.846 2.244   -6.020  1.00 27.24 ? 79  GLU A OE1 1 
ATOM   445 O OE2 . GLU A 1 58  ? -14.277 4.371   -5.992  1.00 26.44 ? 79  GLU A OE2 1 
ATOM   446 N N   . LEU A 1 59  ? -12.345 -0.211  -0.939  1.00 9.69  ? 80  LEU A N   1 
ATOM   447 C CA  . LEU A 1 59  ? -12.070 -1.618  -0.626  1.00 8.79  ? 80  LEU A CA  1 
ATOM   448 C C   . LEU A 1 59  ? -12.538 -2.118  0.755   1.00 9.54  ? 80  LEU A C   1 
ATOM   449 O O   . LEU A 1 59  ? -12.310 -3.280  1.088   1.00 9.51  ? 80  LEU A O   1 
ATOM   450 C CB  . LEU A 1 59  ? -10.577 -1.930  -0.808  1.00 8.37  ? 80  LEU A CB  1 
ATOM   451 C CG  . LEU A 1 59  ? -10.036 -1.935  -2.243  1.00 8.06  ? 80  LEU A CG  1 
ATOM   452 C CD1 . LEU A 1 59  ? -8.657  -2.599  -2.269  1.00 10.40 ? 80  LEU A CD1 1 
ATOM   453 C CD2 . LEU A 1 59  ? -11.002 -2.654  -3.158  1.00 11.94 ? 80  LEU A CD2 1 
ATOM   454 N N   . GLN A 1 60  ? -13.184 -1.264  1.548   1.00 9.87  ? 81  GLN A N   1 
ATOM   455 C CA  . GLN A 1 60  ? -13.632 -1.661  2.893   1.00 11.72 ? 81  GLN A CA  1 
ATOM   456 C C   . GLN A 1 60  ? -12.471 -2.174  3.735   1.00 10.48 ? 81  GLN A C   1 
ATOM   457 O O   . GLN A 1 60  ? -12.601 -3.198  4.406   1.00 11.61 ? 81  GLN A O   1 
ATOM   458 C CB  . GLN A 1 60  ? -14.710 -2.760  2.845   1.00 13.13 ? 81  GLN A CB  1 
ATOM   459 C CG  . GLN A 1 60  ? -16.041 -2.357  2.259   1.00 15.58 ? 81  GLN A CG  1 
ATOM   460 C CD  . GLN A 1 60  ? -17.109 -3.450  2.373   1.00 18.61 ? 81  GLN A CD  1 
ATOM   461 O OE1 . GLN A 1 60  ? -16.874 -4.544  2.918   1.00 17.54 ? 81  GLN A OE1 1 
ATOM   462 N NE2 . GLN A 1 60  ? -18.288 -3.159  1.855   1.00 17.23 ? 81  GLN A NE2 1 
ATOM   463 N N   . ILE A 1 61  ? -11.336 -1.485  3.706   1.00 8.23  ? 82  ILE A N   1 
ATOM   464 C CA  . ILE A 1 61  ? -10.220 -1.905  4.535   1.00 7.79  ? 82  ILE A CA  1 
ATOM   465 C C   . ILE A 1 61  ? -10.567 -1.649  6.000   1.00 8.99  ? 82  ILE A C   1 
ATOM   466 O O   . ILE A 1 61  ? -10.925 -0.527  6.363   1.00 9.77  ? 82  ILE A O   1 
ATOM   467 C CB  . ILE A 1 61  ? -8.940  -1.133  4.188   1.00 6.94  ? 82  ILE A CB  1 
ATOM   468 C CG1 . ILE A 1 61  ? -8.555  -1.293  2.707   1.00 8.67  ? 82  ILE A CG1 1 
ATOM   469 C CG2 . ILE A 1 61  ? -7.808  -1.571  5.109   1.00 9.38  ? 82  ILE A CG2 1 
ATOM   470 C CD1 . ILE A 1 61  ? -8.498  -2.736  2.238   1.00 9.18  ? 82  ILE A CD1 1 
ATOM   471 N N   . THR A 1 62  ? -10.460 -2.672  6.841   1.00 8.30  ? 83  THR A N   1 
ATOM   472 C CA  . THR A 1 62  ? -10.800 -2.498  8.258   1.00 9.21  ? 83  THR A CA  1 
ATOM   473 C C   . THR A 1 62  ? -9.674  -2.849  9.226   1.00 10.22 ? 83  THR A C   1 
ATOM   474 O O   . THR A 1 62  ? -9.797  -2.635  10.426  1.00 12.00 ? 83  THR A O   1 
ATOM   475 C CB  . THR A 1 62  ? -12.039 -3.323  8.645   1.00 10.16 ? 83  THR A CB  1 
ATOM   476 O OG1 . THR A 1 62  ? -11.780 -4.711  8.397   1.00 12.85 ? 83  THR A OG1 1 
ATOM   477 C CG2 . THR A 1 62  ? -13.267 -2.886  7.844   1.00 11.88 ? 83  THR A CG2 1 
ATOM   478 N N   . ASN A 1 63  ? -8.587  -3.400  8.705   1.00 9.56  ? 84  ASN A N   1 
ATOM   479 C CA  . ASN A 1 63  ? -7.452  -3.772  9.543   1.00 9.89  ? 84  ASN A CA  1 
ATOM   480 C C   . ASN A 1 63  ? -6.199  -3.836  8.684   1.00 9.31  ? 84  ASN A C   1 
ATOM   481 O O   . ASN A 1 63  ? -6.283  -3.786  7.450   1.00 8.60  ? 84  ASN A O   1 
ATOM   482 C CB  . ASN A 1 63  ? -7.724  -5.112  10.237  1.00 12.51 ? 84  ASN A CB  1 
ATOM   483 C CG  . ASN A 1 63  ? -6.744  -5.417  11.366  1.00 15.02 ? 84  ASN A CG  1 
ATOM   484 O OD1 . ASN A 1 63  ? -6.066  -4.526  11.912  1.00 14.40 ? 84  ASN A OD1 1 
ATOM   485 N ND2 . ASN A 1 63  ? -6.665  -6.694  11.725  1.00 20.37 ? 84  ASN A ND2 1 
ATOM   486 N N   . VAL A 1 64  ? -5.038  -3.909  9.332   1.00 9.72  ? 85  VAL A N   1 
ATOM   487 C CA  . VAL A 1 64  ? -3.764  -4.044  8.637   1.00 8.62  ? 85  VAL A CA  1 
ATOM   488 C C   . VAL A 1 64  ? -2.881  -5.029  9.395   1.00 9.63  ? 85  VAL A C   1 
ATOM   489 O O   . VAL A 1 64  ? -3.056  -5.221  10.592  1.00 11.77 ? 85  VAL A O   1 
ATOM   490 C CB  . VAL A 1 64  ? -3.015  -2.683  8.516   1.00 8.36  ? 85  VAL A CB  1 
ATOM   491 C CG1 . VAL A 1 64  ? -3.859  -1.656  7.772   1.00 9.63  ? 85  VAL A CG1 1 
ATOM   492 C CG2 . VAL A 1 64  ? -2.588  -2.161  9.880   1.00 10.37 ? 85  VAL A CG2 1 
ATOM   493 N N   . VAL A 1 65  ? -1.934  -5.650  8.699   1.00 8.96  ? 86  VAL A N   1 
ATOM   494 C CA  . VAL A 1 65  ? -0.978  -6.554  9.336   1.00 10.98 ? 86  VAL A CA  1 
ATOM   495 C C   . VAL A 1 65  ? 0.281   -6.590  8.486   1.00 8.93  ? 86  VAL A C   1 
ATOM   496 O O   . VAL A 1 65  ? 0.208   -6.452  7.277   1.00 9.54  ? 86  VAL A O   1 
ATOM   497 C CB  . VAL A 1 65  ? -1.568  -7.981  9.483   1.00 10.84 ? 86  VAL A CB  1 
ATOM   498 C CG1 . VAL A 1 65  ? -1.768  -8.633  8.121   1.00 13.39 ? 86  VAL A CG1 1 
ATOM   499 C CG2 . VAL A 1 65  ? -0.698  -8.852  10.387  1.00 15.91 ? 86  VAL A CG2 1 
ATOM   500 N N   . GLU A 1 66  ? 1.444   -6.761  9.101   1.00 10.47 ? 87  GLU A N   1 
ATOM   501 C CA  . GLU A 1 66  ? 2.648   -6.901  8.300   1.00 10.91 ? 87  GLU A CA  1 
ATOM   502 C C   . GLU A 1 66  ? 2.574   -8.160  7.450   1.00 13.00 ? 87  GLU A C   1 
ATOM   503 O O   . GLU A 1 66  ? 2.077   -9.205  7.904   1.00 13.51 ? 87  GLU A O   1 
ATOM   504 C CB  . GLU A 1 66  ? 3.906   -6.938  9.172   1.00 14.93 ? 87  GLU A CB  1 
ATOM   505 C CG  . GLU A 1 66  ? 4.354   -5.572  9.664   1.00 17.05 ? 87  GLU A CG  1 
ATOM   506 C CD  . GLU A 1 66  ? 5.626   -5.626  10.489  1.00 20.77 ? 87  GLU A CD  1 
ATOM   507 O OE1 . GLU A 1 66  ? 5.804   -6.589  11.265  1.00 23.47 ? 87  GLU A OE1 1 
ATOM   508 O OE2 . GLU A 1 66  ? 6.452   -4.698  10.366  1.00 23.15 ? 87  GLU A OE2 1 
ATOM   509 N N   . ALA A 1 67  ? 3.061   -8.054  6.218   1.00 13.26 ? 88  ALA A N   1 
ATOM   510 C CA  . ALA A 1 67  ? 3.151   -9.207  5.328   1.00 12.96 ? 88  ALA A CA  1 
ATOM   511 C C   . ALA A 1 67  ? 4.179   -10.212 5.829   1.00 13.75 ? 88  ALA A C   1 
ATOM   512 O O   . ALA A 1 67  ? 5.024   -9.890  6.672   1.00 14.99 ? 88  ALA A O   1 
ATOM   513 C CB  . ALA A 1 67  ? 3.511   -8.769  3.927   1.00 13.27 ? 88  ALA A CB  1 
ATOM   514 N N   . ASN A 1 68  ? 4.103   -11.430 5.302   1.00 16.32 ? 89  ASN A N   1 
ATOM   515 C CA  . ASN A 1 68  ? 5.026   -12.500 5.662   1.00 16.49 ? 89  ASN A CA  1 
ATOM   516 C C   . ASN A 1 68  ? 6.428   -12.295 5.103   1.00 16.57 ? 89  ASN A C   1 
ATOM   517 O O   . ASN A 1 68  ? 7.420   -12.653 5.741   1.00 22.54 ? 89  ASN A O   1 
ATOM   518 C CB  . ASN A 1 68  ? 4.494   -13.846 5.157   1.00 22.37 ? 89  ASN A CB  1 
ATOM   519 C CG  . ASN A 1 68  ? 3.125   -14.179 5.708   1.00 34.31 ? 89  ASN A CG  1 
ATOM   520 O OD1 . ASN A 1 68  ? 2.770   -13.771 6.815   1.00 34.96 ? 89  ASN A OD1 1 
ATOM   521 N ND2 . ASN A 1 68  ? 2.342   -14.924 4.932   1.00 33.53 ? 89  ASN A ND2 1 
ATOM   522 N N   . GLN A 1 69  ? 6.502   -11.736 3.901   1.00 13.25 ? 90  GLN A N   1 
ATOM   523 C CA  . GLN A 1 69  ? 7.761   -11.651 3.169   1.00 12.38 ? 90  GLN A CA  1 
ATOM   524 C C   . GLN A 1 69  ? 8.240   -10.224 3.060   1.00 10.84 ? 90  GLN A C   1 
ATOM   525 O O   . GLN A 1 69  ? 7.449   -9.326  2.806   1.00 11.23 ? 90  GLN A O   1 
ATOM   526 C CB  . GLN A 1 69  ? 7.584   -12.203 1.749   1.00 13.43 ? 90  GLN A CB  1 
ATOM   527 C CG  . GLN A 1 69  ? 7.408   -13.702 1.670   1.00 16.26 ? 90  GLN A CG  1 
ATOM   528 C CD  . GLN A 1 69  ? 8.697   -14.454 1.941   1.00 16.30 ? 90  GLN A CD  1 
ATOM   529 O OE1 . GLN A 1 69  ? 9.804   -13.899 1.832   1.00 15.09 ? 90  GLN A OE1 1 
ATOM   530 N NE2 . GLN A 1 69  ? 8.568   -15.724 2.288   1.00 18.20 ? 90  GLN A NE2 1 
ATOM   531 N N   . PRO A 1 70  ? 9.549   -10.006 3.233   1.00 11.55 ? 91  PRO A N   1 
ATOM   532 C CA  . PRO A 1 70  ? 10.085  -8.691  2.877   1.00 9.57  ? 91  PRO A CA  1 
ATOM   533 C C   . PRO A 1 70  ? 10.044  -8.519  1.354   1.00 9.99  ? 91  PRO A C   1 
ATOM   534 O O   . PRO A 1 70  ? 10.110  -9.517  0.628   1.00 10.68 ? 91  PRO A O   1 
ATOM   535 C CB  . PRO A 1 70  ? 11.537  -8.767  3.367   1.00 11.59 ? 91  PRO A CB  1 
ATOM   536 C CG  . PRO A 1 70  ? 11.878  -10.210 3.272   1.00 11.83 ? 91  PRO A CG  1 
ATOM   537 C CD  . PRO A 1 70  ? 10.604  -10.947 3.642   1.00 11.98 ? 91  PRO A CD  1 
ATOM   538 N N   . VAL A 1 71  ? 9.966   -7.278  0.895   1.00 7.89  ? 92  VAL A N   1 
ATOM   539 C CA  . VAL A 1 71  ? 9.842   -6.990  -0.531  1.00 7.86  ? 92  VAL A CA  1 
ATOM   540 C C   . VAL A 1 71  ? 10.823  -5.908  -0.945  1.00 7.95  ? 92  VAL A C   1 
ATOM   541 O O   . VAL A 1 71  ? 11.006  -4.914  -0.233  1.00 10.16 ? 92  VAL A O   1 
ATOM   542 C CB  . VAL A 1 71  ? 8.382   -6.573  -0.901  1.00 8.49  ? 92  VAL A CB  1 
ATOM   543 C CG1 . VAL A 1 71  ? 7.973   -5.288  -0.220  1.00 13.65 ? 92  VAL A CG1 1 
ATOM   544 C CG2 . VAL A 1 71  ? 8.217   -6.440  -2.399  1.00 12.36 ? 92  VAL A CG2 1 
ATOM   545 N N   . THR A 1 72  ? 11.457  -6.103  -2.095  1.00 8.60  ? 93  THR A N   1 
ATOM   546 C CA  . THR A 1 72  ? 12.292  -5.062  -2.680  1.00 8.93  ? 93  THR A CA  1 
ATOM   547 C C   . THR A 1 72  ? 11.474  -4.195  -3.619  1.00 8.67  ? 93  THR A C   1 
ATOM   548 O O   . THR A 1 72  ? 10.768  -4.686  -4.509  1.00 10.39 ? 93  THR A O   1 
ATOM   549 C CB  . THR A 1 72  ? 13.483  -5.663  -3.421  1.00 8.80  ? 93  THR A CB  1 
ATOM   550 O OG1 . THR A 1 72  ? 14.378  -6.205  -2.444  1.00 9.18  ? 93  THR A OG1 1 
ATOM   551 C CG2 . THR A 1 72  ? 14.213  -4.607  -4.260  1.00 10.54 ? 93  THR A CG2 1 
ATOM   552 N N   . ILE A 1 73  ? 11.593  -2.890  -3.427  1.00 8.00  ? 94  ILE A N   1 
ATOM   553 C CA  . ILE A 1 73  ? 10.851  -1.929  -4.221  1.00 9.84  ? 94  ILE A CA  1 
ATOM   554 C C   . ILE A 1 73  ? 11.805  -0.887  -4.767  1.00 9.81  ? 94  ILE A C   1 
ATOM   555 O O   . ILE A 1 73  ? 12.661  -0.367  -4.045  1.00 9.47  ? 94  ILE A O   1 
ATOM   556 C CB  . ILE A 1 73  ? 9.768   -1.242  -3.363  1.00 8.86  ? 94  ILE A CB  1 
ATOM   557 C CG1 . ILE A 1 73  ? 8.734   -2.267  -2.883  1.00 8.87  ? 94  ILE A CG1 1 
ATOM   558 C CG2 . ILE A 1 73  ? 9.091   -0.116  -4.138  1.00 11.44 ? 94  ILE A CG2 1 
ATOM   559 C CD1 . ILE A 1 73  ? 7.805   -1.730  -1.813  1.00 10.86 ? 94  ILE A CD1 1 
ATOM   560 N N   . GLN A 1 74  ? 11.650  -0.596  -6.054  1.00 14.82 ? 95  GLN A N   1 
ATOM   561 C CA  . GLN A 1 74  ? 12.394  0.469   -6.728  1.00 16.50 ? 95  GLN A CA  1 
ATOM   562 C C   . GLN A 1 74  ? 11.492  1.680   -6.944  1.00 16.44 ? 95  GLN A C   1 
ATOM   563 O O   . GLN A 1 74  ? 10.286  1.630   -6.689  1.00 15.24 ? 95  GLN A O   1 
ATOM   564 C CB  . GLN A 1 74  ? 12.931  -0.020  -8.072  1.00 18.96 ? 95  GLN A CB  1 
ATOM   565 C CG  . GLN A 1 74  ? 13.904  -1.162  -7.922  1.00 19.27 ? 95  GLN A CG  1 
ATOM   566 C CD  . GLN A 1 74  ? 14.636  -1.511  -9.205  1.00 22.12 ? 95  GLN A CD  1 
ATOM   567 O OE1 . GLN A 1 74  ? 14.657  -0.754  -10.184 1.00 27.22 ? 95  GLN A OE1 1 
ATOM   568 N NE2 . GLN A 1 74  ? 15.241  -2.673  -9.202  1.00 22.43 ? 95  GLN A NE2 1 
ATOM   569 N N   . ASN A 1 75  ? 12.086  2.773   -7.410  1.00 18.17 ? 96  ASN A N   1 
ATOM   570 C CA  . ASN A 1 75  ? 11.334  3.965   -7.804  1.00 18.44 ? 96  ASN A CA  1 
ATOM   571 C C   . ASN A 1 75  ? 10.693  4.725   -6.647  1.00 16.38 ? 96  ASN A C   1 
ATOM   572 O O   . ASN A 1 75  ? 9.623   5.318   -6.800  1.00 16.01 ? 96  ASN A O   1 
ATOM   573 C CB  . ASN A 1 75  ? 10.296  3.631   -8.881  1.00 19.52 ? 96  ASN A CB  1 
ATOM   574 C CG  . ASN A 1 75  ? 10.878  2.819   -10.017 1.00 28.00 ? 96  ASN A CG  1 
ATOM   575 O OD1 . ASN A 1 75  ? 11.978  3.100   -10.499 1.00 29.22 ? 96  ASN A OD1 1 
ATOM   576 N ND2 . ASN A 1 75  ? 10.147  1.796   -10.445 1.00 36.25 ? 96  ASN A ND2 1 
ATOM   577 N N   . TRP A 1 76  ? 11.352  4.716   -5.491  1.00 15.34 ? 97  TRP A N   1 
ATOM   578 C CA  . TRP A 1 76  ? 10.915  5.561   -4.389  1.00 13.98 ? 97  TRP A CA  1 
ATOM   579 C C   . TRP A 1 76  ? 11.129  7.020   -4.787  1.00 15.44 ? 97  TRP A C   1 
ATOM   580 O O   . TRP A 1 76  ? 12.121  7.361   -5.444  1.00 17.58 ? 97  TRP A O   1 
ATOM   581 C CB  . TRP A 1 76  ? 11.696  5.255   -3.110  1.00 13.24 ? 97  TRP A CB  1 
ATOM   582 C CG  . TRP A 1 76  ? 11.505  3.870   -2.560  1.00 11.93 ? 97  TRP A CG  1 
ATOM   583 C CD1 . TRP A 1 76  ? 12.210  2.753   -2.900  1.00 12.42 ? 97  TRP A CD1 1 
ATOM   584 C CD2 . TRP A 1 76  ? 10.556  3.464   -1.561  1.00 10.22 ? 97  TRP A CD2 1 
ATOM   585 N NE1 . TRP A 1 76  ? 11.759  1.675   -2.175  1.00 11.14 ? 97  TRP A NE1 1 
ATOM   586 C CE2 . TRP A 1 76  ? 10.743  2.082   -1.348  1.00 9.82  ? 97  TRP A CE2 1 
ATOM   587 C CE3 . TRP A 1 76  ? 9.569   4.135   -0.826  1.00 10.27 ? 97  TRP A CE3 1 
ATOM   588 C CZ2 . TRP A 1 76  ? 9.974   1.352   -0.419  1.00 9.36  ? 97  TRP A CZ2 1 
ATOM   589 C CZ3 . TRP A 1 76  ? 8.806   3.410   0.092   1.00 10.03 ? 97  TRP A CZ3 1 
ATOM   590 C CH2 . TRP A 1 76  ? 9.014   2.029   0.278   1.00 8.66  ? 97  TRP A CH2 1 
ATOM   591 N N   . CYS A 1 77  ? 10.194  7.876   -4.384  1.00 14.54 ? 98  CYS A N   1 
ATOM   592 C CA  . CYS A 1 77  ? 10.171  9.276   -4.804  1.00 15.90 ? 98  CYS A CA  1 
ATOM   593 C C   . CYS A 1 77  ? 10.227  10.233  -3.627  1.00 15.33 ? 98  CYS A C   1 
ATOM   594 O O   . CYS A 1 77  ? 9.930   9.856   -2.486  1.00 13.65 ? 98  CYS A O   1 
ATOM   595 C CB  . CYS A 1 77  ? 8.867   9.572   -5.550  1.00 15.77 ? 98  CYS A CB  1 
ATOM   596 S SG  . CYS A 1 77  ? 8.599   8.613   -7.033  1.00 19.67 ? 98  CYS A SG  1 
ATOM   597 N N   . LYS A 1 78  ? 10.553  11.488  -3.924  1.00 17.04 ? 99  LYS A N   1 
ATOM   598 C CA  . LYS A 1 78  ? 10.403  12.570  -2.961  1.00 16.84 ? 99  LYS A CA  1 
ATOM   599 C C   . LYS A 1 78  ? 9.086   13.290  -3.209  1.00 16.10 ? 99  LYS A C   1 
ATOM   600 O O   . LYS A 1 78  ? 8.337   12.932  -4.130  1.00 15.93 ? 99  LYS A O   1 
ATOM   601 C CB  . LYS A 1 78  ? 11.583  13.534  -3.067  1.00 19.54 ? 99  LYS A CB  1 
ATOM   602 C CG  . LYS A 1 78  ? 12.911  12.872  -2.715  1.00 24.21 ? 99  LYS A CG  1 
ATOM   603 C CD  . LYS A 1 78  ? 14.098  13.601  -3.321  1.00 34.34 ? 99  LYS A CD  1 
ATOM   604 C CE  . LYS A 1 78  ? 15.017  14.133  -2.241  1.00 42.24 ? 99  LYS A CE  1 
ATOM   605 N NZ  . LYS A 1 78  ? 16.331  14.557  -2.795  1.00 44.90 ? 99  LYS A NZ  1 
ATOM   606 N N   . ARG A 1 79  ? 8.801   14.289  -2.375  1.00 15.92 ? 100 ARG A N   1 
ATOM   607 C CA  . ARG A 1 79  ? 7.563   15.068  -2.455  1.00 15.29 ? 100 ARG A CA  1 
ATOM   608 C C   . ARG A 1 79  ? 7.259   15.510  -3.879  1.00 16.74 ? 100 ARG A C   1 
ATOM   609 O O   . ARG A 1 79  ? 8.147   15.977  -4.593  1.00 19.01 ? 100 ARG A O   1 
ATOM   610 C CB  . ARG A 1 79  ? 7.647   16.288  -1.534  1.00 15.81 ? 100 ARG A CB  1 
ATOM   611 C CG  . ARG A 1 79  ? 6.347   17.080  -1.459  1.00 15.09 ? 100 ARG A CG  1 
ATOM   612 C CD  . ARG A 1 79  ? 6.499   18.277  -0.528  1.00 15.86 ? 100 ARG A CD  1 
ATOM   613 N NE  . ARG A 1 79  ? 5.294   19.100  -0.526  1.00 15.89 ? 100 ARG A NE  1 
ATOM   614 C CZ  . ARG A 1 79  ? 4.283   18.948  0.326   1.00 16.83 ? 100 ARG A CZ  1 
ATOM   615 N NH1 . ARG A 1 79  ? 4.344   18.015  1.266   1.00 18.92 ? 100 ARG A NH1 1 
ATOM   616 N NH2 . ARG A 1 79  ? 3.229   19.748  0.252   1.00 19.11 ? 100 ARG A NH2 1 
ATOM   617 N N   . GLY A 1 80  ? 6.007   15.336  -4.293  1.00 15.81 ? 101 GLY A N   1 
ATOM   618 C CA  . GLY A 1 80  ? 5.606   15.666  -5.653  1.00 17.41 ? 101 GLY A CA  1 
ATOM   619 C C   . GLY A 1 80  ? 5.844   14.537  -6.639  1.00 18.12 ? 101 GLY A C   1 
ATOM   620 O O   . GLY A 1 80  ? 5.679   14.728  -7.848  1.00 20.04 ? 101 GLY A O   1 
ATOM   621 N N   . ARG A 1 81  ? 6.217   13.366  -6.123  1.00 16.81 ? 102 ARG A N   1 
ATOM   622 C CA  . ARG A 1 81  ? 6.607   12.217  -6.949  1.00 17.55 ? 102 ARG A CA  1 
ATOM   623 C C   . ARG A 1 81  ? 7.751   12.610  -7.879  1.00 20.32 ? 102 ARG A C   1 
ATOM   624 O O   . ARG A 1 81  ? 7.743   12.301  -9.077  1.00 22.20 ? 102 ARG A O   1 
ATOM   625 C CB  . ARG A 1 81  ? 5.410   11.627  -7.713  1.00 17.60 ? 102 ARG A CB  1 
ATOM   626 C CG  . ARG A 1 81  ? 4.317   11.100  -6.779  1.00 16.64 ? 102 ARG A CG  1 
ATOM   627 C CD  . ARG A 1 81  ? 3.282   10.254  -7.510  1.00 18.67 ? 102 ARG A CD  1 
ATOM   628 N NE  . ARG A 1 81  ? 2.517   11.011  -8.497  1.00 19.69 ? 102 ARG A NE  1 
ATOM   629 C CZ  . ARG A 1 81  ? 1.374   11.638  -8.240  1.00 20.42 ? 102 ARG A CZ  1 
ATOM   630 N NH1 . ARG A 1 81  ? 0.859   11.597  -7.017  1.00 19.19 ? 102 ARG A NH1 1 
ATOM   631 N NH2 . ARG A 1 81  ? 0.747   12.299  -9.207  1.00 21.72 ? 102 ARG A NH2 1 
ATOM   632 N N   . LYS A 1 82  ? 8.728   13.311  -7.307  1.00 20.96 ? 103 LYS A N   1 
ATOM   633 C CA  . LYS A 1 82  ? 9.889   13.807  -8.037  1.00 24.03 ? 103 LYS A CA  1 
ATOM   634 C C   . LYS A 1 82  ? 11.144  13.086  -7.580  1.00 24.27 ? 103 LYS A C   1 
ATOM   635 O O   . LYS A 1 82  ? 11.162  12.466  -6.517  1.00 22.03 ? 103 LYS A O   1 
ATOM   636 C CB  . LYS A 1 82  ? 10.078  15.298  -7.782  1.00 26.35 ? 103 LYS A CB  1 
ATOM   637 C CG  . LYS A 1 82  ? 8.956   16.171  -8.286  1.00 25.65 ? 103 LYS A CG  1 
ATOM   638 C CD  . LYS A 1 82  ? 9.182   17.608  -7.856  1.00 30.24 ? 103 LYS A CD  1 
ATOM   639 C CE  . LYS A 1 82  ? 8.200   18.544  -8.523  1.00 34.82 ? 103 LYS A CE  1 
ATOM   640 N NZ  . LYS A 1 82  ? 8.306   19.932  -7.989  1.00 38.01 ? 103 LYS A NZ  1 
ATOM   641 N N   . GLN A 1 83  ? 12.201  13.206  -8.380  1.00 28.15 ? 104 GLN A N   1 
ATOM   642 C CA  . GLN A 1 83  ? 13.488  12.573  -8.096  1.00 33.95 ? 104 GLN A CA  1 
ATOM   643 C C   . GLN A 1 83  ? 13.338  11.108  -7.735  1.00 31.84 ? 104 GLN A C   1 
ATOM   644 O O   . GLN A 1 83  ? 13.983  10.604  -6.813  1.00 30.43 ? 104 GLN A O   1 
ATOM   645 C CB  . GLN A 1 83  ? 14.251  13.339  -7.014  1.00 32.34 ? 104 GLN A CB  1 
ATOM   646 C CG  . GLN A 1 83  ? 14.706  14.708  -7.479  1.00 40.61 ? 104 GLN A CG  1 
ATOM   647 C CD  . GLN A 1 83  ? 15.812  15.281  -6.623  1.00 52.71 ? 104 GLN A CD  1 
ATOM   648 O OE1 . GLN A 1 83  ? 15.588  15.669  -5.475  1.00 56.53 ? 104 GLN A OE1 1 
ATOM   649 N NE2 . GLN A 1 83  ? 17.019  15.337  -7.176  1.00 58.63 ? 104 GLN A NE2 1 
ATOM   650 N N   . CYS A 1 84  ? 12.460  10.434  -8.465  1.00 26.43 ? 105 CYS A N   1 
ATOM   651 C CA  . CYS A 1 84  ? 12.298  9.005   -8.319  1.00 24.46 ? 105 CYS A CA  1 
ATOM   652 C C   . CYS A 1 84  ? 13.576  8.311   -8.805  1.00 26.37 ? 105 CYS A C   1 
ATOM   653 O O   . CYS A 1 84  ? 14.110  8.627   -9.877  1.00 30.91 ? 105 CYS A O   1 
ATOM   654 C CB  . CYS A 1 84  ? 11.051  8.536   -9.076  1.00 26.05 ? 105 CYS A CB  1 
ATOM   655 S SG  . CYS A 1 84  ? 9.522   9.456   -8.642  1.00 24.79 ? 105 CYS A SG  1 
ATOM   656 N N   . LYS A 1 85  ? 14.083  7.400   -7.982  1.00 23.99 ? 106 LYS A N   1 
ATOM   657 C CA  . LYS A 1 85  ? 15.341  6.704   -8.243  1.00 29.74 ? 106 LYS A CA  1 
ATOM   658 C C   . LYS A 1 85  ? 15.086  5.213   -8.380  1.00 27.43 ? 106 LYS A C   1 
ATOM   659 O O   . LYS A 1 85  ? 14.238  4.672   -7.684  1.00 22.70 ? 106 LYS A O   1 
ATOM   660 C CB  . LYS A 1 85  ? 16.302  6.912   -7.072  1.00 35.99 ? 106 LYS A CB  1 
ATOM   661 C CG  . LYS A 1 85  ? 16.675  8.352   -6.809  1.00 40.37 ? 106 LYS A CG  1 
ATOM   662 C CD  . LYS A 1 85  ? 17.802  8.784   -7.714  1.00 46.79 ? 106 LYS A CD  1 
ATOM   663 C CE  . LYS A 1 85  ? 18.298  10.163  -7.336  1.00 51.06 ? 106 LYS A CE  1 
ATOM   664 N NZ  . LYS A 1 85  ? 19.766  10.278  -7.540  1.00 55.33 ? 106 LYS A NZ  1 
ATOM   665 N N   . THR A 1 86  ? 15.833  4.543   -9.253  1.00 27.73 ? 107 THR A N   1 
ATOM   666 C CA  . THR A 1 86  ? 15.688  3.095   -9.397  1.00 28.31 ? 107 THR A CA  1 
ATOM   667 C C   . THR A 1 86  ? 16.308  2.334   -8.223  1.00 33.12 ? 107 THR A C   1 
ATOM   668 O O   . THR A 1 86  ? 16.171  1.113   -8.134  1.00 28.07 ? 107 THR A O   1 
ATOM   669 C CB  . THR A 1 86  ? 16.297  2.572   -10.718 1.00 31.24 ? 107 THR A CB  1 
ATOM   670 O OG1 . THR A 1 86  ? 17.660  3.004   -10.829 1.00 32.01 ? 107 THR A OG1 1 
ATOM   671 C CG2 . THR A 1 86  ? 15.507  3.086   -11.919 1.00 36.48 ? 107 THR A CG2 1 
ATOM   672 N N   . HIS A 1 87  ? 16.977  3.055   -7.324  1.00 23.94 ? 108 HIS A N   1 
ATOM   673 C CA  . HIS A 1 87  ? 17.677  2.429   -6.204  1.00 23.68 ? 108 HIS A CA  1 
ATOM   674 C C   . HIS A 1 87  ? 16.739  1.593   -5.347  1.00 19.81 ? 108 HIS A C   1 
ATOM   675 O O   . HIS A 1 87  ? 15.737  2.093   -4.845  1.00 18.92 ? 108 HIS A O   1 
ATOM   676 C CB  . HIS A 1 87  ? 18.366  3.473   -5.327  1.00 25.87 ? 108 HIS A CB  1 
ATOM   677 C CG  . HIS A 1 87  ? 19.307  2.880   -4.324  1.00 31.87 ? 108 HIS A CG  1 
ATOM   678 N ND1 . HIS A 1 87  ? 18.882  2.379   -3.111  1.00 36.77 ? 108 HIS A ND1 1 
ATOM   679 C CD2 . HIS A 1 87  ? 20.647  2.702   -4.357  1.00 38.32 ? 108 HIS A CD2 1 
ATOM   680 C CE1 . HIS A 1 87  ? 19.923  1.921   -2.439  1.00 35.82 ? 108 HIS A CE1 1 
ATOM   681 N NE2 . HIS A 1 87  ? 21.007  2.103   -3.172  1.00 44.39 ? 108 HIS A NE2 1 
ATOM   682 N N   . PRO A 1 88  ? 17.068  0.308   -5.166  1.00 19.33 ? 109 PRO A N   1 
ATOM   683 C CA  . PRO A 1 88  ? 16.131  -0.557  -4.441  1.00 16.85 ? 109 PRO A CA  1 
ATOM   684 C C   . PRO A 1 88  ? 16.260  -0.454  -2.924  1.00 16.01 ? 109 PRO A C   1 
ATOM   685 O O   . PRO A 1 88  ? 17.364  -0.313  -2.390  1.00 18.69 ? 109 PRO A O   1 
ATOM   686 C CB  . PRO A 1 88  ? 16.526  -1.960  -4.904  1.00 17.35 ? 109 PRO A CB  1 
ATOM   687 C CG  . PRO A 1 88  ? 17.975  -1.846  -5.233  1.00 24.10 ? 109 PRO A CG  1 
ATOM   688 C CD  . PRO A 1 88  ? 18.194  -0.444  -5.745  1.00 21.29 ? 109 PRO A CD  1 
ATOM   689 N N   . HIS A 1 89  ? 15.119  -0.506  -2.244  1.00 11.22 ? 110 HIS A N   1 
ATOM   690 C CA  . HIS A 1 89  ? 15.086  -0.701  -0.801  1.00 10.29 ? 110 HIS A CA  1 
ATOM   691 C C   . HIS A 1 89  ? 14.174  -1.866  -0.501  1.00 9.64  ? 110 HIS A C   1 
ATOM   692 O O   . HIS A 1 89  ? 13.125  -2.006  -1.128  1.00 12.18 ? 110 HIS A O   1 
ATOM   693 C CB  . HIS A 1 89  ? 14.555  0.538   -0.090  1.00 12.11 ? 110 HIS A CB  1 
ATOM   694 C CG  . HIS A 1 89  ? 15.423  1.737   -0.265  1.00 13.33 ? 110 HIS A CG  1 
ATOM   695 N ND1 . HIS A 1 89  ? 16.679  1.830   0.297   1.00 15.90 ? 110 HIS A ND1 1 
ATOM   696 C CD2 . HIS A 1 89  ? 15.229  2.890   -0.946  1.00 19.29 ? 110 HIS A CD2 1 
ATOM   697 C CE1 . HIS A 1 89  ? 17.217  2.991   -0.028  1.00 17.13 ? 110 HIS A CE1 1 
ATOM   698 N NE2 . HIS A 1 89  ? 16.358  3.654   -0.783  1.00 20.28 ? 110 HIS A NE2 1 
ATOM   699 N N   . PHE A 1 90  ? 14.572  -2.706  0.446   1.00 10.84 ? 111 PHE A N   1 
ATOM   700 C CA  . PHE A 1 90  ? 13.694  -3.770  0.908   1.00 9.38  ? 111 PHE A CA  1 
ATOM   701 C C   . PHE A 1 90  ? 13.076  -3.415  2.249   1.00 8.65  ? 111 PHE A C   1 
ATOM   702 O O   . PHE A 1 90  ? 13.739  -2.861  3.139   1.00 9.78  ? 111 PHE A O   1 
ATOM   703 C CB  . PHE A 1 90  ? 14.365  -5.159  0.910   1.00 11.36 ? 111 PHE A CB  1 
ATOM   704 C CG  . PHE A 1 90  ? 15.563  -5.294  1.823   1.00 12.49 ? 111 PHE A CG  1 
ATOM   705 C CD1 . PHE A 1 90  ? 15.416  -5.773  3.123   1.00 17.14 ? 111 PHE A CD1 1 
ATOM   706 C CD2 . PHE A 1 90  ? 16.843  -5.012  1.361   1.00 14.37 ? 111 PHE A CD2 1 
ATOM   707 C CE1 . PHE A 1 90  ? 16.519  -5.932  3.953   1.00 16.56 ? 111 PHE A CE1 1 
ATOM   708 C CE2 . PHE A 1 90  ? 17.948  -5.168  2.189   1.00 21.18 ? 111 PHE A CE2 1 
ATOM   709 C CZ  . PHE A 1 90  ? 17.782  -5.626  3.487   1.00 21.72 ? 111 PHE A CZ  1 
ATOM   710 N N   . VAL A 1 91  ? 11.780  -3.692  2.360   1.00 8.50  ? 112 VAL A N   1 
ATOM   711 C CA  . VAL A 1 91  ? 11.006  -3.360  3.548   1.00 8.11  ? 112 VAL A CA  1 
ATOM   712 C C   . VAL A 1 91  ? 9.982   -4.451  3.795   1.00 9.21  ? 112 VAL A C   1 
ATOM   713 O O   . VAL A 1 91  ? 9.746   -5.302  2.936   1.00 9.63  ? 112 VAL A O   1 
ATOM   714 C CB  . VAL A 1 91  ? 10.258  -2.015  3.395   1.00 9.11  ? 112 VAL A CB  1 
ATOM   715 C CG1 . VAL A 1 91  ? 11.237  -0.866  3.133   1.00 11.12 ? 112 VAL A CG1 1 
ATOM   716 C CG2 . VAL A 1 91  ? 9.207   -2.098  2.295   1.00 12.90 ? 112 VAL A CG2 1 
ATOM   717 N N   . ILE A 1 92  ? 9.373   -4.438  4.971   1.00 9.56  ? 113 ILE A N   1 
ATOM   718 C CA  . ILE A 1 92  ? 8.234   -5.305  5.218   1.00 8.52  ? 113 ILE A CA  1 
ATOM   719 C C   . ILE A 1 92  ? 6.974   -4.478  4.998   1.00 8.62  ? 113 ILE A C   1 
ATOM   720 O O   . ILE A 1 92  ? 6.722   -3.520  5.718   1.00 9.03  ? 113 ILE A O   1 
ATOM   721 C CB  . ILE A 1 92  ? 8.294   -5.915  6.613   1.00 10.85 ? 113 ILE A CB  1 
ATOM   722 C CG1 . ILE A 1 92  ? 9.570   -6.749  6.742   1.00 15.14 ? 113 ILE A CG1 1 
ATOM   723 C CG2 . ILE A 1 92  ? 7.079   -6.795  6.863   1.00 12.93 ? 113 ILE A CG2 1 
ATOM   724 C CD1 . ILE A 1 92  ? 9.840   -7.222  8.108   1.00 21.71 ? 113 ILE A CD1 1 
ATOM   725 N N   . PRO A 1 93  ? 6.195   -4.824  3.966   1.00 8.00  ? 114 PRO A N   1 
ATOM   726 C CA  . PRO A 1 93  ? 4.977   -4.054  3.698   1.00 7.54  ? 114 PRO A CA  1 
ATOM   727 C C   . PRO A 1 93  ? 3.868   -4.422  4.668   1.00 7.45  ? 114 PRO A C   1 
ATOM   728 O O   . PRO A 1 93  ? 3.954   -5.435  5.374   1.00 8.82  ? 114 PRO A O   1 
ATOM   729 C CB  . PRO A 1 93  ? 4.592   -4.492  2.287   1.00 10.32 ? 114 PRO A CB  1 
ATOM   730 C CG  . PRO A 1 93  ? 5.107   -5.900  2.194   1.00 15.60 ? 114 PRO A CG  1 
ATOM   731 C CD  . PRO A 1 93  ? 6.357   -5.960  3.040   1.00 10.39 ? 114 PRO A CD  1 
ATOM   732 N N   . TYR A 1 94  ? 2.846   -3.581  4.714   1.00 7.85  ? 115 TYR A N   1 
ATOM   733 C CA  . TYR A 1 94  ? 1.621   -3.873  5.451   1.00 8.25  ? 115 TYR A CA  1 
ATOM   734 C C   . TYR A 1 94  ? 0.531   -4.252  4.474   1.00 8.39  ? 115 TYR A C   1 
ATOM   735 O O   . TYR A 1 94  ? 0.263   -3.522  3.505   1.00 9.02  ? 115 TYR A O   1 
ATOM   736 C CB  . TYR A 1 94  ? 1.172   -2.659  6.256   1.00 7.86  ? 115 TYR A CB  1 
ATOM   737 C CG  . TYR A 1 94  ? 1.848   -2.558  7.596   1.00 8.65  ? 115 TYR A CG  1 
ATOM   738 C CD1 . TYR A 1 94  ? 3.130   -2.032  7.711   1.00 9.23  ? 115 TYR A CD1 1 
ATOM   739 C CD2 . TYR A 1 94  ? 1.205   -2.989  8.757   1.00 9.71  ? 115 TYR A CD2 1 
ATOM   740 C CE1 . TYR A 1 94  ? 3.760   -1.949  8.956   1.00 10.23 ? 115 TYR A CE1 1 
ATOM   741 C CE2 . TYR A 1 94  ? 1.812   -2.896  9.989   1.00 10.45 ? 115 TYR A CE2 1 
ATOM   742 C CZ  . TYR A 1 94  ? 3.089   -2.389  10.080  1.00 10.33 ? 115 TYR A CZ  1 
ATOM   743 O OH  . TYR A 1 94  ? 3.680   -2.305  11.319  1.00 14.21 ? 115 TYR A OH  1 
ATOM   744 N N   . ARG A 1 95  ? -0.103  -5.397  4.716   1.00 8.24  ? 116 ARG A N   1 
ATOM   745 C CA  . ARG A 1 95  ? -1.297  -5.778  3.974   1.00 8.19  ? 116 ARG A CA  1 
ATOM   746 C C   . ARG A 1 95  ? -2.497  -4.987  4.469   1.00 7.93  ? 116 ARG A C   1 
ATOM   747 O O   . ARG A 1 95  ? -2.708  -4.842  5.684   1.00 9.12  ? 116 ARG A O   1 
ATOM   748 C CB  . ARG A 1 95  ? -1.570  -7.269  4.137   1.00 9.70  ? 116 ARG A CB  1 
ATOM   749 C CG  . ARG A 1 95  ? -0.455  -8.144  3.591   1.00 15.12 ? 116 ARG A CG  1 
ATOM   750 C CD  . ARG A 1 95  ? -0.615  -9.591  4.031   1.00 20.68 ? 116 ARG A CD  1 
ATOM   751 N NE  . ARG A 1 95  ? -1.886  -10.163 3.587   1.00 23.09 ? 116 ARG A NE  1 
ATOM   752 C CZ  . ARG A 1 95  ? -2.643  -10.961 4.333   1.00 25.47 ? 116 ARG A CZ  1 
ATOM   753 N NH1 . ARG A 1 95  ? -2.264  -11.284 5.562   1.00 24.76 ? 116 ARG A NH1 1 
ATOM   754 N NH2 . ARG A 1 95  ? -3.786  -11.431 3.851   1.00 28.49 ? 116 ARG A NH2 1 
ATOM   755 N N   . CYS A 1 96  ? -3.275  -4.473  3.519   1.00 7.18  ? 117 CYS A N   1 
ATOM   756 C CA  . CYS A 1 96  ? -4.523  -3.766  3.824   1.00 8.54  ? 117 CYS A CA  1 
ATOM   757 C C   . CYS A 1 96  ? -5.617  -4.822  3.779   1.00 9.20  ? 117 CYS A C   1 
ATOM   758 O O   . CYS A 1 96  ? -5.890  -5.386  2.723   1.00 9.59  ? 117 CYS A O   1 
ATOM   759 C CB  . CYS A 1 96  ? -4.781  -2.651  2.797   1.00 8.23  ? 117 CYS A CB  1 
ATOM   760 S SG  . CYS A 1 96  ? -3.447  -1.416  2.636   1.00 9.14  ? 117 CYS A SG  1 
ATOM   761 N N   . LEU A 1 97  ? -6.219  -5.108  4.930   1.00 9.33  ? 118 LEU A N   1 
ATOM   762 C CA  . LEU A 1 97  ? -7.162  -6.218  5.051   1.00 10.83 ? 118 LEU A CA  1 
ATOM   763 C C   . LEU A 1 97  ? -8.601  -5.768  4.852   1.00 9.53  ? 118 LEU A C   1 
ATOM   764 O O   . LEU A 1 97  ? -9.121  -4.903  5.575   1.00 10.10 ? 118 LEU A O   1 
ATOM   765 C CB  . LEU A 1 97  ? -7.000  -6.917  6.407   1.00 9.54  ? 118 LEU A CB  1 
ATOM   766 C CG  . LEU A 1 97  ? -5.576  -7.391  6.709   1.00 9.51  ? 118 LEU A CG  1 
ATOM   767 C CD1 . LEU A 1 97  ? -5.470  -7.911  8.144   1.00 14.01 ? 118 LEU A CD1 1 
ATOM   768 C CD2 . LEU A 1 97  ? -5.148  -8.467  5.714   1.00 13.08 ? 118 LEU A CD2 1 
ATOM   769 N N   . VAL A 1 98  ? -9.239  -6.381  3.867   1.00 9.62  ? 119 VAL A N   1 
ATOM   770 C CA  . VAL A 1 98  ? -10.645 -6.149  3.564   1.00 10.96 ? 119 VAL A CA  1 
ATOM   771 C C   . VAL A 1 98  ? -11.520 -6.736  4.668   1.00 13.01 ? 119 VAL A C   1 
ATOM   772 O O   . VAL A 1 98  ? -11.295 -7.865  5.131   1.00 15.60 ? 119 VAL A O   1 
ATOM   773 C CB  . VAL A 1 98  ? -11.001 -6.784  2.202   1.00 12.47 ? 119 VAL A CB  1 
ATOM   774 C CG1 . VAL A 1 98  ? -12.493 -6.665  1.916   1.00 13.97 ? 119 VAL A CG1 1 
ATOM   775 C CG2 . VAL A 1 98  ? -10.159 -6.148  1.086   1.00 13.19 ? 119 VAL A CG2 1 
ATOM   776 N N   . GLY A 1 99  ? -12.503 -5.961  5.113   1.00 11.89 ? 120 GLY A N   1 
ATOM   777 C CA  . GLY A 1 99  ? -13.427 -6.430  6.127   1.00 12.19 ? 120 GLY A CA  1 
ATOM   778 C C   . GLY A 1 99  ? -14.733 -6.938  5.543   1.00 11.59 ? 120 GLY A C   1 
ATOM   779 O O   . GLY A 1 99  ? -15.216 -6.437  4.522   1.00 13.41 ? 120 GLY A O   1 
ATOM   780 N N   . GLU A 1 100 ? -15.305 -7.944  6.195   1.00 10.33 ? 121 GLU A N   1 
ATOM   781 C CA  . GLU A 1 100 ? -16.632 -8.440  5.862   1.00 11.26 ? 121 GLU A CA  1 
ATOM   782 C C   . GLU A 1 100 ? -17.620 -7.909  6.881   1.00 10.83 ? 121 GLU A C   1 
ATOM   783 O O   . GLU A 1 100 ? -17.656 -8.382  8.018   1.00 11.43 ? 121 GLU A O   1 
ATOM   784 C CB  . GLU A 1 100 ? -16.662 -9.970  5.874   1.00 14.00 ? 121 GLU A CB  1 
ATOM   785 C CG  . GLU A 1 100 ? -18.035 -10.551 5.634   1.00 16.66 ? 121 GLU A CG  1 
ATOM   786 C CD  . GLU A 1 100 ? -18.034 -12.065 5.497   1.00 17.62 ? 121 GLU A CD  1 
ATOM   787 O OE1 . GLU A 1 100 ? -16.938 -12.657 5.420   1.00 22.60 ? 121 GLU A OE1 1 
ATOM   788 O OE2 . GLU A 1 100 ? -19.135 -12.649 5.467   1.00 25.99 ? 121 GLU A OE2 1 
ATOM   789 N N   . PHE A 1 101 ? -18.412 -6.919  6.494   1.00 11.24 ? 122 PHE A N   1 
ATOM   790 C CA  . PHE A 1 101 ? -19.373 -6.313  7.408   1.00 11.53 ? 122 PHE A CA  1 
ATOM   791 C C   . PHE A 1 101 ? -20.567 -7.210  7.647   1.00 12.77 ? 122 PHE A C   1 
ATOM   792 O O   . PHE A 1 101 ? -21.129 -7.779  6.706   1.00 14.56 ? 122 PHE A O   1 
ATOM   793 C CB  . PHE A 1 101 ? -19.839 -4.945  6.894   1.00 14.30 ? 122 PHE A CB  1 
ATOM   794 C CG  . PHE A 1 101 ? -18.766 -3.905  6.913   1.00 15.08 ? 122 PHE A CG  1 
ATOM   795 C CD1 . PHE A 1 101 ? -18.268 -3.428  8.111   1.00 18.59 ? 122 PHE A CD1 1 
ATOM   796 C CD2 . PHE A 1 101 ? -18.258 -3.396  5.728   1.00 22.49 ? 122 PHE A CD2 1 
ATOM   797 C CE1 . PHE A 1 101 ? -17.268 -2.471  8.136   1.00 20.38 ? 122 PHE A CE1 1 
ATOM   798 C CE2 . PHE A 1 101 ? -17.256 -2.432  5.743   1.00 24.16 ? 122 PHE A CE2 1 
ATOM   799 C CZ  . PHE A 1 101 ? -16.764 -1.970  6.953   1.00 23.23 ? 122 PHE A CZ  1 
ATOM   800 N N   . VAL A 1 102 ? -20.961 -7.308  8.918   1.00 12.56 ? 123 VAL A N   1 
ATOM   801 C CA  . VAL A 1 102 ? -22.134 -8.063  9.350   1.00 15.65 ? 123 VAL A CA  1 
ATOM   802 C C   . VAL A 1 102 ? -23.011 -7.178  10.242  1.00 16.58 ? 123 VAL A C   1 
ATOM   803 O O   . VAL A 1 102 ? -22.550 -6.149  10.745  1.00 18.43 ? 123 VAL A O   1 
ATOM   804 C CB  . VAL A 1 102 ? -21.732 -9.331  10.139  1.00 16.02 ? 123 VAL A CB  1 
ATOM   805 C CG1 . VAL A 1 102 ? -20.811 -10.208 9.305   1.00 22.39 ? 123 VAL A CG1 1 
ATOM   806 C CG2 . VAL A 1 102 ? -21.050 -8.950  11.444  1.00 18.89 ? 123 VAL A CG2 1 
ATOM   807 N N   . SER A 1 103 ? -24.261 -7.585  10.448  1.00 18.61 ? 124 SER A N   1 
ATOM   808 C CA  . SER A 1 103 ? -25.194 -6.792  11.246  1.00 20.11 ? 124 SER A CA  1 
ATOM   809 C C   . SER A 1 103 ? -25.196 -7.219  12.710  1.00 21.64 ? 124 SER A C   1 
ATOM   810 O O   . SER A 1 103 ? -25.019 -8.399  13.020  1.00 29.16 ? 124 SER A O   1 
ATOM   811 C CB  . SER A 1 103 ? -26.616 -6.910  10.693  1.00 26.35 ? 124 SER A CB  1 
ATOM   812 O OG  . SER A 1 103 ? -26.678 -6.491  9.343   1.00 37.85 ? 124 SER A OG  1 
ATOM   813 N N   . ASP A 1 104 ? -25.399 -6.256  13.608  1.00 17.35 ? 125 ASP A N   1 
ATOM   814 C CA  . ASP A 1 104 ? -25.562 -6.550  15.028  1.00 15.89 ? 125 ASP A CA  1 
ATOM   815 C C   . ASP A 1 104 ? -26.856 -5.966  15.565  1.00 17.10 ? 125 ASP A C   1 
ATOM   816 O O   . ASP A 1 104 ? -27.323 -4.922  15.102  1.00 20.69 ? 125 ASP A O   1 
ATOM   817 C CB  . ASP A 1 104 ? -24.405 -5.969  15.838  1.00 20.77 ? 125 ASP A CB  1 
ATOM   818 C CG  . ASP A 1 104 ? -23.085 -6.629  15.542  1.00 21.67 ? 125 ASP A CG  1 
ATOM   819 O OD1 . ASP A 1 104 ? -23.050 -7.734  14.960  1.00 24.91 ? 125 ASP A OD1 1 
ATOM   820 O OD2 . ASP A 1 104 ? -22.074 -6.019  15.917  1.00 26.27 ? 125 ASP A OD2 1 
ATOM   821 N N   . ALA A 1 105 ? -27.443 -6.649  16.544  1.00 17.81 ? 126 ALA A N   1 
ATOM   822 C CA  . ALA A 1 105 ? -28.610 -6.133  17.250  1.00 19.07 ? 126 ALA A CA  1 
ATOM   823 C C   . ALA A 1 105 ? -28.206 -4.975  18.155  1.00 25.70 ? 126 ALA A C   1 
ATOM   824 O O   . ALA A 1 105 ? -27.022 -4.754  18.397  1.00 20.59 ? 126 ALA A O   1 
ATOM   825 C CB  . ALA A 1 105 ? -29.278 -7.237  18.072  1.00 19.83 ? 126 ALA A CB  1 
HETATM 826 O O   . HOH B 2 .   ? 1.591   4.998   -1.978  1.00 9.42  ? 201 HOH A O   1 
HETATM 827 O O   . HOH B 2 .   ? 10.933  -12.110 -0.120  1.00 9.98  ? 202 HOH A O   1 
HETATM 828 O O   . HOH B 2 .   ? 7.648   6.001   3.063   1.00 10.84 ? 203 HOH A O   1 
HETATM 829 O O   . HOH B 2 .   ? -10.982 1.188   2.518   1.00 11.25 ? 204 HOH A O   1 
HETATM 830 O O   . HOH B 2 .   ? 6.201   -0.724  5.311   1.00 9.99  ? 205 HOH A O   1 
HETATM 831 O O   . HOH B 2 .   ? 7.830   6.757   -3.264  1.00 11.79 ? 206 HOH A O   1 
HETATM 832 O O   . HOH B 2 .   ? 9.178   0.155   6.637   1.00 12.58 ? 207 HOH A O   1 
HETATM 833 O O   . HOH B 2 .   ? -14.532 2.194   -8.656  1.00 15.54 ? 208 HOH A O   1 
HETATM 834 O O   . HOH B 2 .   ? -5.101  -0.115  -6.818  1.00 13.37 ? 209 HOH A O   1 
HETATM 835 O O   . HOH B 2 .   ? -14.450 1.367   1.450   1.00 16.84 ? 210 HOH A O   1 
HETATM 836 O O   . HOH B 2 .   ? 12.126  -14.410 3.392   1.00 16.01 ? 211 HOH A O   1 
HETATM 837 O O   . HOH B 2 .   ? 7.168   -2.870  8.404   1.00 12.94 ? 212 HOH A O   1 
HETATM 838 O O   . HOH B 2 .   ? 9.675   -1.861  -7.623  1.00 17.89 ? 213 HOH A O   1 
HETATM 839 O O   . HOH B 2 .   ? -24.443 -10.074 15.843  1.00 14.25 ? 214 HOH A O   1 
HETATM 840 O O   . HOH B 2 .   ? -2.313  10.093  -0.811  1.00 21.61 ? 215 HOH A O   1 
HETATM 841 O O   . HOH B 2 .   ? -0.368  -9.499  -4.651  1.00 20.96 ? 216 HOH A O   1 
HETATM 842 O O   . HOH B 2 .   ? 16.174  -2.047  3.837   1.00 20.43 ? 217 HOH A O   1 
HETATM 843 O O   . HOH B 2 .   ? 1.553   -6.439  12.018  1.00 20.65 ? 218 HOH A O   1 
HETATM 844 O O   . HOH B 2 .   ? -7.958  -8.706  2.657   1.00 18.87 ? 219 HOH A O   1 
HETATM 845 O O   . HOH B 2 .   ? 14.660  5.444   6.300   1.00 20.10 ? 220 HOH A O   1 
HETATM 846 O O   . HOH B 2 .   ? 16.676  -1.476  2.027   1.00 22.25 ? 221 HOH A O   1 
HETATM 847 O O   . HOH B 2 .   ? 6.164   -2.108  11.452  1.00 19.96 ? 222 HOH A O   1 
HETATM 848 O O   . HOH B 2 .   ? -15.117 5.891   -8.212  1.00 24.03 ? 223 HOH A O   1 
HETATM 849 O O   . HOH B 2 .   ? 6.826   -6.770  -5.449  1.00 22.31 ? 224 HOH A O   1 
HETATM 850 O O   . HOH B 2 .   ? -2.239  8.094   8.123   1.00 21.40 ? 225 HOH A O   1 
HETATM 851 O O   . HOH B 2 .   ? -7.215  4.509   11.826  1.00 18.89 ? 226 HOH A O   1 
HETATM 852 O O   . HOH B 2 .   ? -4.006  -7.286  1.267   1.00 21.50 ? 227 HOH A O   1 
HETATM 853 O O   . HOH B 2 .   ? 6.803   -2.306  -9.064  1.00 19.15 ? 228 HOH A O   1 
HETATM 854 O O   . HOH B 2 .   ? 14.363  4.382   -5.014  1.00 17.20 ? 229 HOH A O   1 
HETATM 855 O O   . HOH B 2 .   ? -5.589  -0.318  -9.438  1.00 18.17 ? 230 HOH A O   1 
HETATM 856 O O   . HOH B 2 .   ? -11.462 -0.820  11.544  1.00 23.62 ? 231 HOH A O   1 
HETATM 857 O O   . HOH B 2 .   ? -8.633  -8.516  9.940   1.00 21.75 ? 232 HOH A O   1 
HETATM 858 O O   . HOH B 2 .   ? 4.108   -11.600 1.890   1.00 19.60 ? 233 HOH A O   1 
HETATM 859 O O   . HOH B 2 .   ? -5.757  5.434   -4.902  1.00 20.50 ? 234 HOH A O   1 
HETATM 860 O O   . HOH B 2 .   ? 5.733   15.536  1.589   1.00 21.87 ? 235 HOH A O   1 
HETATM 861 O O   . HOH B 2 .   ? -9.220  4.821   10.054  1.00 24.90 ? 236 HOH A O   1 
HETATM 862 O O   . HOH B 2 .   ? 3.950   6.242   -8.956  1.00 25.37 ? 237 HOH A O   1 
HETATM 863 O O   . HOH B 2 .   ? -17.191 -0.671  -1.609  1.00 24.36 ? 238 HOH A O   1 
HETATM 864 O O   . HOH B 2 .   ? 8.057   0.629   -8.223  1.00 19.41 ? 239 HOH A O   1 
HETATM 865 O O   . HOH B 2 .   ? -10.290 -7.398  8.021   1.00 22.29 ? 240 HOH A O   1 
HETATM 866 O O   . HOH B 2 .   ? 10.542  17.013  -4.090  1.00 24.30 ? 241 HOH A O   1 
HETATM 867 O O   . HOH B 2 .   ? 2.297   -11.953 3.005   1.00 21.98 ? 242 HOH A O   1 
HETATM 868 O O   . HOH B 2 .   ? 10.403  14.595  0.068   1.00 25.97 ? 243 HOH A O   1 
HETATM 869 O O   . HOH B 2 .   ? -13.453 0.711   5.769   1.00 24.61 ? 244 HOH A O   1 
HETATM 870 O O   . HOH B 2 .   ? -9.057  8.691   -0.755  1.00 23.26 ? 245 HOH A O   1 
HETATM 871 O O   . HOH B 2 .   ? -12.715 2.983   3.820   1.00 26.38 ? 246 HOH A O   1 
HETATM 872 O O   . HOH B 2 .   ? -12.132 -5.959  10.915  1.00 24.43 ? 247 HOH A O   1 
HETATM 873 O O   . HOH B 2 .   ? -2.209  -7.081  -10.991 1.00 22.46 ? 248 HOH A O   1 
HETATM 874 O O   . HOH B 2 .   ? 18.340  0.849   2.415   1.00 23.64 ? 249 HOH A O   1 
HETATM 875 O O   . HOH B 2 .   ? 7.484   5.703   -8.449  1.00 25.04 ? 250 HOH A O   1 
HETATM 876 O O   . HOH B 2 .   ? 0.701   7.927   12.834  1.00 23.35 ? 251 HOH A O   1 
HETATM 877 O O   . HOH B 2 .   ? 1.583   1.815   -12.300 1.00 25.53 ? 252 HOH A O   1 
HETATM 878 O O   . HOH B 2 .   ? 1.758   -9.407  0.629   1.00 20.98 ? 253 HOH A O   1 
HETATM 879 O O   . HOH B 2 .   ? 1.129   -9.922  -1.203  1.00 29.65 ? 254 HOH A O   1 
HETATM 880 O O   . HOH B 2 .   ? 2.902   -10.505 10.310  1.00 31.74 ? 255 HOH A O   1 
HETATM 881 O O   . HOH B 2 .   ? 2.037   10.077  6.264   1.00 26.54 ? 256 HOH A O   1 
HETATM 882 O O   . HOH B 2 .   ? -2.920  -6.693  12.778  1.00 25.89 ? 257 HOH A O   1 
HETATM 883 O O   . HOH B 2 .   ? 0.676   -11.361 7.009   1.00 24.30 ? 258 HOH A O   1 
HETATM 884 O O   . HOH B 2 .   ? 0.541   7.603   -7.807  1.00 33.55 ? 259 HOH A O   1 
HETATM 885 O O   . HOH B 2 .   ? 2.922   -7.485  -7.710  1.00 31.62 ? 260 HOH A O   1 
HETATM 886 O O   . HOH B 2 .   ? 2.845   -4.121  13.089  1.00 25.03 ? 261 HOH A O   1 
HETATM 887 O O   . HOH B 2 .   ? 6.076   14.941  -10.774 1.00 35.95 ? 262 HOH A O   1 
HETATM 888 O O   . HOH B 2 .   ? -11.765 1.904   10.298  1.00 28.37 ? 263 HOH A O   1 
HETATM 889 O O   . HOH B 2 .   ? -5.368  -7.028  -13.440 1.00 27.93 ? 264 HOH A O   1 
HETATM 890 O O   . HOH B 2 .   ? -8.174  3.543   13.748  1.00 33.36 ? 265 HOH A O   1 
HETATM 891 O O   . HOH B 2 .   ? 11.636  11.382  -11.008 1.00 34.41 ? 266 HOH A O   1 
HETATM 892 O O   . HOH B 2 .   ? 9.440   -4.346  -6.843  1.00 31.21 ? 267 HOH A O   1 
HETATM 893 O O   . HOH B 2 .   ? 1.599   18.869  2.645   1.00 26.94 ? 268 HOH A O   1 
HETATM 894 O O   . HOH B 2 .   ? 5.712   7.784   -9.169  1.00 30.24 ? 269 HOH A O   1 
HETATM 895 O O   . HOH B 2 .   ? 6.407   3.440   -9.451  1.00 26.33 ? 270 HOH A O   1 
HETATM 896 O O   . HOH B 2 .   ? -20.423 -16.488 -17.720 1.00 31.06 ? 271 HOH A O   1 
HETATM 897 O O   . HOH B 2 .   ? -2.090  3.268   -8.015  1.00 37.24 ? 272 HOH A O   1 
HETATM 898 O O   . HOH B 2 .   ? 3.703   11.144  -10.964 1.00 37.95 ? 273 HOH A O   1 
HETATM 899 O O   . HOH B 2 .   ? -0.866  9.286   5.886   1.00 31.76 ? 274 HOH A O   1 
HETATM 900 O O   . HOH B 2 .   ? 3.728   -14.910 1.729   1.00 33.63 ? 275 HOH A O   1 
HETATM 901 O O   . HOH B 2 .   ? 4.218   4.111   -10.636 1.00 38.52 ? 276 HOH A O   1 
HETATM 902 O O   . HOH B 2 .   ? -0.396  9.303   10.317  1.00 38.63 ? 277 HOH A O   1 
HETATM 903 O O   . HOH B 2 .   ? -4.186  8.180   13.690  1.00 34.94 ? 278 HOH A O   1 
HETATM 904 O O   . HOH B 2 .   ? -12.997 6.676   -4.924  1.00 36.02 ? 279 HOH A O   1 
HETATM 905 O O   . HOH B 2 .   ? -24.932 -9.859  8.742   1.00 33.16 ? 280 HOH A O   1 
HETATM 906 O O   . HOH B 2 .   ? -9.244  -9.776  4.537   1.00 38.15 ? 281 HOH A O   1 
HETATM 907 O O   . HOH B 2 .   ? 0.289   -10.230 -7.430  1.00 36.23 ? 282 HOH A O   1 
HETATM 908 O O   . HOH B 2 .   ? 1.874   -8.076  -4.896  1.00 32.77 ? 283 HOH A O   1 
HETATM 909 O O   . HOH B 2 .   ? -0.359  -8.895  -10.259 1.00 30.68 ? 284 HOH A O   1 
HETATM 910 O O   . HOH B 2 .   ? 1.047   -11.543 0.167   1.00 37.36 ? 285 HOH A O   1 
HETATM 911 O O   . HOH B 2 .   ? 7.672   -1.101  -11.527 1.00 41.90 ? 286 HOH A O   1 
HETATM 912 O O   . HOH B 2 .   ? -6.436  -16.016 -16.802 1.00 34.12 ? 287 HOH A O   1 
HETATM 913 O O   . HOH B 2 .   ? -15.190 1.097   4.493   1.00 38.60 ? 288 HOH A O   1 
HETATM 914 O O   . HOH B 2 .   ? -1.325  5.975   -7.578  1.00 35.71 ? 289 HOH A O   1 
HETATM 915 O O   . HOH B 2 .   ? 10.196  -2.491  6.910   1.00 14.25 ? 290 HOH A O   1 
HETATM 916 O O   . HOH B 2 .   ? -0.054  16.976  2.537   1.00 28.89 ? 291 HOH A O   1 
HETATM 917 O O   . HOH B 2 .   ? 18.383  -1.315  3.470   1.00 31.49 ? 292 HOH A O   1 
HETATM 918 O O   . HOH B 2 .   ? 20.269  0.980   3.502   1.00 34.07 ? 293 HOH A O   1 
HETATM 919 O O   . HOH B 2 .   ? 5.803   -16.614 2.669   1.00 31.45 ? 294 HOH A O   1 
HETATM 920 O O   . HOH B 2 .   ? 19.382  -0.601  1.406   1.00 35.45 ? 295 HOH A O   1 
HETATM 921 O O   . HOH B 2 .   ? 20.755  0.337   0.666   1.00 37.98 ? 296 HOH A O   1 
HETATM 922 O O   . HOH B 2 .   ? -11.169 6.798   2.407   1.00 32.12 ? 297 HOH A O   1 
HETATM 923 O O   . HOH B 2 .   ? -8.566  4.986   16.055  1.00 38.57 ? 298 HOH A O   1 
HETATM 924 O O   . HOH B 2 .   ? -10.096 6.726   6.911   1.00 40.65 ? 299 HOH A O   1 
HETATM 925 O O   . HOH B 2 .   ? -6.199  7.673   -3.432  1.00 35.68 ? 300 HOH A O   1 
HETATM 926 O O   . HOH B 2 .   ? -0.340  -13.095 3.232   1.00 32.91 ? 301 HOH A O   1 
HETATM 927 O O   . HOH B 2 .   ? 6.621   10.394  -10.797 1.00 40.90 ? 302 HOH A O   1 
HETATM 928 O O   . HOH B 2 .   ? -4.310  -12.622 6.911   1.00 43.43 ? 303 HOH A O   1 
HETATM 929 O O   . HOH B 2 .   ? 17.247  6.185   -11.345 1.00 39.75 ? 304 HOH A O   1 
HETATM 930 O O   . HOH B 2 .   ? 22.967  1.551   -0.927  1.00 44.60 ? 305 HOH A O   1 
HETATM 931 O O   . HOH B 2 .   ? 1.821   10.321  9.729   1.00 37.15 ? 306 HOH A O   1 
HETATM 932 O O   . HOH B 2 .   ? -22.051 -3.347  9.566   1.00 40.60 ? 307 HOH A O   1 
HETATM 933 O O   . HOH B 2 .   ? -14.773 0.847   8.563   1.00 43.99 ? 308 HOH A O   1 
HETATM 934 O O   . HOH B 2 .   ? -0.021  -11.647 -3.089  1.00 39.04 ? 309 HOH A O   1 
HETATM 935 O O   . HOH B 2 .   ? 15.564  7.117   8.708   1.00 42.51 ? 310 HOH A O   1 
HETATM 936 O O   . HOH B 2 .   ? -2.220  -13.259 1.477   1.00 43.31 ? 311 HOH A O   1 
HETATM 937 O O   . HOH B 2 .   ? 10.171  -2.304  9.894   1.00 33.02 ? 312 HOH A O   1 
HETATM 938 O O   . HOH B 2 .   ? -18.522 -0.669  0.956   1.00 32.46 ? 313 HOH A O   1 
HETATM 939 O O   . HOH B 2 .   ? -17.184 0.888   0.572   1.00 38.05 ? 314 HOH A O   1 
HETATM 940 O O   . HOH B 2 .   ? 3.771   14.529  4.719   1.00 45.32 ? 315 HOH A O   1 
HETATM 941 O O   . HOH B 2 .   ? -8.283  -2.421  12.806  1.00 36.49 ? 316 HOH A O   1 
HETATM 942 O O   . HOH B 2 .   ? -6.612  7.181   12.601  1.00 35.10 ? 317 HOH A O   1 
HETATM 943 O O   . HOH B 2 .   ? 12.623  15.278  -10.235 1.00 36.96 ? 318 HOH A O   1 
HETATM 944 O O   . HOH B 2 .   ? -18.828 -18.304 -16.594 1.00 38.99 ? 319 HOH A O   1 
HETATM 945 O O   . HOH B 2 .   ? 4.539   -7.482  -1.131  1.00 18.31 ? 320 HOH A O   1 
HETATM 946 O O   . HOH B 2 .   ? -1.580  -10.530 -9.468  1.00 33.59 ? 321 HOH A O   1 
HETATM 947 O O   . HOH B 2 .   ? 3.283   12.252  5.631   1.00 33.67 ? 322 HOH A O   1 
HETATM 948 O O   . HOH B 2 .   ? 8.860   -10.934 6.852   1.00 33.38 ? 323 HOH A O   1 
HETATM 949 O O   . HOH B 2 .   ? -6.767  1.185   -11.243 1.00 43.49 ? 324 HOH A O   1 
HETATM 950 O O   . HOH B 2 .   ? 11.261  13.755  -11.375 1.00 50.79 ? 325 HOH A O   1 
HETATM 951 O O   . HOH B 2 .   ? -8.423  4.065   17.879  1.00 36.26 ? 326 HOH A O   1 
HETATM 952 O O   . HOH B 2 .   ? 1.510   -4.955  -15.257 1.00 44.61 ? 327 HOH A O   1 
HETATM 953 O O   . HOH B 2 .   ? -0.414  -6.099  14.101  1.00 53.63 ? 328 HOH A O   1 
HETATM 954 O O   . HOH B 2 .   ? 3.058   8.821   11.858  1.00 27.43 ? 329 HOH A O   1 
HETATM 955 O O   . HOH B 2 .   ? 14.014  9.465   -4.309  1.00 28.82 ? 330 HOH A O   1 
HETATM 956 O O   . HOH B 2 .   ? -3.210  -9.535  1.653   1.00 40.05 ? 331 HOH A O   1 
HETATM 957 O O   . HOH B 2 .   ? -8.352  -9.802  0.149   1.00 44.98 ? 332 HOH A O   1 
HETATM 958 O O   . HOH B 2 .   ? 15.839  5.840   -2.640  1.00 37.41 ? 333 HOH A O   1 
HETATM 959 O O   . HOH B 2 .   ? 6.365   21.592  -8.168  1.00 38.57 ? 334 HOH A O   1 
HETATM 960 O O   . HOH B 2 .   ? 16.022  10.028  -3.261  1.00 48.78 ? 335 HOH A O   1 
HETATM 961 O O   . HOH B 2 .   ? 12.966  16.753  -5.694  1.00 47.21 ? 336 HOH A O   1 
HETATM 962 O O   . HOH B 2 .   ? -6.117  -6.522  14.789  1.00 41.08 ? 337 HOH A O   1 
HETATM 963 O O   . HOH B 2 .   ? 0.652   -3.456  14.357  1.00 49.74 ? 338 HOH A O   1 
HETATM 964 O O   . HOH B 2 .   ? 0.816   15.164  4.466   1.00 35.63 ? 339 HOH A O   1 
HETATM 965 O O   . HOH B 2 .   ? 9.244   -5.521  11.348  1.00 36.48 ? 340 HOH A O   1 
HETATM 966 O O   . HOH B 2 .   ? -2.300  -2.500  -17.217 1.00 42.87 ? 341 HOH A O   1 
HETATM 967 O O   . HOH B 2 .   ? -1.957  -5.233  -16.264 1.00 44.99 ? 342 HOH A O   1 
HETATM 968 O O   . HOH B 2 .   ? 18.122  -3.162  5.634   1.00 50.20 ? 343 HOH A O   1 
HETATM 969 O O   . HOH B 2 .   ? 3.715   10.787  8.062   1.00 38.82 ? 344 HOH A O   1 
HETATM 970 O O   . HOH B 2 .   ? 4.776   -8.359  -3.616  1.00 38.29 ? 345 HOH A O   1 
HETATM 971 O O   . HOH B 2 .   ? -0.004  -0.543  -16.450 1.00 43.46 ? 346 HOH A O   1 
HETATM 972 O O   . HOH B 2 .   ? 9.586   11.969  2.244   1.00 31.75 ? 347 HOH A O   1 
HETATM 973 O O   . HOH B 2 .   ? -17.030 -15.650 5.071   1.00 36.21 ? 348 HOH A O   1 
HETATM 974 O O   . HOH B 2 .   ? 10.046  11.842  4.558   1.00 33.91 ? 349 HOH A O   1 
HETATM 975 O O   . HOH B 2 .   ? -20.571 -4.132  1.676   1.00 34.86 ? 350 HOH A O   1 
HETATM 976 O O   . HOH B 2 .   ? -4.329  1.636   -12.523 1.00 40.28 ? 351 HOH A O   1 
HETATM 977 O O   . HOH B 2 .   ? 0.558   10.182  14.803  1.00 43.36 ? 352 HOH A O   1 
HETATM 978 O O   . HOH B 2 .   ? -26.220 -8.425  6.882   1.00 46.35 ? 353 HOH A O   1 
HETATM 979 O O   . HOH B 2 .   ? 17.753  17.877  -8.877  1.00 52.37 ? 354 HOH A O   1 
HETATM 980 O O   . HOH B 2 .   ? 5.609   -5.228  -9.081  1.00 36.36 ? 355 HOH A O   1 
HETATM 981 O O   . HOH B 2 .   ? 5.084   -6.162  -12.502 1.00 44.45 ? 356 HOH A O   1 
HETATM 982 O O   . HOH B 2 .   ? -3.937  4.864   -6.990  1.00 42.28 ? 357 HOH A O   1 
HETATM 983 O O   . HOH B 2 .   ? 19.566  -2.354  -2.045  1.00 43.72 ? 358 HOH A O   1 
HETATM 984 O O   . HOH B 2 .   ? 2.661   0.712   -16.334 1.00 49.88 ? 359 HOH A O   1 
HETATM 985 O O   . HOH B 2 .   ? 9.576   13.392  3.419   1.00 48.53 ? 360 HOH A O   1 
HETATM 986 O O   . HOH B 2 .   ? -17.796 -17.587 3.422   1.00 49.49 ? 361 HOH A O   1 
# 
loop_
_atom_site_anisotrop.id 
_atom_site_anisotrop.type_symbol 
_atom_site_anisotrop.pdbx_label_atom_id 
_atom_site_anisotrop.pdbx_label_alt_id 
_atom_site_anisotrop.pdbx_label_comp_id 
_atom_site_anisotrop.pdbx_label_asym_id 
_atom_site_anisotrop.pdbx_label_seq_id 
_atom_site_anisotrop.pdbx_PDB_ins_code 
_atom_site_anisotrop.U[1][1] 
_atom_site_anisotrop.U[2][2] 
_atom_site_anisotrop.U[3][3] 
_atom_site_anisotrop.U[1][2] 
_atom_site_anisotrop.U[1][3] 
_atom_site_anisotrop.U[2][3] 
_atom_site_anisotrop.pdbx_auth_seq_id 
_atom_site_anisotrop.pdbx_auth_comp_id 
_atom_site_anisotrop.pdbx_auth_asym_id 
_atom_site_anisotrop.pdbx_auth_atom_id 
1   N N   . THR A 1   ? 0.8447 0.9865 0.6849 -0.1204 -0.3005 -0.1411 22  THR A N   
2   C CA  . THR A 1   ? 0.7875 0.9442 0.6369 -0.0870 -0.2836 -0.1000 22  THR A CA  
3   C C   . THR A 1   ? 0.7420 0.8473 0.6175 -0.0935 -0.2501 -0.0921 22  THR A C   
4   O O   . THR A 1   ? 0.7228 0.8333 0.6157 -0.0644 -0.2191 -0.0615 22  THR A O   
5   C CB  . THR A 1   ? 0.7642 1.0129 0.6926 -0.0750 -0.3053 -0.0701 22  THR A CB  
6   O OG1 . THR A 1   ? 0.7766 1.0546 0.8010 -0.1086 -0.3049 -0.0697 22  THR A OG1 
7   C CG2 . THR A 1   ? 0.8107 1.0979 0.7194 -0.0622 -0.3458 -0.0793 22  THR A CG2 
8   N N   . ASP A 2   ? 0.7765 0.8326 0.6580 -0.1237 -0.2391 -0.1196 23  ASP A N   
9   C CA  . ASP A 2   ? 0.6756 0.7077 0.6108 -0.1301 -0.2022 -0.1100 23  ASP A CA  
10  C C   . ASP A 2   ? 0.6417 0.6426 0.5584 -0.0954 -0.1592 -0.0885 23  ASP A C   
11  O O   . ASP A 2   ? 0.7337 0.6929 0.5832 -0.0761 -0.1457 -0.0923 23  ASP A O   
12  C CB  . ASP A 2   ? 0.7405 0.7174 0.6750 -0.1654 -0.1958 -0.1422 23  ASP A CB  
13  C CG  . ASP A 2   ? 0.7761 0.8026 0.7741 -0.1975 -0.2211 -0.1561 23  ASP A CG  
14  O OD1 . ASP A 2   ? 0.7732 0.8820 0.8330 -0.1971 -0.2434 -0.1340 23  ASP A OD1 
15  O OD2 . ASP A 2   ? 0.8472 0.8311 0.8367 -0.2203 -0.2168 -0.1876 23  ASP A OD2 
16  N N   . GLY A 3   ? 0.4925 0.5148 0.4717 -0.0884 -0.1381 -0.0651 24  GLY A N   
17  C CA  . GLY A 3   ? 0.3440 0.3599 0.3163 -0.0571 -0.1112 -0.0411 24  GLY A CA  
18  C C   . GLY A 3   ? 0.3321 0.2944 0.2777 -0.0484 -0.0792 -0.0459 24  GLY A C   
19  O O   . GLY A 3   ? 0.3527 0.2775 0.2880 -0.0612 -0.0681 -0.0634 24  GLY A O   
20  N N   . ASN A 4   ? 0.3046 0.2643 0.2401 -0.0258 -0.0634 -0.0286 25  ASN A N   
21  C CA  . ASN A 4   ? 0.2869 0.2143 0.2137 -0.0176 -0.0374 -0.0278 25  ASN A CA  
22  C C   . ASN A 4   ? 0.2551 0.1921 0.1947 -0.0012 -0.0282 -0.0085 25  ASN A C   
23  O O   . ASN A 4   ? 0.2631 0.1901 0.1776 0.0090  -0.0227 -0.0018 25  ASN A O   
24  C CB  . ASN A 4   ? 0.3213 0.2165 0.1974 -0.0131 -0.0287 -0.0366 25  ASN A CB  
25  C CG  . ASN A 4   ? 0.3075 0.1805 0.1877 -0.0080 -0.0029 -0.0351 25  ASN A CG  
26  O OD1 . ASN A 4   ? 0.2710 0.1551 0.1852 -0.0051 0.0046  -0.0268 25  ASN A OD1 
27  N ND2 . ASN A 4   ? 0.3430 0.1864 0.1863 -0.0032 0.0111  -0.0406 25  ASN A ND2 
28  N N   . ALA A 5   ? 0.2297 0.1785 0.2043 0.0022  -0.0239 0.0007  26  ALA A N   
29  C CA  . ALA A 5   ? 0.2155 0.1596 0.1900 0.0185  -0.0145 0.0152  26  ALA A CA  
30  C C   . ALA A 5   ? 0.2127 0.1323 0.1708 0.0192  -0.0037 0.0090  26  ALA A C   
31  O O   . ALA A 5   ? 0.2265 0.1324 0.1716 0.0258  0.0003  0.0143  26  ALA A O   
32  C CB  . ALA A 5   ? 0.2014 0.1556 0.2071 0.0266  -0.0082 0.0264  26  ALA A CB  
33  N N   . GLY A 6   ? 0.2115 0.1256 0.1721 0.0117  0.0016  -0.0015 27  GLY A N   
34  C CA  . GLY A 6   ? 0.2147 0.1211 0.1729 0.0124  0.0104  -0.0033 27  GLY A CA  
35  C C   . GLY A 6   ? 0.2237 0.1216 0.1655 0.0093  0.0143  -0.0013 27  GLY A C   
36  O O   . GLY A 6   ? 0.2312 0.1304 0.1836 0.0064  0.0207  0.0004  27  GLY A O   
37  N N   . LEU A 7   ? 0.2430 0.1360 0.1625 0.0110  0.0110  0.0008  28  LEU A N   
38  C CA  . LEU A 7   ? 0.2656 0.1444 0.1659 0.0139  0.0209  0.0078  28  LEU A CA  
39  C C   . LEU A 7   ? 0.2672 0.1346 0.1718 0.0145  0.0240  0.0153  28  LEU A C   
40  O O   . LEU A 7   ? 0.2963 0.1462 0.1954 0.0124  0.0375  0.0215  28  LEU A O   
41  C CB  . LEU A 7   ? 0.2965 0.1727 0.1618 0.0226  0.0158  0.0102  28  LEU A CB  
42  C CG  . LEU A 7   ? 0.3189 0.1902 0.1622 0.0201  0.0119  -0.0024 28  LEU A CG  
43  C CD1 . LEU A 7   ? 0.3758 0.2497 0.1782 0.0286  -0.0031 -0.0034 28  LEU A CD1 
44  C CD2 . LEU A 7   ? 0.3767 0.2279 0.2121 0.0228  0.0354  -0.0007 28  LEU A CD2 
45  N N   . LEU A 8   ? 0.1290 0.1107 0.1629 0.0209  -0.0531 -0.0527 29  LEU A N   
46  C CA  . LEU A 8   ? 0.1100 0.1094 0.1448 0.0170  -0.0367 -0.0416 29  LEU A CA  
47  C C   . LEU A 8   ? 0.1334 0.1110 0.1621 0.0149  -0.0405 -0.0350 29  LEU A C   
48  O O   . LEU A 8   ? 0.1734 0.1215 0.1945 0.0033  -0.0551 -0.0304 29  LEU A O   
49  C CB  . LEU A 8   ? 0.1221 0.1384 0.1598 -0.0018 -0.0309 -0.0338 29  LEU A CB  
50  C CG  . LEU A 8   ? 0.1319 0.1734 0.1779 -0.0003 -0.0291 -0.0409 29  LEU A CG  
51  C CD1 . LEU A 8   ? 0.2234 0.2886 0.2757 -0.0203 -0.0248 -0.0361 29  LEU A CD1 
52  C CD2 . LEU A 8   ? 0.2206 0.2821 0.2685 0.0193  -0.0185 -0.0451 29  LEU A CD2 
53  N N   . ALA A 9   ? 0.1221 0.1113 0.1522 0.0249  -0.0296 -0.0335 30  ALA A N   
54  C CA  . ALA A 9   ? 0.1330 0.1055 0.1583 0.0238  -0.0332 -0.0280 30  ALA A CA  
55  C C   . ALA A 9   ? 0.1317 0.1057 0.1506 0.0059  -0.0269 -0.0146 30  ALA A C   
56  O O   . ALA A 9   ? 0.1440 0.1413 0.1661 -0.0005 -0.0156 -0.0125 30  ALA A O   
57  C CB  . ALA A 9   ? 0.1723 0.1602 0.2026 0.0385  -0.0247 -0.0324 30  ALA A CB  
58  N N   . GLU A 10  ? 0.1505 0.1024 0.1596 -0.0011 -0.0352 -0.0072 31  GLU A N   
59  C CA  . GLU A 10  ? 0.1720 0.1285 0.1714 -0.0191 -0.0291 0.0048  31  GLU A CA  
60  C C   . GLU A 10  ? 0.1201 0.1002 0.1239 -0.0116 -0.0133 0.0041  31  GLU A C   
61  O O   . GLU A 10  ? 0.1165 0.0947 0.1247 0.0025  -0.0126 -0.0002 31  GLU A O   
62  C CB  . GLU A 10  ? 0.2224 0.1438 0.2053 -0.0298 -0.0456 0.0146  31  GLU A CB  
63  C CG  . GLU A 10  ? 0.3241 0.2099 0.2987 -0.0380 -0.0672 0.0163  31  GLU A CG  
64  C CD  . GLU A 10  ? 0.4756 0.3330 0.4317 -0.0433 -0.0834 0.0258  31  GLU A CD  
65  O OE1 . GLU A 10  ? 0.5115 0.3730 0.4583 -0.0491 -0.0786 0.0336  31  GLU A OE1 
66  O OE2 . GLU A 10  ? 0.6116 0.4462 0.5620 -0.0402 -0.1016 0.0241  31  GLU A OE2 
67  N N   . PRO A 11  ? 0.1035 0.1075 0.1061 -0.0213 -0.0015 0.0068  32  PRO A N   
68  C CA  . PRO A 11  ? 0.0977 0.1181 0.1027 -0.0131 0.0099  0.0042  32  PRO A CA  
69  C C   . PRO A 11  ? 0.0852 0.0907 0.0791 -0.0161 0.0061  0.0099  32  PRO A C   
70  O O   . PRO A 11  ? 0.1124 0.1077 0.0925 -0.0315 0.0001  0.0184  32  PRO A O   
71  C CB  . PRO A 11  ? 0.1120 0.1633 0.1186 -0.0215 0.0198  0.0021  32  PRO A CB  
72  C CG  . PRO A 11  ? 0.1249 0.1755 0.1245 -0.0428 0.0144  0.0090  32  PRO A CG  
73  C CD  . PRO A 11  ? 0.1157 0.1366 0.1165 -0.0396 0.0010  0.0100  32  PRO A CD  
74  N N   . GLN A 12  ? 0.0974 0.1015 0.0964 -0.0032 0.0084  0.0060  33  GLN A N   
75  C CA  . GLN A 12  ? 0.1129 0.1051 0.1041 -0.0040 0.0036  0.0094  33  GLN A CA  
76  C C   . GLN A 12  ? 0.0939 0.0941 0.0926 0.0065  0.0099  0.0041  33  GLN A C   
77  O O   . GLN A 12  ? 0.0952 0.1029 0.1038 0.0148  0.0147  -0.0004 33  GLN A O   
78  C CB  . GLN A 12  ? 0.2226 0.1904 0.2119 -0.0014 -0.0120 0.0114  33  GLN A CB  
79  C CG  . GLN A 12  ? 0.2268 0.1951 0.2302 0.0125  -0.0152 0.0029  33  GLN A CG  
80  C CD  . GLN A 12  ? 0.2151 0.1579 0.2155 0.0158  -0.0341 0.0015  33  GLN A CD  
81  O OE1 . GLN A 12  ? 0.2272 0.1526 0.2217 0.0178  -0.0469 0.0034  33  GLN A OE1 
82  N NE2 . GLN A 12  ? 0.2073 0.1458 0.2116 0.0183  -0.0386 -0.0032 33  GLN A NE2 
83  N N   . ILE A 13  ? 0.0922 0.0891 0.0837 0.0041  0.0086  0.0056  34  ILE A N   
84  C CA  . ILE A 13  ? 0.0977 0.0979 0.0949 0.0106  0.0117  0.0012  34  ILE A CA  
85  C C   . ILE A 13  ? 0.0851 0.0767 0.0831 0.0118  0.0026  0.0020  34  ILE A C   
86  O O   . ILE A 13  ? 0.1030 0.0830 0.0920 0.0080  -0.0070 0.0063  34  ILE A O   
87  C CB  . ILE A 13  ? 0.0947 0.1032 0.0853 0.0095  0.0182  -0.0027 34  ILE A CB  
88  C CG1 . ILE A 13  ? 0.1176 0.1266 0.0926 0.0007  0.0158  -0.0003 34  ILE A CG1 
89  C CG2 . ILE A 13  ? 0.1210 0.1428 0.1148 0.0123  0.0252  -0.0068 34  ILE A CG2 
90  C CD1 . ILE A 13  ? 0.1336 0.1339 0.1046 0.0015  0.0098  -0.0011 34  ILE A CD1 
91  N N   . ALA A 14  ? 0.0858 0.0832 0.0937 0.0160  0.0040  -0.0018 35  ALA A N   
92  C CA  . ALA A 14  ? 0.0809 0.0787 0.0944 0.0180  -0.0044 -0.0038 35  ALA A CA  
93  C C   . ALA A 14  ? 0.0658 0.0688 0.0826 0.0149  -0.0012 -0.0061 35  ALA A C   
94  O O   . ALA A 14  ? 0.0849 0.0904 0.1041 0.0133  0.0058  -0.0063 35  ALA A O   
95  C CB  . ALA A 14  ? 0.0955 0.1032 0.1239 0.0257  -0.0078 -0.0085 35  ALA A CB  
96  N N   . MET A 15  ? 0.0802 0.0814 0.0949 0.0131  -0.0089 -0.0075 36  MET A N   
97  C CA  . MET A 15  ? 0.0926 0.0949 0.1082 0.0081  -0.0086 -0.0101 36  MET A CA  
98  C C   . MET A 15  ? 0.0800 0.0949 0.1087 0.0072  -0.0163 -0.0140 36  MET A C   
99  O O   . MET A 15  ? 0.0948 0.1123 0.1263 0.0129  -0.0259 -0.0156 36  MET A O   
100 C CB  . MET A 15  ? 0.0951 0.0861 0.0924 0.0057  -0.0100 -0.0110 36  MET A CB  
101 C CG  . MET A 15  ? 0.1179 0.1065 0.1053 0.0071  -0.0018 -0.0104 36  MET A CG  
102 S SD  . MET A 15  ? 0.1418 0.1310 0.1084 0.0050  -0.0010 -0.0153 36  MET A SD  
103 C CE  . MET A 15  ? 0.1789 0.1659 0.1314 -0.0015 -0.0085 -0.0063 36  MET A CE  
104 N N   . PHE A 16  ? 0.0877 0.1099 0.1243 -0.0006 -0.0141 -0.0156 37  PHE A N   
105 C CA  . PHE A 16  ? 0.0910 0.1324 0.1428 -0.0050 -0.0205 -0.0203 37  PHE A CA  
106 C C   . PHE A 16  ? 0.0963 0.1280 0.1438 -0.0177 -0.0209 -0.0199 37  PHE A C   
107 O O   . PHE A 16  ? 0.1102 0.1377 0.1574 -0.0263 -0.0150 -0.0156 37  PHE A O   
108 C CB  . PHE A 16  ? 0.0877 0.1603 0.1601 -0.0046 -0.0162 -0.0232 37  PHE A CB  
109 C CG  . PHE A 16  ? 0.0918 0.1957 0.1843 -0.0067 -0.0232 -0.0315 37  PHE A CG  
110 C CD1 . PHE A 16  ? 0.0812 0.1966 0.1832 0.0080  -0.0348 -0.0399 37  PHE A CD1 
111 C CD2 . PHE A 16  ? 0.1226 0.2436 0.2243 -0.0240 -0.0203 -0.0311 37  PHE A CD2 
112 C CE1 . PHE A 16  ? 0.0961 0.2380 0.2135 0.0082  -0.0405 -0.0478 37  PHE A CE1 
113 C CE2 . PHE A 16  ? 0.1606 0.3175 0.2834 -0.0275 -0.0263 -0.0398 37  PHE A CE2 
114 C CZ  . PHE A 16  ? 0.1005 0.2643 0.2281 -0.0091 -0.0351 -0.0474 37  PHE A CZ  
115 N N   . CYS A 17  ? 0.1169 0.1408 0.1582 -0.0190 -0.0300 -0.0241 38  CYS A N   
116 C CA  . CYS A 17  ? 0.1363 0.1440 0.1707 -0.0295 -0.0336 -0.0258 38  CYS A CA  
117 C C   . CYS A 17  ? 0.1297 0.1516 0.1796 -0.0462 -0.0329 -0.0233 38  CYS A C   
118 O O   . CYS A 17  ? 0.1634 0.2190 0.2331 -0.0501 -0.0330 -0.0253 38  CYS A O   
119 C CB  . CYS A 17  ? 0.1387 0.1399 0.1641 -0.0279 -0.0446 -0.0326 38  CYS A CB  
120 S SG  . CYS A 17  ? 0.1929 0.1781 0.1921 -0.0153 -0.0439 -0.0337 38  CYS A SG  
121 N N   . GLY A 18  ? 0.1510 0.1483 0.1909 -0.0566 -0.0332 -0.0192 39  GLY A N   
122 C CA  . GLY A 18  ? 0.1725 0.1776 0.2204 -0.0779 -0.0328 -0.0124 39  GLY A CA  
123 C C   . GLY A 18  ? 0.1549 0.1604 0.1994 -0.0803 -0.0229 -0.0024 39  GLY A C   
124 O O   . GLY A 18  ? 0.1850 0.1907 0.2286 -0.1008 -0.0226 0.0066  39  GLY A O   
125 N N   . ARG A 19  ? 0.1354 0.1412 0.1765 -0.0619 -0.0157 -0.0033 40  ARG A N   
126 C CA  . ARG A 19  ? 0.1309 0.1377 0.1678 -0.0613 -0.0072 0.0046  40  ARG A CA  
127 C C   . ARG A 19  ? 0.1288 0.1081 0.1510 -0.0441 -0.0066 0.0032  40  ARG A C   
128 O O   . ARG A 19  ? 0.1291 0.1009 0.1471 -0.0318 -0.0092 -0.0042 40  ARG A O   
129 C CB  . ARG A 19  ? 0.1274 0.1766 0.1812 -0.0558 0.0017  0.0020  40  ARG A CB  
130 C CG  . ARG A 19  ? 0.1587 0.2502 0.2326 -0.0693 0.0026  -0.0012 40  ARG A CG  
131 C CD  . ARG A 19  ? 0.2180 0.3203 0.2881 -0.0897 0.0082  0.0088  40  ARG A CD  
132 N NE  . ARG A 19  ? 0.4668 0.5501 0.5298 -0.1081 0.0008  0.0143  40  ARG A NE  
133 C CZ  . ARG A 19  ? 0.4527 0.5578 0.5295 -0.1149 -0.0029 0.0085  40  ARG A CZ  
134 N NH1 . ARG A 19  ? 0.4864 0.6309 0.5842 -0.1029 -0.0011 -0.0031 40  ARG A NH1 
135 N NH2 . ARG A 19  ? 0.5121 0.5967 0.5810 -0.1319 -0.0101 0.0138  40  ARG A NH2 
136 N N   . LEU A 20  ? 0.1344 0.1031 0.1480 -0.0440 -0.0033 0.0103  41  LEU A N   
137 C CA  . LEU A 20  ? 0.1323 0.0842 0.1363 -0.0272 -0.0023 0.0074  41  LEU A CA  
138 C C   . LEU A 20  ? 0.1084 0.0834 0.1210 -0.0146 0.0052  0.0027  41  LEU A C   
139 O O   . LEU A 20  ? 0.1101 0.1111 0.1344 -0.0163 0.0099  0.0033  41  LEU A O   
140 C CB  . LEU A 20  ? 0.1442 0.0827 0.1382 -0.0298 -0.0021 0.0165  41  LEU A CB  
141 C CG  . LEU A 20  ? 0.1835 0.0855 0.1620 -0.0420 -0.0141 0.0238  41  LEU A CG  
142 C CD1 . LEU A 20  ? 0.2227 0.1086 0.1875 -0.0418 -0.0162 0.0335  41  LEU A CD1 
143 C CD2 . LEU A 20  ? 0.2207 0.0909 0.1914 -0.0314 -0.0261 0.0130  41  LEU A CD2 
144 N N   . ASN A 21  ? 0.1047 0.0711 0.1107 -0.0024 0.0050  -0.0030 42  ASN A N   
145 C CA  . ASN A 21  ? 0.1055 0.0872 0.1152 0.0057  0.0101  -0.0048 42  ASN A CA  
146 C C   . ASN A 21  ? 0.0998 0.0922 0.1143 0.0081  0.0157  -0.0009 42  ASN A C   
147 O O   . ASN A 21  ? 0.1169 0.1014 0.1265 0.0073  0.0164  0.0028  42  ASN A O   
148 C CB  . ASN A 21  ? 0.1015 0.0776 0.1019 0.0138  0.0105  -0.0107 42  ASN A CB  
149 C CG  . ASN A 21  ? 0.1172 0.0872 0.1102 0.0131  0.0054  -0.0171 42  ASN A CG  
150 O OD1 . ASN A 21  ? 0.1320 0.1030 0.1277 0.0070  0.0011  -0.0164 42  ASN A OD1 
151 N ND2 . ASN A 21  ? 0.1245 0.0928 0.1088 0.0204  0.0055  -0.0254 42  ASN A ND2 
152 N N   . MET A 22  ? 0.1122 0.0835 0.1048 -0.0188 -0.0065 -0.0120 43  MET A N   
153 C CA  . MET A 22  ? 0.1152 0.0815 0.1001 -0.0161 -0.0040 -0.0060 43  MET A CA  
154 C C   . MET A 22  ? 0.1065 0.0751 0.0909 -0.0081 -0.0070 -0.0064 43  MET A C   
155 O O   . MET A 22  ? 0.1087 0.0877 0.0976 -0.0060 -0.0083 -0.0095 43  MET A O   
156 C CB  . MET A 22  ? 0.1324 0.1141 0.1233 -0.0183 0.0029  -0.0064 43  MET A CB  
157 C CG  . MET A 22  ? 0.1255 0.1146 0.1207 -0.0300 0.0087  -0.0077 43  MET A CG  
158 S SD  . MET A 22  ? 0.1860 0.1549 0.1579 -0.0440 0.0129  0.0005  43  MET A SD  
159 C CE  . MET A 22  ? 0.1762 0.1704 0.1482 -0.0494 0.0278  -0.0057 43  MET A CE  
160 N N   . HIS A 23  ? 0.1202 0.0812 0.0970 -0.0065 -0.0079 -0.0034 44  HIS A N   
161 C CA  . HIS A 23  ? 0.1243 0.0897 0.1027 -0.0025 -0.0102 -0.0045 44  HIS A CA  
162 C C   . HIS A 23  ? 0.1232 0.0839 0.0928 -0.0041 -0.0094 -0.0035 44  HIS A C   
163 O O   . HIS A 23  ? 0.1441 0.0986 0.1016 -0.0081 -0.0078 -0.0018 44  HIS A O   
164 C CB  . HIS A 23  ? 0.1330 0.0987 0.1172 0.0019  -0.0162 -0.0079 44  HIS A CB  
165 C CG  . HIS A 23  ? 0.1311 0.0821 0.1086 0.0037  -0.0243 -0.0033 44  HIS A CG  
166 N ND1 . HIS A 23  ? 0.1521 0.0848 0.1250 0.0026  -0.0288 0.0013  44  HIS A ND1 
167 C CD2 . HIS A 23  ? 0.1777 0.1281 0.1499 0.0045  -0.0311 -0.0007 44  HIS A CD2 
168 C CE1 . HIS A 23  ? 0.2048 0.1239 0.1674 0.0033  -0.0392 0.0096  44  HIS A CE1 
169 N NE2 . HIS A 23  ? 0.2014 0.1336 0.1635 0.0051  -0.0412 0.0076  44  HIS A NE2 
170 N N   . MET A 24  ? 0.1158 0.0794 0.0888 -0.0036 -0.0098 -0.0054 45  MET A N   
171 C CA  . MET A 24  ? 0.1221 0.0805 0.0877 -0.0060 -0.0095 -0.0091 45  MET A CA  
172 C C   . MET A 24  ? 0.1325 0.0906 0.0892 -0.0079 -0.0173 -0.0087 45  MET A C   
173 O O   . MET A 24  ? 0.1269 0.0931 0.0937 -0.0062 -0.0232 -0.0088 45  MET A O   
174 C CB  . MET A 24  ? 0.1255 0.0808 0.0994 -0.0070 -0.0094 -0.0107 45  MET A CB  
175 C CG  . MET A 24  ? 0.1326 0.0791 0.1011 -0.0103 -0.0094 -0.0190 45  MET A CG  
176 S SD  . MET A 24  ? 0.1563 0.1016 0.1168 -0.0085 -0.0008 -0.0302 45  MET A SD  
177 C CE  . MET A 24  ? 0.2019 0.1484 0.1849 0.0009  0.0030  -0.0295 45  MET A CE  
178 N N   . ASN A 25  ? 0.1312 0.0843 0.0693 -0.0122 -0.0177 -0.0087 46  ASN A N   
179 C CA  . ASN A 25  ? 0.1548 0.1080 0.0803 -0.0150 -0.0291 -0.0068 46  ASN A CA  
180 C C   . ASN A 25  ? 0.1606 0.1186 0.0889 -0.0190 -0.0298 -0.0169 46  ASN A C   
181 O O   . ASN A 25  ? 0.1781 0.1320 0.0971 -0.0236 -0.0223 -0.0264 46  ASN A O   
182 C CB  . ASN A 25  ? 0.1995 0.1457 0.0954 -0.0230 -0.0290 -0.0016 46  ASN A CB  
183 C CG  . ASN A 25  ? 0.2186 0.1636 0.0957 -0.0267 -0.0458 0.0048  46  ASN A CG  
184 O OD1 . ASN A 25  ? 0.2287 0.1828 0.1094 -0.0272 -0.0531 -0.0024 46  ASN A OD1 
185 N ND2 . ASN A 25  ? 0.2655 0.1998 0.1255 -0.0302 -0.0524 0.0193  46  ASN A ND2 
186 N N   . VAL A 26  ? 0.1589 0.1273 0.1037 -0.0178 -0.0378 -0.0175 47  VAL A N   
187 C CA  . VAL A 26  ? 0.1831 0.1560 0.1342 -0.0254 -0.0391 -0.0264 47  VAL A CA  
188 C C   . VAL A 26  ? 0.1801 0.1508 0.1096 -0.0333 -0.0445 -0.0343 47  VAL A C   
189 O O   . VAL A 26  ? 0.1955 0.1587 0.1230 -0.0403 -0.0399 -0.0462 47  VAL A O   
190 C CB  . VAL A 26  ? 0.1772 0.1717 0.1523 -0.0257 -0.0464 -0.0265 47  VAL A CB  
191 C CG1 . VAL A 26  ? 0.2213 0.2234 0.2026 -0.0383 -0.0497 -0.0354 47  VAL A CG1 
192 C CG2 . VAL A 26  ? 0.2023 0.2024 0.1939 -0.0226 -0.0373 -0.0231 47  VAL A CG2 
193 N N   . GLN A 27  ? 0.2037 0.1785 0.1156 -0.0326 -0.0551 -0.0277 48  GLN A N   
194 C CA  . GLN A 27  ? 0.2176 0.1986 0.1113 -0.0387 -0.0587 -0.0328 48  GLN A CA  
195 C C   . GLN A 27  ? 0.2281 0.2008 0.1002 -0.0436 -0.0445 -0.0412 48  GLN A C   
196 O O   . GLN A 27  ? 0.2682 0.2433 0.1328 -0.0487 -0.0429 -0.0543 48  GLN A O   
197 C CB  . GLN A 27  ? 0.2565 0.2448 0.1408 -0.0354 -0.0748 -0.0190 48  GLN A CB  
198 C CG  . GLN A 27  ? 0.3237 0.3206 0.1874 -0.0424 -0.0820 -0.0232 48  GLN A CG  
199 C CD  . GLN A 27  ? 0.5312 0.5398 0.3982 -0.0371 -0.1031 -0.0113 48  GLN A CD  
200 O OE1 . GLN A 27  ? 0.5328 0.5444 0.4244 -0.0266 -0.1114 -0.0025 48  GLN A OE1 
201 N NE2 . GLN A 27  ? 0.5942 0.6098 0.4388 -0.0432 -0.1123 -0.0122 48  GLN A NE2 
202 N N   . ASN A 28  ? 0.2491 0.2143 0.1139 -0.0418 -0.0340 -0.0358 49  ASN A N   
203 C CA  . ASN A 28  ? 0.2839 0.2507 0.1336 -0.0465 -0.0190 -0.0455 49  ASN A CA  
204 C C   . ASN A 28  ? 0.2906 0.2532 0.1590 -0.0409 -0.0032 -0.0570 49  ASN A C   
205 O O   . ASN A 28  ? 0.2902 0.2597 0.1560 -0.0421 0.0099  -0.0685 49  ASN A O   
206 C CB  . ASN A 28  ? 0.3143 0.2841 0.1380 -0.0537 -0.0188 -0.0314 49  ASN A CB  
207 C CG  . ASN A 28  ? 0.2799 0.2416 0.1079 -0.0515 -0.0163 -0.0173 49  ASN A CG  
208 O OD1 . ASN A 28  ? 0.2647 0.2221 0.1123 -0.0445 -0.0116 -0.0208 49  ASN A OD1 
209 N ND2 . ASN A 28  ? 0.3612 0.3185 0.1704 -0.0589 -0.0203 -0.0010 49  ASN A ND2 
210 N N   . GLY A 29  ? 0.2300 0.1833 0.1194 -0.0342 -0.0051 -0.0537 50  GLY A N   
211 C CA  . GLY A 29  ? 0.2127 0.1603 0.1257 -0.0259 0.0053  -0.0615 50  GLY A CA  
212 C C   . GLY A 29  ? 0.2320 0.1892 0.1503 -0.0224 0.0153  -0.0571 50  GLY A C   
213 O O   . GLY A 29  ? 0.2306 0.1894 0.1726 -0.0138 0.0224  -0.0650 50  GLY A O   
214 N N   . LYS A 30  ? 0.2074 0.1698 0.1065 -0.0293 0.0137  -0.0442 51  LYS A N   
215 C CA  . LYS A 30  ? 0.2223 0.1940 0.1253 -0.0311 0.0233  -0.0397 51  LYS A CA  
216 C C   . LYS A 30  ? 0.2036 0.1693 0.1234 -0.0246 0.0157  -0.0250 51  LYS A C   
217 O O   . LYS A 30  ? 0.1792 0.1356 0.0984 -0.0216 0.0036  -0.0160 51  LYS A O   
218 C CB  . LYS A 30  ? 0.2380 0.2130 0.1057 -0.0474 0.0260  -0.0320 51  LYS A CB  
219 C CG  . LYS A 30  ? 0.3810 0.3683 0.2357 -0.0543 0.0320  -0.0431 51  LYS A CG  
220 C CD  . LYS A 30  ? 0.4658 0.4717 0.3437 -0.0497 0.0488  -0.0646 51  LYS A CD  
221 C CE  . LYS A 30  ? 0.5162 0.5375 0.3767 -0.0608 0.0572  -0.0748 51  LYS A CE  
222 N NZ  . LYS A 30  ? 0.5698 0.6069 0.4572 -0.0526 0.0702  -0.1001 51  LYS A NZ  
223 N N   . TRP A 31  ? 0.1628 0.1384 0.0994 -0.0229 0.0228  -0.0258 52  TRP A N   
224 C CA  . TRP A 31  ? 0.1623 0.1343 0.1097 -0.0203 0.0166  -0.0150 52  TRP A CA  
225 C C   . TRP A 31  ? 0.1813 0.1443 0.1097 -0.0315 0.0144  -0.0036 52  TRP A C   
226 O O   . TRP A 31  ? 0.2293 0.1997 0.1474 -0.0440 0.0240  -0.0036 52  TRP A O   
227 C CB  . TRP A 31  ? 0.1532 0.1409 0.1266 -0.0156 0.0220  -0.0204 52  TRP A CB  
228 C CG  . TRP A 31  ? 0.1271 0.1150 0.1205 -0.0032 0.0179  -0.0254 52  TRP A CG  
229 C CD1 . TRP A 31  ? 0.1368 0.1300 0.1451 0.0038  0.0226  -0.0380 52  TRP A CD1 
230 C CD2 . TRP A 31  ? 0.1146 0.0946 0.1140 0.0023  0.0075  -0.0172 52  TRP A CD2 
231 N NE1 . TRP A 31  ? 0.1312 0.1131 0.1547 0.0140  0.0128  -0.0346 52  TRP A NE1 
232 C CE2 . TRP A 31  ? 0.1173 0.0931 0.1322 0.0109  0.0043  -0.0204 52  TRP A CE2 
233 C CE3 . TRP A 31  ? 0.1137 0.0906 0.1069 -0.0001 0.0014  -0.0089 52  TRP A CE3 
234 C CZ2 . TRP A 31  ? 0.1349 0.1013 0.1528 0.0134  -0.0058 -0.0103 52  TRP A CZ2 
235 C CZ3 . TRP A 31  ? 0.1173 0.0928 0.1144 0.0023  -0.0051 -0.0037 52  TRP A CZ3 
236 C CH2 . TRP A 31  ? 0.1260 0.0954 0.1323 0.0072  -0.0090 -0.0018 52  TRP A CH2 
237 N N   . ASP A 32  ? 0.1794 0.1265 0.1051 -0.0277 0.0018  0.0053  53  ASP A N   
238 C CA  . ASP A 32  ? 0.2046 0.1329 0.1161 -0.0350 -0.0057 0.0178  53  ASP A CA  
239 C C   . ASP A 32  ? 0.1778 0.0999 0.1078 -0.0316 -0.0086 0.0175  53  ASP A C   
240 O O   . ASP A 32  ? 0.1666 0.0988 0.1158 -0.0217 -0.0091 0.0094  53  ASP A O   
241 C CB  . ASP A 32  ? 0.2112 0.1248 0.1127 -0.0293 -0.0218 0.0252  53  ASP A CB  
242 C CG  . ASP A 32  ? 0.2411 0.1575 0.1155 -0.0372 -0.0229 0.0276  53  ASP A CG  
243 O OD1 . ASP A 32  ? 0.2902 0.2169 0.1483 -0.0494 -0.0093 0.0235  53  ASP A OD1 
244 O OD2 . ASP A 32  ? 0.3009 0.2123 0.1708 -0.0317 -0.0379 0.0315  53  ASP A OD2 
245 N N   . SER A 33  ? 0.1977 0.1018 0.1191 -0.0425 -0.0110 0.0263  54  SER A N   
246 C CA  . SER A 33  ? 0.1835 0.0774 0.1213 -0.0414 -0.0147 0.0228  54  SER A CA  
247 C C   . SER A 33  ? 0.1975 0.0727 0.1453 -0.0268 -0.0292 0.0211  54  SER A C   
248 O O   . SER A 33  ? 0.2280 0.0998 0.1720 -0.0178 -0.0380 0.0249  54  SER A O   
249 C CB  . SER A 33  ? 0.2441 0.1241 0.1722 -0.0602 -0.0118 0.0313  54  SER A CB  
250 O OG  . SER A 33  ? 0.2461 0.1237 0.1931 -0.0615 -0.0125 0.0228  54  SER A OG  
251 N N   . ASP A 34  ? 0.1634 0.0966 0.1178 0.0026  0.0041  0.0246  55  ASP A N   
252 C CA  . ASP A 34  ? 0.1477 0.0876 0.1142 0.0024  -0.0024 0.0237  55  ASP A CA  
253 C C   . ASP A 34  ? 0.1735 0.1127 0.1410 0.0023  -0.0061 0.0331  55  ASP A C   
254 O O   . ASP A 34  ? 0.1673 0.1001 0.1367 0.0031  -0.0027 0.0370  55  ASP A O   
255 C CB  . ASP A 34  ? 0.1497 0.0926 0.1312 0.0038  0.0002  0.0183  55  ASP A CB  
256 C CG  . ASP A 34  ? 0.1600 0.1030 0.1481 0.0089  -0.0006 0.0179  55  ASP A CG  
257 O OD1 . ASP A 34  ? 0.1721 0.1260 0.1613 0.0109  -0.0035 0.0186  55  ASP A OD1 
258 O OD2 . ASP A 34  ? 0.1743 0.1042 0.1641 0.0118  0.0034  0.0183  55  ASP A OD2 
259 N N   . PRO A 35  ? 0.1635 0.1137 0.1318 0.0007  -0.0133 0.0400  56  PRO A N   
260 C CA  . PRO A 35  ? 0.1983 0.1576 0.1713 0.0013  -0.0177 0.0548  56  PRO A CA  
261 C C   . PRO A 35  ? 0.1876 0.1429 0.1770 0.0134  -0.0097 0.0596  56  PRO A C   
262 O O   . PRO A 35  ? 0.2339 0.1878 0.2233 0.0151  -0.0095 0.0704  56  PRO A O   
263 C CB  . PRO A 35  ? 0.2188 0.2016 0.1982 -0.0027 -0.0268 0.0650  56  PRO A CB  
264 C CG  . PRO A 35  ? 0.2145 0.1881 0.1766 -0.0125 -0.0297 0.0537  56  PRO A CG  
265 C CD  . PRO A 35  ? 0.1772 0.1360 0.1419 -0.0042 -0.0187 0.0385  56  PRO A CD  
266 N N   . SER A 36  ? 0.1863 0.1344 0.1839 0.0211  -0.0023 0.0514  57  SER A N   
267 C CA  . SER A 36  ? 0.2303 0.1594 0.2318 0.0316  0.0078  0.0539  57  SER A CA  
268 C C   . SER A 36  ? 0.1991 0.1042 0.1914 0.0233  0.0111  0.0453  57  SER A C   
269 O O   . SER A 36  ? 0.2219 0.1031 0.2107 0.0272  0.0185  0.0480  57  SER A O   
270 C CB  . SER A 36  ? 0.3067 0.2284 0.3099 0.0426  0.0162  0.0491  57  SER A CB  
271 O OG  . SER A 36  ? 0.3579 0.2668 0.3511 0.0338  0.0161  0.0312  57  SER A OG  
272 N N   . GLY A 37  ? 0.1818 0.0932 0.1700 0.0123  0.0067  0.0375  58  GLY A N   
273 C CA  . GLY A 37  ? 0.1749 0.0757 0.1605 0.0031  0.0090  0.0347  58  GLY A CA  
274 C C   . GLY A 37  ? 0.1861 0.0727 0.1686 -0.0044 0.0107  0.0246  58  GLY A C   
275 O O   . GLY A 37  ? 0.2013 0.0770 0.1812 -0.0163 0.0112  0.0251  58  GLY A O   
276 N N   . THR A 38  ? 0.1835 0.0700 0.1635 -0.0004 0.0105  0.0166  59  THR A N   
277 C CA  . THR A 38  ? 0.2062 0.0714 0.1733 -0.0087 0.0119  0.0061  59  THR A CA  
278 C C   . THR A 38  ? 0.2060 0.0884 0.1728 -0.0127 0.0073  -0.0023 59  THR A C   
279 O O   . THR A 38  ? 0.2329 0.1049 0.1874 -0.0268 0.0043  -0.0095 59  THR A O   
280 C CB  . THR A 38  ? 0.2446 0.0745 0.1963 0.0037  0.0222  0.0044  59  THR A CB  
281 O OG1 . THR A 38  ? 0.2616 0.1107 0.2228 0.0208  0.0249  0.0081  59  THR A OG1 
282 C CG2 . THR A 38  ? 0.2836 0.0937 0.2342 0.0098  0.0286  0.0148  59  THR A CG2 
283 N N   . LYS A 39  ? 0.1671 0.0735 0.1440 -0.0030 0.0059  -0.0006 60  LYS A N   
284 C CA  . LYS A 39  ? 0.1709 0.0893 0.1460 -0.0036 0.0036  -0.0073 60  LYS A CA  
285 C C   . LYS A 39  ? 0.1424 0.0846 0.1244 -0.0136 -0.0019 -0.0059 60  LYS A C   
286 O O   . LYS A 39  ? 0.1459 0.1037 0.1366 -0.0107 -0.0015 0.0015  60  LYS A O   
287 C CB  . LYS A 39  ? 0.1557 0.0889 0.1380 0.0090  0.0045  -0.0038 60  LYS A CB  
288 C CG  . LYS A 39  ? 0.2138 0.1376 0.1970 0.0223  0.0110  0.0023  60  LYS A CG  
289 C CD  . LYS A 39  ? 0.2738 0.1678 0.2397 0.0275  0.0204  -0.0048 60  LYS A CD  
290 C CE  . LYS A 39  ? 0.3244 0.2133 0.2937 0.0479  0.0319  0.0065  60  LYS A CE  
291 N NZ  . LYS A 39  ? 0.4610 0.3070 0.4034 0.0574  0.0468  -0.0003 60  LYS A NZ  
292 N N   . THR A 40  ? 0.1821 0.1268 0.1572 -0.0246 -0.0060 -0.0110 61  THR A N   
293 C CA  . THR A 40  ? 0.1840 0.1611 0.1705 -0.0321 -0.0108 -0.0039 61  THR A CA  
294 C C   . THR A 40  ? 0.1618 0.1538 0.1469 -0.0281 -0.0124 -0.0070 61  THR A C   
295 O O   . THR A 40  ? 0.1493 0.1288 0.1271 -0.0180 -0.0091 -0.0137 61  THR A O   
296 C CB  . THR A 40  ? 0.3682 0.3515 0.3541 -0.0542 -0.0179 0.0010  61  THR A CB  
297 O OG1 . THR A 40  ? 0.3231 0.3506 0.3274 -0.0582 -0.0216 0.0151  61  THR A OG1 
298 C CG2 . THR A 40  ? 0.3630 0.3166 0.3214 -0.0698 -0.0229 -0.0114 61  THR A CG2 
299 N N   . CYS A 41  ? 0.1328 0.1557 0.1271 -0.0350 -0.0170 0.0016  62  CYS A N   
300 C CA  . CYS A 41  ? 0.1173 0.1597 0.1143 -0.0275 -0.0168 0.0036  62  CYS A CA  
301 C C   . CYS A 41  ? 0.1290 0.1547 0.1066 -0.0303 -0.0192 -0.0093 62  CYS A C   
302 O O   . CYS A 41  ? 0.1649 0.1690 0.1223 -0.0442 -0.0233 -0.0181 62  CYS A O   
303 C CB  . CYS A 41  ? 0.1078 0.1921 0.1206 -0.0334 -0.0208 0.0203  62  CYS A CB  
304 S SG  . CYS A 41  ? 0.1570 0.2547 0.1610 -0.0648 -0.0367 0.0218  62  CYS A SG  
305 N N   . ILE A 42  ? 0.1240 0.1548 0.1035 -0.0170 -0.0150 -0.0097 63  ILE A N   
306 C CA  . ILE A 42  ? 0.1326 0.1497 0.0960 -0.0134 -0.0130 -0.0191 63  ILE A CA  
307 C C   . ILE A 42  ? 0.1570 0.1993 0.1207 -0.0142 -0.0163 -0.0144 63  ILE A C   
308 O O   . ILE A 42  ? 0.1382 0.2022 0.1180 -0.0062 -0.0144 -0.0036 63  ILE A O   
309 C CB  . ILE A 42  ? 0.1180 0.1259 0.0875 0.0021  -0.0056 -0.0190 63  ILE A CB  
310 C CG1 . ILE A 42  ? 0.1421 0.1302 0.1126 0.0037  -0.0028 -0.0200 63  ILE A CG1 
311 C CG2 . ILE A 42  ? 0.1530 0.1556 0.1116 0.0092  -0.0008 -0.0234 63  ILE A CG2 
312 C CD1 . ILE A 42  ? 0.1629 0.1538 0.1444 0.0134  -0.0002 -0.0135 63  ILE A CD1 
313 N N   . ASP A 43  ? 0.1548 0.1902 0.0962 -0.0231 -0.0199 -0.0218 64  ASP A N   
314 C CA  . ASP A 43  ? 0.1591 0.2234 0.1000 -0.0267 -0.0252 -0.0148 64  ASP A CA  
315 C C   . ASP A 43  ? 0.1500 0.2098 0.0797 -0.0156 -0.0190 -0.0190 64  ASP A C   
316 O O   . ASP A 43  ? 0.1651 0.2433 0.0866 -0.0201 -0.0236 -0.0151 64  ASP A O   
317 C CB  . ASP A 43  ? 0.1983 0.2724 0.1228 -0.0518 -0.0386 -0.0139 64  ASP A CB  
318 C CG  . ASP A 43  ? 0.2647 0.2948 0.1445 -0.0645 -0.0393 -0.0321 64  ASP A CG  
319 O OD1 . ASP A 43  ? 0.3125 0.3063 0.1788 -0.0495 -0.0264 -0.0434 64  ASP A OD1 
320 O OD2 . ASP A 43  ? 0.3509 0.3790 0.2174 -0.0833 -0.0479 -0.0304 64  ASP A OD2 
321 N N   . THR A 44  ? 0.1457 0.1856 0.0762 -0.0015 -0.0089 -0.0238 65  THR A N   
322 C CA  . THR A 44  ? 0.1442 0.1888 0.0721 0.0105  -0.0018 -0.0221 65  THR A CA  
323 C C   . THR A 44  ? 0.1166 0.1694 0.0688 0.0218  0.0029  -0.0131 65  THR A C   
324 O O   . THR A 44  ? 0.1170 0.1607 0.0794 0.0228  0.0033  -0.0125 65  THR A O   
325 C CB  . THR A 44  ? 0.1817 0.1978 0.0821 0.0164  0.0078  -0.0322 65  THR A CB  
326 O OG1 . THR A 44  ? 0.1920 0.1894 0.0995 0.0255  0.0154  -0.0330 65  THR A OG1 
327 C CG2 . THR A 44  ? 0.2411 0.2339 0.1026 0.0005  0.0030  -0.0441 65  THR A CG2 
328 N N   . LYS A 45  ? 0.1322 0.1811 0.0756 0.0200  -0.0021 0.0012  66  LYS A N   
329 C CA  . LYS A 45  ? 0.1397 0.1575 0.0808 0.0186  -0.0006 0.0110  66  LYS A CA  
330 C C   . LYS A 45  ? 0.1253 0.1429 0.0791 0.0091  0.0058  0.0021  66  LYS A C   
331 O O   . LYS A 45  ? 0.1268 0.1258 0.0875 0.0078  0.0059  0.0024  66  LYS A O   
332 C CB  . LYS A 45  ? 0.1845 0.1889 0.1025 0.0157  -0.0029 0.0302  66  LYS A CB  
333 C CG  . LYS A 45  ? 0.2150 0.1772 0.1240 0.0087  -0.0039 0.0407  66  LYS A CG  
334 C CD  . LYS A 45  ? 0.3046 0.2455 0.1834 -0.0041 -0.0071 0.0629  66  LYS A CD  
335 C CE  . LYS A 45  ? 0.3854 0.2753 0.2509 -0.0172 -0.0101 0.0718  66  LYS A CE  
336 N NZ  . LYS A 45  ? 0.4444 0.3248 0.2865 -0.0437 -0.0096 0.0909  66  LYS A NZ  
337 N N   . GLU A 46  ? 0.1226 0.1650 0.0785 0.0058  0.0098  -0.0084 67  GLU A N   
338 C CA  . GLU A 46  ? 0.1194 0.1690 0.0882 0.0054  0.0136  -0.0206 67  GLU A CA  
339 C C   . GLU A 46  ? 0.1117 0.1382 0.0919 0.0110  0.0088  -0.0284 67  GLU A C   
340 O O   . GLU A 46  ? 0.1153 0.1356 0.1048 0.0124  0.0087  -0.0293 67  GLU A O   
341 C CB  . GLU A 46  ? 0.1278 0.2107 0.0952 0.0080  0.0174  -0.0364 67  GLU A CB  
342 C CG  . GLU A 46  ? 0.2119 0.3295 0.1654 -0.0025 0.0235  -0.0270 67  GLU A CG  
343 C CD  . GLU A 46  ? 0.2182 0.3371 0.1526 -0.0058 0.0201  -0.0142 67  GLU A CD  
344 O OE1 . GLU A 46  ? 0.1645 0.2698 0.0995 0.0014  0.0138  -0.0172 67  GLU A OE1 
345 O OE2 . GLU A 46  ? 0.2899 0.4300 0.2069 -0.0174 0.0232  0.0000  67  GLU A OE2 
346 N N   . GLY A 47  ? 0.1202 0.1386 0.0977 0.0108  0.0041  -0.0325 68  GLY A N   
347 C CA  . GLY A 47  ? 0.1219 0.1179 0.1035 0.0087  -0.0012 -0.0351 68  GLY A CA  
348 C C   . GLY A 47  ? 0.1130 0.1017 0.0990 0.0076  -0.0013 -0.0241 68  GLY A C   
349 O O   . GLY A 47  ? 0.1217 0.0963 0.1116 0.0061  -0.0041 -0.0233 68  GLY A O   
350 N N   . ILE A 48  ? 0.1128 0.1085 0.0950 0.0101  0.0004  -0.0161 69  ILE A N   
351 C CA  . ILE A 48  ? 0.1193 0.1055 0.1027 0.0126  -0.0004 -0.0111 69  ILE A CA  
352 C C   . ILE A 48  ? 0.1201 0.0938 0.1063 0.0092  0.0017  -0.0089 69  ILE A C   
353 O O   . ILE A 48  ? 0.1235 0.0918 0.1140 0.0074  0.0003  -0.0098 69  ILE A O   
354 C CB  . ILE A 48  ? 0.1033 0.0907 0.0780 0.0230  -0.0024 -0.0061 69  ILE A CB  
355 C CG1 . ILE A 48  ? 0.1364 0.1539 0.1123 0.0266  -0.0052 -0.0101 69  ILE A CG1 
356 C CG2 . ILE A 48  ? 0.1322 0.1027 0.1046 0.0295  -0.0042 -0.0065 69  ILE A CG2 
357 C CD1 . ILE A 48  ? 0.1561 0.1819 0.1230 0.0445  -0.0100 -0.0054 69  ILE A CD1 
358 N N   . LEU A 49  ? 0.1146 0.0930 0.0979 0.0053  0.0050  -0.0065 70  LEU A N   
359 C CA  . LEU A 49  ? 0.1140 0.0963 0.1020 -0.0027 0.0073  -0.0059 70  LEU A CA  
360 C C   . LEU A 49  ? 0.0991 0.0920 0.1010 0.0025  0.0052  -0.0142 70  LEU A C   
361 O O   . LEU A 49  ? 0.1043 0.0976 0.1114 -0.0006 0.0032  -0.0138 70  LEU A O   
362 C CB  . LEU A 49  ? 0.1248 0.1272 0.1074 -0.0121 0.0124  -0.0024 70  LEU A CB  
363 C CG  . LEU A 49  ? 0.1321 0.1587 0.1219 -0.0248 0.0157  -0.0036 70  LEU A CG  
364 C CD1 . LEU A 49  ? 0.1492 0.1502 0.1328 -0.0379 0.0128  0.0022  70  LEU A CD1 
365 C CD2 . LEU A 49  ? 0.1506 0.2103 0.1326 -0.0391 0.0221  0.0009  70  LEU A CD2 
366 N N   . GLN A 50  ? 0.0996 0.0970 0.1044 0.0111  0.0035  -0.0220 71  GLN A N   
367 C CA  . GLN A 50  ? 0.1232 0.1153 0.1346 0.0208  -0.0028 -0.0282 71  GLN A CA  
368 C C   . GLN A 50  ? 0.1164 0.0877 0.1246 0.0163  -0.0084 -0.0207 71  GLN A C   
369 O O   . GLN A 50  ? 0.1275 0.0989 0.1396 0.0202  -0.0136 -0.0190 71  GLN A O   
370 C CB  . GLN A 50  ? 0.1525 0.1338 0.1591 0.0301  -0.0067 -0.0393 71  GLN A CB  
371 C CG  . GLN A 50  ? 0.2746 0.2324 0.2807 0.0438  -0.0175 -0.0447 71  GLN A CG  
372 C CD  . GLN A 50  ? 0.3738 0.3094 0.3690 0.0496  -0.0226 -0.0552 71  GLN A CD  
373 O OE1 . GLN A 50  ? 0.4913 0.4335 0.4890 0.0656  -0.0257 -0.0649 71  GLN A OE1 
374 N NE2 . GLN A 50  ? 0.3793 0.2935 0.3622 0.0345  -0.0237 -0.0533 71  GLN A NE2 
375 N N   . TYR A 51  ? 0.1185 0.0817 0.1193 0.0086  -0.0077 -0.0166 72  TYR A N   
376 C CA  . TYR A 51  ? 0.1240 0.0814 0.1204 0.0015  -0.0115 -0.0106 72  TYR A CA  
377 C C   . TYR A 51  ? 0.1126 0.0791 0.1122 0.0003  -0.0098 -0.0088 72  TYR A C   
378 O O   . TYR A 51  ? 0.1169 0.0844 0.1151 -0.0027 -0.0145 -0.0049 72  TYR A O   
379 C CB  . TYR A 51  ? 0.1180 0.0834 0.1084 -0.0060 -0.0103 -0.0100 72  TYR A CB  
380 C CG  . TYR A 51  ? 0.1005 0.0733 0.0852 -0.0176 -0.0132 -0.0046 72  TYR A CG  
381 C CD1 . TYR A 51  ? 0.1585 0.1112 0.1331 -0.0287 -0.0210 0.0027  72  TYR A CD1 
382 C CD2 . TYR A 51  ? 0.1102 0.1096 0.0961 -0.0168 -0.0093 -0.0069 72  TYR A CD2 
383 C CE1 . TYR A 51  ? 0.1589 0.1228 0.1238 -0.0451 -0.0237 0.0117  72  TYR A CE1 
384 C CE2 . TYR A 51  ? 0.1234 0.1434 0.1033 -0.0290 -0.0105 -0.0033 72  TYR A CE2 
385 C CZ  . TYR A 51  ? 0.1234 0.1283 0.0923 -0.0463 -0.0171 0.0079  72  TYR A CZ  
386 O OH  . TYR A 51  ? 0.1325 0.1627 0.0912 -0.0641 -0.0182 0.0149  72  TYR A OH  
387 N N   . CYS A 52  ? 0.1011 0.0700 0.1009 0.0009  -0.0049 -0.0109 73  CYS A N   
388 C CA  . CYS A 52  ? 0.1098 0.0787 0.1087 -0.0037 -0.0045 -0.0123 73  CYS A CA  
389 C C   . CYS A 52  ? 0.0982 0.0815 0.1056 -0.0063 -0.0073 -0.0122 73  CYS A C   
390 O O   . CYS A 52  ? 0.1099 0.1007 0.1168 -0.0105 -0.0105 -0.0129 73  CYS A O   
391 C CB  . CYS A 52  ? 0.1148 0.0696 0.1062 -0.0072 -0.0016 -0.0122 73  CYS A CB  
392 S SG  . CYS A 52  ? 0.1464 0.0792 0.1234 0.0038  -0.0030 -0.0141 73  CYS A SG  
393 N N   . GLN A 53  ? 0.0904 0.0855 0.1056 -0.0013 -0.0069 -0.0133 74  GLN A N   
394 C CA  . GLN A 53  ? 0.0949 0.1163 0.1210 0.0027  -0.0106 -0.0158 74  GLN A CA  
395 C C   . GLN A 53  ? 0.1061 0.1199 0.1311 0.0138  -0.0208 -0.0120 74  GLN A C   
396 O O   . GLN A 53  ? 0.1295 0.1634 0.1593 0.0164  -0.0267 -0.0109 74  GLN A O   
397 C CB  . GLN A 53  ? 0.0998 0.1462 0.1349 0.0101  -0.0072 -0.0222 74  GLN A CB  
398 C CG  . GLN A 53  ? 0.1024 0.1633 0.1342 -0.0085 0.0017  -0.0210 74  GLN A CG  
399 C CD  . GLN A 53  ? 0.1273 0.2186 0.1635 -0.0039 0.0072  -0.0267 74  GLN A CD  
400 O OE1 . GLN A 53  ? 0.1486 0.2373 0.1876 0.0156  0.0048  -0.0346 74  GLN A OE1 
401 N NE2 . GLN A 53  ? 0.1143 0.2339 0.1475 -0.0248 0.0141  -0.0236 74  GLN A NE2 
402 N N   . GLU A 54  ? 0.1104 0.0950 0.1257 0.0170  -0.0241 -0.0080 75  GLU A N   
403 C CA  . GLU A 54  ? 0.1541 0.1176 0.1589 0.0209  -0.0357 0.0008  75  GLU A CA  
404 C C   . GLU A 54  ? 0.1286 0.1012 0.1259 0.0073  -0.0368 0.0089  75  GLU A C   
405 O O   . GLU A 54  ? 0.1615 0.1361 0.1530 0.0099  -0.0467 0.0174  75  GLU A O   
406 C CB  . GLU A 54  ? 0.2227 0.1523 0.2150 0.0173  -0.0377 0.0025  75  GLU A CB  
407 C CG  . GLU A 54  ? 0.3895 0.2831 0.3617 0.0111  -0.0503 0.0150  75  GLU A CG  
408 C CD  . GLU A 54  ? 0.4778 0.3406 0.4372 0.0007  -0.0514 0.0131  75  GLU A CD  
409 O OE1 . GLU A 54  ? 0.4198 0.2919 0.3885 0.0064  -0.0439 -0.0001 75  GLU A OE1 
410 O OE2 . GLU A 54  ? 0.6031 0.4459 0.5437 -0.0162 -0.0575 0.0238  75  GLU A OE2 
411 N N   . VAL A 55  ? 0.1200 0.1008 0.1158 -0.0044 -0.0278 0.0051  76  VAL A N   
412 C CA  . VAL A 55  ? 0.1425 0.1391 0.1304 -0.0149 -0.0272 0.0064  76  VAL A CA  
413 C C   . VAL A 55  ? 0.1147 0.1319 0.1076 -0.0166 -0.0268 -0.0007 76  VAL A C   
414 O O   . VAL A 55  ? 0.1244 0.1590 0.1097 -0.0230 -0.0303 0.0005  76  VAL A O   
415 C CB  . VAL A 55  ? 0.1538 0.1554 0.1378 -0.0196 -0.0194 0.0001  76  VAL A CB  
416 C CG1 . VAL A 55  ? 0.1759 0.2024 0.1535 -0.0247 -0.0172 -0.0067 76  VAL A CG1 
417 C CG2 . VAL A 55  ? 0.1936 0.1880 0.1703 -0.0267 -0.0212 0.0081  76  VAL A CG2 
418 N N   . TYR A 56  ? 0.1055 0.1123 0.1090 0.0112  -0.0183 -0.0011 77  TYR A N   
419 C CA  . TYR A 56  ? 0.1011 0.1205 0.1013 0.0088  -0.0212 -0.0033 77  TYR A CA  
420 C C   . TYR A 56  ? 0.1088 0.1364 0.1180 0.0112  -0.0213 -0.0036 77  TYR A C   
421 O O   . TYR A 56  ? 0.1097 0.1398 0.1201 0.0076  -0.0206 -0.0089 77  TYR A O   
422 C CB  . TYR A 56  ? 0.1060 0.1209 0.1007 0.0027  -0.0203 -0.0103 77  TYR A CB  
423 C CG  . TYR A 56  ? 0.0957 0.1032 0.0835 0.0010  -0.0194 -0.0107 77  TYR A CG  
424 C CD1 . TYR A 56  ? 0.1067 0.1217 0.0893 0.0009  -0.0212 -0.0109 77  TYR A CD1 
425 C CD2 . TYR A 56  ? 0.0940 0.0906 0.0805 0.0001  -0.0168 -0.0115 77  TYR A CD2 
426 C CE1 . TYR A 56  ? 0.1138 0.1237 0.0908 -0.0001 -0.0195 -0.0121 77  TYR A CE1 
427 C CE2 . TYR A 56  ? 0.1059 0.0973 0.0878 -0.0007 -0.0158 -0.0117 77  TYR A CE2 
428 C CZ  . TYR A 56  ? 0.0945 0.0914 0.0723 -0.0008 -0.0167 -0.0122 77  TYR A CZ  
429 O OH  . TYR A 56  ? 0.1199 0.1129 0.0941 -0.0012 -0.0149 -0.0131 77  TYR A OH  
430 N N   . PRO A 57  ? 0.1205 0.1530 0.1384 0.0178  -0.0217 0.0033  78  PRO A N   
431 C CA  . PRO A 57  ? 0.1219 0.1606 0.1512 0.0217  -0.0207 0.0026  78  PRO A CA  
432 C C   . PRO A 57  ? 0.1263 0.1825 0.1566 0.0190  -0.0236 -0.0002 78  PRO A C   
433 O O   . PRO A 57  ? 0.1367 0.1979 0.1753 0.0202  -0.0217 -0.0029 78  PRO A O   
434 C CB  . PRO A 57  ? 0.1518 0.1921 0.1926 0.0303  -0.0203 0.0134  78  PRO A CB  
435 C CG  . PRO A 57  ? 0.1442 0.1885 0.1765 0.0303  -0.0226 0.0218  78  PRO A CG  
436 C CD  . PRO A 57  ? 0.1167 0.1490 0.1366 0.0230  -0.0218 0.0139  78  PRO A CD  
437 N N   . GLU A 58  ? 0.1000 0.1670 0.1236 0.0149  -0.0278 -0.0010 79  GLU A N   
438 C CA  . GLU A 58  ? 0.1011 0.1869 0.1294 0.0111  -0.0308 -0.0056 79  GLU A CA  
439 C C   . GLU A 58  ? 0.0964 0.1773 0.1223 0.0012  -0.0295 -0.0152 79  GLU A C   
440 O O   . GLU A 58  ? 0.0901 0.1856 0.1226 -0.0041 -0.0316 -0.0209 79  GLU A O   
441 C CB  . GLU A 58  ? 0.1156 0.2243 0.1425 0.0137  -0.0368 -0.0018 79  GLU A CB  
442 C CG  . GLU A 58  ? 0.1488 0.2635 0.1813 0.0248  -0.0373 0.0123  79  GLU A CG  
443 C CD  . GLU A 58  ? 0.2708 0.4108 0.2990 0.0282  -0.0426 0.0190  79  GLU A CD  
444 O OE1 . GLU A 58  ? 0.2870 0.4389 0.3094 0.0208  -0.0452 0.0089  79  GLU A OE1 
445 O OE2 . GLU A 58  ? 0.2782 0.4180 0.3086 0.0363  -0.0410 0.0330  79  GLU A OE2 
446 N N   . LEU A 59  ? 0.0956 0.1575 0.1153 -0.0012 -0.0257 -0.0166 80  LEU A N   
447 C CA  . LEU A 59  ? 0.0862 0.1415 0.1063 -0.0092 -0.0235 -0.0226 80  LEU A CA  
448 C C   . LEU A 59  ? 0.0943 0.1464 0.1216 -0.0121 -0.0184 -0.0219 80  LEU A C   
449 O O   . LEU A 59  ? 0.0948 0.1405 0.1259 -0.0181 -0.0153 -0.0236 80  LEU A O   
450 C CB  . LEU A 59  ? 0.0892 0.1291 0.0998 -0.0098 -0.0222 -0.0230 80  LEU A CB  
451 C CG  . LEU A 59  ? 0.0858 0.1314 0.0893 -0.0093 -0.0258 -0.0255 80  LEU A CG  
452 C CD1 . LEU A 59  ? 0.1221 0.1532 0.1198 -0.0112 -0.0231 -0.0279 80  LEU A CD1 
453 C CD2 . LEU A 59  ? 0.1269 0.1911 0.1357 -0.0139 -0.0295 -0.0339 80  LEU A CD2 
454 N N   . GLN A 60  ? 0.0956 0.1531 0.1263 -0.0075 -0.0167 -0.0187 81  GLN A N   
455 C CA  . GLN A 60  ? 0.1165 0.1763 0.1523 -0.0092 -0.0112 -0.0170 81  GLN A CA  
456 C C   . GLN A 60  ? 0.1076 0.1546 0.1360 -0.0103 -0.0073 -0.0143 81  GLN A C   
457 O O   . GLN A 60  ? 0.1200 0.1676 0.1536 -0.0147 -0.0030 -0.0108 81  GLN A O   
458 C CB  . GLN A 60  ? 0.1265 0.1969 0.1754 -0.0166 -0.0099 -0.0183 81  GLN A CB  
459 C CG  . GLN A 60  ? 0.1477 0.2371 0.2068 -0.0160 -0.0134 -0.0208 81  GLN A CG  
460 C CD  . GLN A 60  ? 0.1768 0.2779 0.2522 -0.0247 -0.0112 -0.0231 81  GLN A CD  
461 O OE1 . GLN A 60  ? 0.1641 0.2570 0.2454 -0.0313 -0.0060 -0.0214 81  GLN A OE1 
462 N NE2 . GLN A 60  ? 0.1492 0.2705 0.2350 -0.0246 -0.0148 -0.0259 81  GLN A NE2 
463 N N   . ILE A 61  ? 0.0855 0.1228 0.1042 -0.0062 -0.0086 -0.0145 82  ILE A N   
464 C CA  . ILE A 61  ? 0.0847 0.1145 0.0969 -0.0064 -0.0058 -0.0117 82  ILE A CA  
465 C C   . ILE A 61  ? 0.0963 0.1370 0.1082 -0.0039 -0.0015 -0.0099 82  ILE A C   
466 O O   . ILE A 61  ? 0.1042 0.1510 0.1162 0.0006  -0.0016 -0.0144 82  ILE A O   
467 C CB  . ILE A 61  ? 0.0799 0.0999 0.0839 -0.0031 -0.0082 -0.0135 82  ILE A CB  
468 C CG1 . ILE A 61  ? 0.1044 0.1180 0.1069 -0.0046 -0.0118 -0.0147 82  ILE A CG1 
469 C CG2 . ILE A 61  ? 0.1136 0.1308 0.1118 -0.0030 -0.0060 -0.0108 82  ILE A CG2 
470 C CD1 . ILE A 61  ? 0.1109 0.1214 0.1164 -0.0101 -0.0110 -0.0154 82  ILE A CD1 
471 N N   . THR A 62  ? 0.0860 0.1306 0.0987 -0.0063 0.0029  -0.0030 83  THR A N   
472 C CA  . THR A 62  ? 0.0928 0.1537 0.1034 -0.0034 0.0075  -0.0001 83  THR A CA  
473 C C   . THR A 62  ? 0.1070 0.1723 0.1090 -0.0013 0.0094  0.0058  83  THR A C   
474 O O   . THR A 62  ? 0.1250 0.2086 0.1221 0.0018  0.0127  0.0075  83  THR A O   
475 C CB  . THR A 62  ? 0.0975 0.1696 0.1191 -0.0070 0.0126  0.0069  83  THR A CB  
476 O OG1 . THR A 62  ? 0.1320 0.1949 0.1615 -0.0123 0.0151  0.0156  83  THR A OG1 
477 C CG2 . THR A 62  ? 0.1151 0.1901 0.1463 -0.0084 0.0103  0.0005  83  THR A CG2 
478 N N   . ASN A 63  ? 0.1040 0.1555 0.1039 -0.0025 0.0075  0.0088  84  ASN A N   
479 C CA  . ASN A 63  ? 0.1084 0.1659 0.1016 0.0004  0.0086  0.0157  84  ASN A CA  
480 C C   . ASN A 63  ? 0.1073 0.1483 0.0983 0.0001  0.0048  0.0134  84  ASN A C   
481 O O   . ASN A 63  ? 0.1021 0.1281 0.0966 -0.0026 0.0022  0.0079  84  ASN A O   
482 C CB  . ASN A 63  ? 0.1368 0.2014 0.1374 -0.0006 0.0151  0.0321  84  ASN A CB  
483 C CG  . ASN A 63  ? 0.1658 0.2460 0.1589 0.0045  0.0167  0.0428  84  ASN A CG  
484 O OD1 . ASN A 63  ? 0.1576 0.2509 0.1387 0.0082  0.0132  0.0353  84  ASN A OD1 
485 N ND2 . ASN A 63  ? 0.2302 0.3110 0.2328 0.0045  0.0225  0.0606  84  ASN A ND2 
486 N N   . VAL A 64  ? 0.1122 0.1601 0.0970 0.0033  0.0042  0.0172  85  VAL A N   
487 C CA  . VAL A 64  ? 0.1027 0.1382 0.0867 0.0037  0.0014  0.0162  85  VAL A CA  
488 C C   . VAL A 64  ? 0.1125 0.1560 0.0973 0.0070  0.0040  0.0297  85  VAL A C   
489 O O   . VAL A 64  ? 0.1338 0.1975 0.1157 0.0100  0.0064  0.0381  85  VAL A O   
490 C CB  . VAL A 64  ? 0.1011 0.1381 0.0786 0.0047  -0.0034 0.0040  85  VAL A CB  
491 C CG1 . VAL A 64  ? 0.1190 0.1481 0.0987 0.0031  -0.0050 -0.0060 85  VAL A CG1 
492 C CG2 . VAL A 64  ? 0.1210 0.1810 0.0918 0.0080  -0.0041 0.0016  85  VAL A CG2 
493 N N   . VAL A 65  ? 0.1070 0.1370 0.0964 0.0073  0.0037  0.0326  86  VAL A N   
494 C CA  . VAL A 65  ? 0.1290 0.1663 0.1219 0.0120  0.0060  0.0465  86  VAL A CA  
495 C C   . VAL A 65  ? 0.1064 0.1320 0.1009 0.0130  0.0035  0.0423  86  VAL A C   
496 O O   . VAL A 65  ? 0.1194 0.1274 0.1159 0.0095  0.0026  0.0327  86  VAL A O   
497 C CB  . VAL A 65  ? 0.1245 0.1551 0.1324 0.0118  0.0133  0.0619  86  VAL A CB  
498 C CG1 . VAL A 65  ? 0.1614 0.1657 0.1817 0.0071  0.0150  0.0552  86  VAL A CG1 
499 C CG2 . VAL A 65  ? 0.1829 0.2257 0.1960 0.0187  0.0167  0.0812  86  VAL A CG2 
500 N N   . GLU A 66  ? 0.1220 0.1606 0.1153 0.0181  0.0025  0.0496  87  GLU A N   
501 C CA  . GLU A 66  ? 0.1295 0.1583 0.1266 0.0194  0.0012  0.0468  87  GLU A CA  
502 C C   . GLU A 66  ? 0.1583 0.1657 0.1700 0.0193  0.0068  0.0517  87  GLU A C   
503 O O   . GLU A 66  ? 0.1618 0.1669 0.1846 0.0209  0.0123  0.0645  87  GLU A O   
504 C CB  . GLU A 66  ? 0.1738 0.2241 0.1695 0.0255  -0.0010 0.0548  87  GLU A CB  
505 C CG  . GLU A 66  ? 0.1979 0.2674 0.1826 0.0240  -0.0074 0.0425  87  GLU A CG  
506 C CD  . GLU A 66  ? 0.2366 0.3319 0.2208 0.0294  -0.0105 0.0486  87  GLU A CD  
507 O OE1 . GLU A 66  ? 0.2653 0.3715 0.2547 0.0343  -0.0069 0.0633  87  GLU A OE1 
508 O OE2 . GLU A 66  ? 0.2648 0.3678 0.2471 0.0270  -0.0154 0.0364  87  GLU A OE2 
509 N N   . ALA A 67  ? 0.1660 0.1586 0.1793 0.0173  0.0060  0.0410  88  ALA A N   
510 C CA  . ALA A 67  ? 0.1635 0.1376 0.1912 0.0174  0.0112  0.0407  88  ALA A CA  
511 C C   . ALA A 67  ? 0.1683 0.1447 0.2093 0.0248  0.0154  0.0548  88  ALA A C   
512 O O   . ALA A 67  ? 0.1797 0.1744 0.2156 0.0300  0.0126  0.0632  88  ALA A O   
513 C CB  . ALA A 67  ? 0.1718 0.1367 0.1957 0.0144  0.0094  0.0256  88  ALA A CB  
514 N N   . ASN A 68  ? 0.2004 0.1594 0.2603 0.0255  0.0221  0.0565  89  ASN A N   
515 C CA  . ASN A 68  ? 0.1969 0.1582 0.2716 0.0315  0.0267  0.0667  89  ASN A CA  
516 C C   . ASN A 68  ? 0.1976 0.1607 0.2714 0.0362  0.0251  0.0624  89  ASN A C   
517 O O   . ASN A 68  ? 0.2673 0.2430 0.3458 0.0422  0.0257  0.0730  89  ASN A O   
518 C CB  . ASN A 68  ? 0.2699 0.2150 0.3650 0.0283  0.0338  0.0627  89  ASN A CB  
519 C CG  . ASN A 68  ? 0.4195 0.3641 0.5200 0.0236  0.0363  0.0677  89  ASN A CG  
520 O OD1 . ASN A 68  ? 0.4252 0.3851 0.5179 0.0254  0.0348  0.0803  89  ASN A OD1 
521 N ND2 . ASN A 68  ? 0.4097 0.3401 0.5241 0.0177  0.0401  0.0568  89  ASN A ND2 
522 N N   . GLN A 69  ? 0.1606 0.1137 0.2291 0.0333  0.0236  0.0465  90  GLN A N   
523 C CA  . GLN A 69  ? 0.1488 0.1032 0.2185 0.0370  0.0238  0.0402  90  GLN A CA  
524 C C   . GLN A 69  ? 0.1307 0.0999 0.1812 0.0342  0.0166  0.0340  90  GLN A C   
525 O O   . GLN A 69  ? 0.1402 0.1095 0.1771 0.0276  0.0127  0.0258  90  GLN A O   
526 C CB  . GLN A 69  ? 0.1650 0.1030 0.2421 0.0336  0.0283  0.0231  90  GLN A CB  
527 C CG  . GLN A 69  ? 0.1979 0.1267 0.2933 0.0330  0.0344  0.0231  90  GLN A CG  
528 C CD  . GLN A 69  ? 0.1928 0.1257 0.3010 0.0404  0.0381  0.0318  90  GLN A CD  
529 O OE1 . GLN A 69  ? 0.1759 0.1182 0.2791 0.0454  0.0360  0.0329  90  GLN A OE1 
530 N NE2 . GLN A 69  ? 0.2125 0.1395 0.3396 0.0413  0.0439  0.0383  90  GLN A NE2 
531 N N   . PRO A 70  ? 0.1349 0.1170 0.1869 0.0391  0.0153  0.0381  91  PRO A N   
532 C CA  . PRO A 70  ? 0.1104 0.1034 0.1497 0.0353  0.0100  0.0297  91  PRO A CA  
533 C C   . PRO A 70  ? 0.1203 0.1024 0.1568 0.0315  0.0126  0.0161  91  PRO A C   
534 O O   . PRO A 70  ? 0.1293 0.1005 0.1758 0.0341  0.0184  0.0118  91  PRO A O   
535 C CB  . PRO A 70  ? 0.1279 0.1379 0.1747 0.0417  0.0092  0.0375  91  PRO A CB  
536 C CG  . PRO A 70  ? 0.1278 0.1289 0.1928 0.0497  0.0161  0.0451  91  PRO A CG  
537 C CD  . PRO A 70  ? 0.1331 0.1202 0.2018 0.0486  0.0191  0.0501  91  PRO A CD  
538 N N   . VAL A 71  ? 0.0962 0.0831 0.1206 0.0260  0.0089  0.0095  92  VAL A N   
539 C CA  . VAL A 71  ? 0.0991 0.0812 0.1184 0.0230  0.0110  -0.0006 92  VAL A CA  
540 C C   . VAL A 71  ? 0.0973 0.0909 0.1138 0.0215  0.0099  -0.0009 92  VAL A C   
541 O O   . VAL A 71  ? 0.1234 0.1247 0.1380 0.0188  0.0056  0.0022  92  VAL A O   
542 C CB  . VAL A 71  ? 0.1126 0.0880 0.1221 0.0173  0.0089  -0.0060 92  VAL A CB  
543 C CG1 . VAL A 71  ? 0.1787 0.1594 0.1807 0.0136  0.0036  -0.0029 92  VAL A CG1 
544 C CG2 . VAL A 71  ? 0.1634 0.1392 0.1671 0.0155  0.0111  -0.0152 92  VAL A CG2 
545 N N   . THR A 72  ? 0.1043 0.1003 0.1222 0.0230  0.0145  -0.0057 93  THR A N   
546 C CA  . THR A 72  ? 0.1053 0.1123 0.1217 0.0209  0.0150  -0.0047 93  THR A CA  
547 C C   . THR A 72  ? 0.1059 0.1122 0.1114 0.0163  0.0147  -0.0072 93  THR A C   
548 O O   . THR A 72  ? 0.1307 0.1345 0.1297 0.0165  0.0167  -0.0134 93  THR A O   
549 C CB  . THR A 72  ? 0.0987 0.1133 0.1225 0.0257  0.0209  -0.0068 93  THR A CB  
550 O OG1 . THR A 72  ? 0.0978 0.1171 0.1340 0.0306  0.0204  -0.0012 93  THR A OG1 
551 C CG2 . THR A 72  ? 0.1171 0.1442 0.1393 0.0228  0.0232  -0.0050 93  THR A CG2 
552 N N   . ILE A 73  ? 0.0960 0.1064 0.1015 0.0121  0.0123  -0.0023 94  ILE A N   
553 C CA  . ILE A 73  ? 0.1216 0.1321 0.1202 0.0088  0.0123  -0.0004 94  ILE A CA  
554 C C   . ILE A 73  ? 0.1159 0.1360 0.1210 0.0066  0.0156  0.0061  94  ILE A C   
555 O O   . ILE A 73  ? 0.1067 0.1299 0.1231 0.0044  0.0147  0.0081  94  ILE A O   
556 C CB  . ILE A 73  ? 0.1125 0.1147 0.1095 0.0055  0.0071  0.0005  94  ILE A CB  
557 C CG1 . ILE A 73  ? 0.1169 0.1113 0.1087 0.0070  0.0049  -0.0043 94  ILE A CG1 
558 C CG2 . ILE A 73  ? 0.1459 0.1488 0.1400 0.0032  0.0077  0.0053  94  ILE A CG2 
559 C CD1 . ILE A 73  ? 0.1440 0.1332 0.1354 0.0047  0.0004  -0.0038 94  ILE A CD1 
560 N N   . GLN A 74  ? 0.2147 0.2248 0.1234 0.0768  0.0426  -0.0247 95  GLN A N   
561 C CA  . GLN A 74  ? 0.2354 0.2475 0.1439 0.0804  0.0627  -0.0024 95  GLN A CA  
562 C C   . GLN A 74  ? 0.2411 0.2404 0.1430 0.0749  0.0512  0.0003  95  GLN A C   
563 O O   . GLN A 74  ? 0.2317 0.2209 0.1264 0.0706  0.0271  -0.0160 95  GLN A O   
564 C CB  . GLN A 74  ? 0.2888 0.2825 0.1491 0.1045  0.0815  0.0072  95  GLN A CB  
565 C CG  . GLN A 74  ? 0.2837 0.2888 0.1597 0.1041  0.0878  0.0071  95  GLN A CG  
566 C CD  . GLN A 74  ? 0.3364 0.3239 0.1804 0.1231  0.1034  0.0211  95  GLN A CD  
567 O OE1 . GLN A 74  ? 0.4160 0.3850 0.2330 0.1374  0.1158  0.0364  95  GLN A OE1 
568 N NE2 . GLN A 74  ? 0.3387 0.3294 0.1840 0.1256  0.1034  0.0169  95  GLN A NE2 
569 N N   . ASN A 75  ? 0.2602 0.2600 0.1704 0.0757  0.0705  0.0222  96  ASN A N   
570 C CA  . ASN A 75  ? 0.2738 0.2568 0.1700 0.0748  0.0639  0.0283  96  ASN A CA  
571 C C   . ASN A 75  ? 0.2297 0.2248 0.1681 0.0522  0.0423  0.0197  96  ASN A C   
572 O O   . ASN A 75  ? 0.2361 0.2158 0.1565 0.0519  0.0257  0.0140  96  ASN A O   
573 C CB  . ASN A 75  ? 0.3221 0.2712 0.1485 0.0970  0.0498  0.0172  96  ASN A CB  
574 C CG  . ASN A 75  ? 0.4540 0.3840 0.2260 0.1257  0.0679  0.0227  96  ASN A CG  
575 O OD1 . ASN A 75  ? 0.4678 0.3998 0.2425 0.1342  0.1009  0.0470  96  ASN A OD1 
576 N ND2 . ASN A 75  ? 0.5739 0.4867 0.3166 0.1366  0.0424  0.0007  96  ASN A ND2 
577 N N   . TRP A 76  ? 0.1903 0.2106 0.1820 0.0368  0.0412  0.0182  97  TRP A N   
578 C CA  . TRP A 76  ? 0.1590 0.1864 0.1858 0.0206  0.0227  0.0122  97  TRP A CA  
579 C C   . TRP A 76  ? 0.1737 0.1956 0.2176 0.0154  0.0308  0.0299  97  TRP A C   
580 O O   . TRP A 76  ? 0.1946 0.2194 0.2541 0.0188  0.0558  0.0496  97  TRP A O   
581 C CB  . TRP A 76  ? 0.1269 0.1766 0.1995 0.0122  0.0172  0.0054  97  TRP A CB  
582 C CG  . TRP A 76  ? 0.1142 0.1667 0.1722 0.0180  0.0115  -0.0099 97  TRP A CG  
583 C CD1 . TRP A 76  ? 0.1214 0.1802 0.1704 0.0269  0.0247  -0.0098 97  TRP A CD1 
584 C CD2 . TRP A 76  ? 0.0964 0.1432 0.1488 0.0170  -0.0052 -0.0253 97  TRP A CD2 
585 N NE1 . TRP A 76  ? 0.1092 0.1658 0.1482 0.0302  0.0158  -0.0249 97  TRP A NE1 
586 C CE2 . TRP A 76  ? 0.0941 0.1429 0.1362 0.0248  -0.0003 -0.0332 97  TRP A CE2 
587 C CE3 . TRP A 76  ? 0.0988 0.1370 0.1543 0.0124  -0.0204 -0.0312 97  TRP A CE3 
588 C CZ2 . TRP A 76  ? 0.0920 0.1336 0.1300 0.0277  -0.0074 -0.0448 97  TRP A CZ2 
589 C CZ3 . TRP A 76  ? 0.0998 0.1315 0.1498 0.0167  -0.0263 -0.0422 97  TRP A CZ3 
590 C CH2 . TRP A 76  ? 0.0845 0.1174 0.1273 0.0243  -0.0184 -0.0478 97  TRP A CH2 
591 N N   . CYS A 77  ? 0.1653 0.1780 0.2093 0.0081  0.0125  0.0243  98  CYS A N   
592 C CA  . CYS A 77  ? 0.1830 0.1847 0.2365 0.0043  0.0181  0.0398  98  CYS A CA  
593 C C   . CYS A 77  ? 0.1567 0.1665 0.2592 -0.0115 0.0008  0.0351  98  CYS A C   
594 O O   . CYS A 77  ? 0.1295 0.1473 0.2419 -0.0152 -0.0191 0.0175  98  CYS A O   
595 C CB  . CYS A 77  ? 0.2074 0.1838 0.2079 0.0142  0.0083  0.0366  98  CYS A CB  
596 S SG  . CYS A 77  ? 0.2871 0.2424 0.2177 0.0399  0.0183  0.0371  98  CYS A SG  
597 N N   . LYS A 78  ? 0.1719 0.1748 0.3006 -0.0174 0.0088  0.0509  99  LYS A N   
598 C CA  . LYS A 78  ? 0.1569 0.1590 0.3239 -0.0296 -0.0119 0.0449  99  LYS A CA  
599 C C   . LYS A 78  ? 0.1681 0.1481 0.2956 -0.0269 -0.0233 0.0431  99  LYS A C   
600 O O   . LYS A 78  ? 0.1879 0.1544 0.2630 -0.0153 -0.0174 0.0453  99  LYS A O   
601 C CB  . LYS A 78  ? 0.1670 0.1746 0.4009 -0.0395 0.0015  0.0619  99  LYS A CB  
602 C CG  . LYS A 78  ? 0.1998 0.2329 0.4870 -0.0426 0.0088  0.0614  99  LYS A CG  
603 C CD  . LYS A 78  ? 0.3100 0.3461 0.6489 -0.0439 0.0339  0.0821  99  LYS A CD  
604 C CE  . LYS A 78  ? 0.3909 0.4341 0.7801 -0.0457 0.0104  0.0662  99  LYS A CE  
605 N NZ  . LYS A 78  ? 0.4032 0.4524 0.8504 -0.0450 0.0338  0.0835  99  LYS A NZ  
606 N N   . ARG A 79  ? 0.1592 0.1339 0.3116 -0.0352 -0.0427 0.0370  100 ARG A N   
607 C CA  . ARG A 79  ? 0.1680 0.1231 0.2898 -0.0327 -0.0555 0.0345  100 ARG A CA  
608 C C   . ARG A 79  ? 0.2046 0.1405 0.2910 -0.0244 -0.0368 0.0530  100 ARG A C   
609 O O   . ARG A 79  ? 0.2286 0.1600 0.3337 -0.0249 -0.0127 0.0741  100 ARG A O   
610 C CB  . ARG A 79  ? 0.1641 0.1135 0.3232 -0.0412 -0.0735 0.0305  100 ARG A CB  
611 C CG  . ARG A 79  ? 0.1716 0.1037 0.2979 -0.0363 -0.0866 0.0264  100 ARG A CG  
612 C CD  . ARG A 79  ? 0.1741 0.1093 0.3193 -0.0330 -0.0967 0.0215  100 ARG A CD  
613 N NE  . ARG A 79  ? 0.1880 0.1091 0.3066 -0.0284 -0.1063 0.0203  100 ARG A NE  
614 C CZ  . ARG A 79  ? 0.2094 0.1297 0.3005 -0.0154 -0.1139 0.0107  100 ARG A CZ  
615 N NH1 . ARG A 79  ? 0.2368 0.1625 0.3197 -0.0062 -0.1090 0.0024  100 ARG A NH1 
616 N NH2 . ARG A 79  ? 0.2476 0.1570 0.3215 -0.0114 -0.1215 0.0118  100 ARG A NH2 
617 N N   . GLY A 80  ? 0.2137 0.1366 0.2504 -0.0139 -0.0470 0.0452  101 GLY A N   
618 C CA  . GLY A 80  ? 0.2577 0.1570 0.2469 0.0011  -0.0352 0.0585  101 GLY A CA  
619 C C   . GLY A 80  ? 0.2808 0.1778 0.2298 0.0174  -0.0211 0.0604  101 GLY A C   
620 O O   . GLY A 80  ? 0.3299 0.2021 0.2297 0.0368  -0.0093 0.0722  101 GLY A O   
621 N N   . ARG A 81  ? 0.2522 0.1706 0.2161 0.0132  -0.0231 0.0483  102 ARG A N   
622 C CA  . ARG A 81  ? 0.2728 0.1902 0.2039 0.0280  -0.0097 0.0490  102 ARG A CA  
623 C C   . ARG A 81  ? 0.3128 0.2201 0.2391 0.0372  0.0256  0.0769  102 ARG A C   
624 O O   . ARG A 81  ? 0.3630 0.2477 0.2326 0.0613  0.0399  0.0855  102 ARG A O   
625 C CB  . ARG A 81  ? 0.2987 0.1971 0.1728 0.0470  -0.0283 0.0333  102 ARG A CB  
626 C CG  . ARG A 81  ? 0.2755 0.1867 0.1699 0.0375  -0.0570 0.0083  102 ARG A CG  
627 C CD  . ARG A 81  ? 0.3180 0.2154 0.1759 0.0547  -0.0773 -0.0107 102 ARG A CD  
628 N NE  . ARG A 81  ? 0.3548 0.2243 0.1690 0.0727  -0.0889 -0.0097 102 ARG A NE  
629 C CZ  . ARG A 81  ? 0.3576 0.2270 0.1911 0.0673  -0.1045 -0.0195 102 ARG A CZ  
630 N NH1 . ARG A 81  ? 0.3170 0.2084 0.2039 0.0481  -0.1083 -0.0271 102 ARG A NH1 
631 N NH2 . ARG A 81  ? 0.3920 0.2392 0.1941 0.0828  -0.1087 -0.0200 102 ARG A NH2 
632 N N   . LYS A 82  ? 0.2953 0.2170 0.2843 0.0203  0.0394  0.0908  103 LYS A N   
633 C CA  . LYS A 82  ? 0.3292 0.2452 0.3386 0.0251  0.0780  0.1210  103 LYS A CA  
634 C C   . LYS A 82  ? 0.3043 0.2496 0.3682 0.0160  0.0919  0.1231  103 LYS A C   
635 O O   . LYS A 82  ? 0.2588 0.2278 0.3506 0.0033  0.0684  0.1012  103 LYS A O   
636 C CB  . LYS A 82  ? 0.3448 0.2537 0.4026 0.0115  0.0829  0.1363  103 LYS A CB  
637 C CG  . LYS A 82  ? 0.3630 0.2409 0.3704 0.0216  0.0734  0.1386  103 LYS A CG  
638 C CD  . LYS A 82  ? 0.4042 0.2766 0.4683 0.0052  0.0753  0.1511  103 LYS A CD  
639 C CE  . LYS A 82  ? 0.4914 0.3289 0.5026 0.0187  0.0729  0.1591  103 LYS A CE  
640 N NZ  . LYS A 82  ? 0.5149 0.3492 0.5800 0.0013  0.0679  0.1637  103 LYS A NZ  
641 N N   . GLN A 83  ? 0.3494 0.2913 0.4290 0.0251  0.1323  0.1511  104 GLN A N   
642 C CA  . GLN A 83  ? 0.3940 0.3641 0.5317 0.0189  0.1502  0.1567  104 GLN A CA  
643 C C   . GLN A 83  ? 0.3723 0.3578 0.4797 0.0234  0.1323  0.1325  104 GLN A C   
644 O O   . GLN A 83  ? 0.3271 0.3415 0.4877 0.0103  0.1216  0.1204  104 GLN A O   
645 C CB  . GLN A 83  ? 0.3311 0.3265 0.5711 -0.0066 0.1377  0.1526  104 GLN A CB  
646 C CG  . GLN A 83  ? 0.4279 0.4125 0.7024 -0.0059 0.1529  0.1686  104 GLN A CG  
647 C CD  . GLN A 83  ? 0.5418 0.5498 0.9111 -0.0203 0.1404  0.1606  104 GLN A CD  
648 O OE1 . GLN A 83  ? 0.5774 0.5937 0.9769 -0.0346 0.1039  0.1391  104 GLN A OE1 
649 N NE2 . GLN A 83  ? 0.6010 0.6144 1.0122 -0.0119 0.1688  0.1772  104 GLN A NE2 
650 N N   . CYS A 84  ? 0.3395 0.3028 0.3617 0.0439  0.1266  0.1240  105 CYS A N   
651 C CA  . CYS A 84  ? 0.3221 0.2939 0.3133 0.0509  0.1134  0.1033  105 CYS A CA  
652 C C   . CYS A 84  ? 0.3389 0.3210 0.3422 0.0620  0.1476  0.1197  105 CYS A C   
653 O O   . CYS A 84  ? 0.4093 0.3734 0.3919 0.0810  0.1844  0.1469  105 CYS A O   
654 C CB  . CYS A 84  ? 0.3805 0.3227 0.2866 0.0714  0.0959  0.0889  105 CYS A CB  
655 S SG  . CYS A 84  ? 0.3717 0.3016 0.2687 0.0612  0.0597  0.0732  105 CYS A SG  
656 N N   . LYS A 85  ? 0.2879 0.2976 0.3259 0.0522  0.1377  0.1049  106 LYS A N   
657 C CA  . LYS A 85  ? 0.3473 0.3730 0.4094 0.0602  0.1668  0.1178  106 LYS A CA  
658 C C   . LYS A 85  ? 0.3374 0.3596 0.3453 0.0745  0.1572  0.0990  106 LYS A C   
659 O O   . LYS A 85  ? 0.2817 0.3055 0.2753 0.0668  0.1243  0.0731  106 LYS A O   
660 C CB  . LYS A 85  ? 0.3820 0.4443 0.5412 0.0375  0.1603  0.1146  106 LYS A CB  
661 C CG  . LYS A 85  ? 0.4146 0.4792 0.6400 0.0214  0.1606  0.1267  106 LYS A CG  
662 C CD  . LYS A 85  ? 0.4919 0.5466 0.7393 0.0318  0.1908  0.1500  106 LYS A CD  
663 C CE  . LYS A 85  ? 0.5203 0.5776 0.8423 0.0169  0.1866  0.1568  106 LYS A CE  
664 N NZ  . LYS A 85  ? 0.5514 0.6158 0.9349 0.0198  0.2050  0.1697  106 LYS A NZ  
665 N N   . THR A 86  ? 0.3526 0.3657 0.3352 0.0940  0.1795  0.1096  107 THR A N   
666 C CA  . THR A 86  ? 0.3769 0.3844 0.3145 0.1063  0.1669  0.0908  107 THR A CA  
667 C C   . THR A 86  ? 0.4089 0.4501 0.3993 0.0903  0.1576  0.0778  107 THR A C   
668 O O   . THR A 86  ? 0.3554 0.3936 0.3177 0.0962  0.1448  0.0609  107 THR A O   
669 C CB  . THR A 86  ? 0.4368 0.4186 0.3316 0.1320  0.1838  0.1030  107 THR A CB  
670 O OG1 . THR A 86  ? 0.4238 0.4187 0.3738 0.1293  0.2117  0.1263  107 THR A OG1 
671 C CG2 . THR A 86  ? 0.5389 0.4802 0.3669 0.1557  0.1845  0.1084  107 THR A CG2 
672 N N   . HIS A 87  ? 0.2572 0.3267 0.3258 0.0707  0.1587  0.0833  108 HIS A N   
673 C CA  . HIS A 87  ? 0.2283 0.3255 0.3460 0.0591  0.1446  0.0694  108 HIS A CA  
674 C C   . HIS A 87  ? 0.1865 0.2862 0.2801 0.0585  0.1199  0.0442  108 HIS A C   
675 O O   . HIS A 87  ? 0.1812 0.2714 0.2663 0.0483  0.0964  0.0329  108 HIS A O   
676 C CB  . HIS A 87  ? 0.2215 0.3399 0.4217 0.0397  0.1360  0.0724  108 HIS A CB  
677 C CG  . HIS A 87  ? 0.2765 0.4161 0.5185 0.0339  0.1202  0.0586  108 HIS A CG  
678 N ND1 . HIS A 87  ? 0.3359 0.4842 0.5772 0.0306  0.0918  0.0352  108 HIS A ND1 
679 C CD2 . HIS A 87  ? 0.3415 0.4920 0.6224 0.0341  0.1290  0.0651  108 HIS A CD2 
680 C CE1 . HIS A 87  ? 0.3090 0.4715 0.5805 0.0305  0.0826  0.0276  108 HIS A CE1 
681 N NE2 . HIS A 87  ? 0.4067 0.5732 0.7068 0.0312  0.1042  0.0445  108 HIS A NE2 
682 N N   . PRO A 88  ? 0.1864 0.2866 0.2615 0.0644  0.1148  0.0323  109 PRO A N   
683 C CA  . PRO A 88  ? 0.1660 0.2600 0.2144 0.0650  0.0933  0.0099  109 PRO A CA  
684 C C   . PRO A 88  ? 0.1349 0.2466 0.2267 0.0546  0.0737  -0.0021 109 PRO A C   
685 O O   . PRO A 88  ? 0.1469 0.2786 0.2848 0.0510  0.0735  0.0000  109 PRO A O   
686 C CB  . PRO A 88  ? 0.1873 0.2692 0.2030 0.0732  0.0951  0.0045  109 PRO A CB  
687 C CG  . PRO A 88  ? 0.2574 0.3543 0.3039 0.0750  0.1135  0.0197  109 PRO A CG  
688 C CD  . PRO A 88  ? 0.2122 0.3126 0.2839 0.0723  0.1292  0.0398  109 PRO A CD  
689 N N   . HIS A 89  ? 0.1359 0.1239 0.1666 -0.0316 0.0074  -0.0255 110 HIS A N   
690 C CA  . HIS A 89  ? 0.1223 0.1112 0.1573 -0.0256 0.0041  -0.0289 110 HIS A CA  
691 C C   . HIS A 89  ? 0.1160 0.1020 0.1481 -0.0217 0.0046  -0.0280 110 HIS A C   
692 O O   . HIS A 89  ? 0.1525 0.1337 0.1766 -0.0235 0.0053  -0.0246 110 HIS A O   
693 C CB  . HIS A 89  ? 0.1465 0.1319 0.1817 -0.0248 0.0010  -0.0284 110 HIS A CB  
694 C CG  . HIS A 89  ? 0.1595 0.1457 0.2012 -0.0286 0.0027  -0.0301 110 HIS A CG  
695 N ND1 . HIS A 89  ? 0.1862 0.1833 0.2347 -0.0296 0.0030  -0.0372 110 HIS A ND1 
696 C CD2 . HIS A 89  ? 0.2361 0.2150 0.2820 -0.0322 0.0050  -0.0254 110 HIS A CD2 
697 C CE1 . HIS A 89  ? 0.2008 0.1952 0.2550 -0.0337 0.0057  -0.0380 110 HIS A CE1 
698 N NE2 . HIS A 89  ? 0.2447 0.2271 0.2986 -0.0350 0.0073  -0.0303 110 HIS A NE2 
699 N N   . PHE A 90  ? 0.1272 0.1197 0.1651 -0.0149 0.0044  -0.0274 111 PHE A N   
700 C CA  . PHE A 90  ? 0.1098 0.0994 0.1472 -0.0094 0.0058  -0.0231 111 PHE A CA  
701 C C   . PHE A 90  ? 0.0997 0.0953 0.1336 -0.0044 -0.0001 -0.0202 111 PHE A C   
702 O O   . PHE A 90  ? 0.1083 0.1181 0.1451 -0.0030 -0.0041 -0.0220 111 PHE A O   
703 C CB  . PHE A 90  ? 0.1296 0.1216 0.1806 -0.0044 0.0127  -0.0205 111 PHE A CB  
704 C CG  . PHE A 90  ? 0.1343 0.1431 0.1973 0.0023  0.0110  -0.0155 111 PHE A CG  
705 C CD1 . PHE A 90  ? 0.1870 0.2091 0.2551 0.0111  0.0081  -0.0052 111 PHE A CD1 
706 C CD2 . PHE A 90  ? 0.1532 0.1694 0.2235 -0.0001 0.0125  -0.0194 111 PHE A CD2 
707 C CE1 . PHE A 90  ? 0.1675 0.2141 0.2475 0.0172  0.0060  0.0021  111 PHE A CE1 
708 C CE2 . PHE A 90  ? 0.2281 0.2656 0.3110 0.0060  0.0106  -0.0138 111 PHE A CE2 
709 C CZ  . PHE A 90  ? 0.2276 0.2823 0.3153 0.0146  0.0069  -0.0023 111 PHE A CZ  
710 N N   . VAL A 91  ? 0.1023 0.0906 0.1299 -0.0032 -0.0003 -0.0176 112 VAL A N   
711 C CA  . VAL A 91  ? 0.0967 0.0913 0.1202 0.0005  -0.0048 -0.0160 112 VAL A CA  
712 C C   . VAL A 91  ? 0.1123 0.1028 0.1348 0.0043  -0.0023 -0.0095 112 VAL A C   
713 O O   . VAL A 91  ? 0.1201 0.1006 0.1453 0.0023  0.0034  -0.0090 112 VAL A O   
714 C CB  . VAL A 91  ? 0.1132 0.1013 0.1318 -0.0037 -0.0073 -0.0210 112 VAL A CB  
715 C CG1 . VAL A 91  ? 0.1364 0.1257 0.1604 -0.0086 -0.0075 -0.0275 112 VAL A CG1 
716 C CG2 . VAL A 91  ? 0.1668 0.1427 0.1804 -0.0067 -0.0056 -0.0177 112 VAL A CG2 
717 N N   . ILE A 92  ? 0.1144 0.1145 0.1342 0.0086  -0.0054 -0.0060 113 ILE A N   
718 C CA  . ILE A 92  ? 0.1031 0.0986 0.1219 0.0112  -0.0028 0.0001  113 ILE A CA  
719 C C   . ILE A 92  ? 0.1097 0.0983 0.1195 0.0076  -0.0053 -0.0048 113 ILE A C   
720 O O   . ILE A 92  ? 0.1137 0.1094 0.1202 0.0080  -0.0091 -0.0089 113 ILE A O   
721 C CB  . ILE A 92  ? 0.1251 0.1392 0.1478 0.0183  -0.0037 0.0103  113 ILE A CB  
722 C CG1 . ILE A 92  ? 0.1716 0.1952 0.2084 0.0235  -0.0004 0.0195  113 ILE A CG1 
723 C CG2 . ILE A 92  ? 0.1533 0.1614 0.1766 0.0206  0.0002  0.0176  113 ILE A CG2 
724 C CD1 . ILE A 92  ? 0.2438 0.2948 0.2860 0.0309  -0.0023 0.0339  113 ILE A CD1 
725 N N   . PRO A 93  ? 0.1063 0.0835 0.1141 0.0034  -0.0023 -0.0053 114 PRO A N   
726 C CA  . PRO A 93  ? 0.1033 0.0781 0.1052 0.0012  -0.0050 -0.0065 114 PRO A CA  
727 C C   . PRO A 93  ? 0.1013 0.0805 0.1014 0.0048  -0.0052 -0.0033 114 PRO A C   
728 O O   . PRO A 93  ? 0.1164 0.0991 0.1195 0.0083  -0.0025 0.0017  114 PRO A O   
729 C CB  . PRO A 93  ? 0.1403 0.1113 0.1406 -0.0058 -0.0018 -0.0074 114 PRO A CB  
730 C CG  . PRO A 93  ? 0.2061 0.1738 0.2127 -0.0065 0.0051  -0.0087 114 PRO A CG  
731 C CD  . PRO A 93  ? 0.1374 0.1073 0.1502 0.0000  0.0046  -0.0058 114 PRO A CD  
732 N N   . TYR A 94  ? 0.1069 0.0866 0.1047 0.0047  -0.0075 -0.0043 115 TYR A N   
733 C CA  . TYR A 94  ? 0.1110 0.0953 0.1070 0.0071  -0.0073 -0.0020 115 TYR A CA  
734 C C   . TYR A 94  ? 0.1138 0.0960 0.1088 0.0027  -0.0059 0.0002  115 TYR A C   
735 O O   . TYR A 94  ? 0.1215 0.1042 0.1168 -0.0003 -0.0077 0.0010  115 TYR A O   
736 C CB  . TYR A 94  ? 0.1037 0.0933 0.1015 0.0099  -0.0092 -0.0065 115 TYR A CB  
737 C CG  . TYR A 94  ? 0.1097 0.1122 0.1066 0.0123  -0.0099 -0.0109 115 TYR A CG  
738 C CD1 . TYR A 94  ? 0.1151 0.1211 0.1144 0.0111  -0.0109 -0.0167 115 TYR A CD1 
739 C CD2 . TYR A 94  ? 0.1196 0.1361 0.1133 0.0149  -0.0094 -0.0093 115 TYR A CD2 
740 C CE1 . TYR A 94  ? 0.1212 0.1483 0.1193 0.0115  -0.0119 -0.0214 115 TYR A CE1 
741 C CE2 . TYR A 94  ? 0.1225 0.1604 0.1140 0.0157  -0.0104 -0.0126 115 TYR A CE2 
742 C CZ  . TYR A 94  ? 0.1180 0.1628 0.1116 0.0137  -0.0119 -0.0189 115 TYR A CZ  
743 O OH  . TYR A 94  ? 0.1580 0.2327 0.1491 0.0129  -0.0133 -0.0228 115 TYR A OH  
744 N N   . ARG A 95  ? 0.1116 0.0947 0.1066 0.0017  -0.0024 0.0023  116 ARG A N   
745 C CA  . ARG A 95  ? 0.1101 0.0967 0.1045 -0.0040 -0.0007 0.0020  116 ARG A CA  
746 C C   . ARG A 95  ? 0.1043 0.0985 0.0983 -0.0006 -0.0041 0.0046  116 ARG A C   
747 O O   . ARG A 95  ? 0.1188 0.1150 0.1128 0.0050  -0.0043 0.0053  116 ARG A O   
748 C CB  . ARG A 95  ? 0.1287 0.1121 0.1279 -0.0073 0.0066  0.0017  116 ARG A CB  
749 C CG  . ARG A 95  ? 0.1980 0.1727 0.2039 -0.0107 0.0131  -0.0017 116 ARG A CG  
750 C CD  . ARG A 95  ? 0.2665 0.2343 0.2852 -0.0113 0.0234  0.0004  116 ARG A CD  
751 N NE  . ARG A 95  ? 0.2952 0.2663 0.3159 -0.0200 0.0282  -0.0051 116 ARG A NE  
752 C CZ  . ARG A 95  ? 0.3233 0.2925 0.3521 -0.0191 0.0340  -0.0003 116 ARG A CZ  
753 N NH1 . ARG A 95  ? 0.3131 0.2795 0.3481 -0.0093 0.0355  0.0127  116 ARG A NH1 
754 N NH2 . ARG A 95  ? 0.3590 0.3332 0.3901 -0.0289 0.0385  -0.0076 116 ARG A NH2 
755 N N   . CYS A 96  ? 0.0920 0.0941 0.0865 -0.0041 -0.0063 0.0067  117 CYS A N   
756 C CA  . CYS A 96  ? 0.1049 0.1160 0.1035 -0.0003 -0.0083 0.0107  117 CYS A CA  
757 C C   . CYS A 96  ? 0.1109 0.1309 0.1079 -0.0056 -0.0058 0.0101  117 CYS A C   
758 O O   . CYS A 96  ? 0.1131 0.1426 0.1086 -0.0146 -0.0048 0.0085  117 CYS A O   
759 C CB  . CYS A 96  ? 0.0961 0.1158 0.1007 -0.0001 -0.0115 0.0181  117 CYS A CB  
760 S SG  . CYS A 96  ? 0.1097 0.1173 0.1203 0.0040  -0.0121 0.0192  117 CYS A SG  
761 N N   . LEU A 97  ? 0.1123 0.1320 0.1102 -0.0017 -0.0040 0.0100  118 LEU A N   
762 C CA  . LEU A 97  ? 0.1291 0.1548 0.1277 -0.0071 0.0001  0.0092  118 LEU A CA  
763 C C   . LEU A 97  ? 0.1057 0.1482 0.1079 -0.0076 -0.0020 0.0122  118 LEU A C   
764 O O   . LEU A 97  ? 0.1105 0.1565 0.1168 0.0002  -0.0037 0.0148  118 LEU A O   
765 C CB  . LEU A 97  ? 0.1147 0.1343 0.1134 -0.0030 0.0044  0.0109  118 LEU A CB  
766 C CG  . LEU A 97  ? 0.1183 0.1264 0.1167 -0.0008 0.0065  0.0120  118 LEU A CG  
767 C CD1 . LEU A 97  ? 0.1736 0.1854 0.1731 0.0048  0.0094  0.0188  118 LEU A CD1 
768 C CD2 . LEU A 97  ? 0.1646 0.1644 0.1681 -0.0090 0.0126  0.0085  118 LEU A CD2 
769 N N   . VAL A 98  ? 0.1024 0.1582 0.1049 -0.0176 -0.0009 0.0101  119 VAL A N   
770 C CA  . VAL A 98  ? 0.1103 0.1888 0.1173 -0.0199 -0.0030 0.0136  119 VAL A CA  
771 C C   . VAL A 98  ? 0.1356 0.2135 0.1452 -0.0186 0.0013  0.0125  119 VAL A C   
772 O O   . VAL A 98  ? 0.1722 0.2391 0.1814 -0.0230 0.0078  0.0081  119 VAL A O   
773 C CB  . VAL A 98  ? 0.1229 0.2227 0.1282 -0.0344 -0.0024 0.0088  119 VAL A CB  
774 C CG1 . VAL A 98  ? 0.1302 0.2602 0.1407 -0.0379 -0.0048 0.0126  119 VAL A CG1 
775 C CG2 . VAL A 98  ? 0.1310 0.2373 0.1327 -0.0361 -0.0068 0.0118  119 VAL A CG2 
776 N N   . GLY A 99  ? 0.1155 0.2055 0.1309 -0.0118 -0.0012 0.0177  120 GLY A N   
777 C CA  . GLY A 99  ? 0.1171 0.2110 0.1352 -0.0110 0.0028  0.0170  120 GLY A CA  
778 C C   . GLY A 99  ? 0.1000 0.2173 0.1229 -0.0201 0.0036  0.0165  120 GLY A C   
779 O O   . GLY A 99  ? 0.1147 0.2535 0.1414 -0.0226 -0.0012 0.0203  120 GLY A O   
780 N N   . GLU A 100 ? 0.0838 0.2005 0.1080 -0.0253 0.0101  0.0132  121 GLU A N   
781 C CA  . GLU A 100 ? 0.0857 0.2259 0.1162 -0.0345 0.0120  0.0111  121 GLU A CA  
782 C C   . GLU A 100 ? 0.0754 0.2248 0.1113 -0.0257 0.0120  0.0163  121 GLU A C   
783 O O   . GLU A 100 ? 0.0867 0.2259 0.1217 -0.0234 0.0176  0.0164  121 GLU A O   
784 C CB  . GLU A 100 ? 0.1234 0.2531 0.1554 -0.0470 0.0214  0.0025  121 GLU A CB  
785 C CG  . GLU A 100 ? 0.1514 0.2948 0.1870 -0.0545 0.0228  -0.0023 121 GLU A CG  
786 C CD  . GLU A 100 ? 0.1668 0.2951 0.2076 -0.0657 0.0330  -0.0120 121 GLU A CD  
787 O OE1 . GLU A 100 ? 0.2365 0.3434 0.2790 -0.0672 0.0386  -0.0148 121 GLU A OE1 
788 O OE2 . GLU A 100 ? 0.2682 0.4060 0.3136 -0.0721 0.0360  -0.0165 121 GLU A OE2 
789 N N   . PHE A 101 ? 0.0707 0.2417 0.1145 -0.0202 0.0066  0.0219  122 PHE A N   
790 C CA  . PHE A 101 ? 0.0693 0.2479 0.1210 -0.0111 0.0077  0.0253  122 PHE A CA  
791 C C   . PHE A 101 ? 0.0817 0.2701 0.1335 -0.0192 0.0112  0.0219  122 PHE A C   
792 O O   . PHE A 101 ? 0.1016 0.3007 0.1512 -0.0292 0.0095  0.0191  122 PHE A O   
793 C CB  . PHE A 101 ? 0.0979 0.2859 0.1595 -0.0008 0.0025  0.0336  122 PHE A CB  
794 C CG  . PHE A 101 ? 0.1113 0.2845 0.1771 0.0092  0.0010  0.0365  122 PHE A CG  
795 C CD1 . PHE A 101 ? 0.1597 0.3183 0.2282 0.0178  0.0054  0.0310  122 PHE A CD1 
796 C CD2 . PHE A 101 ? 0.2056 0.3783 0.2706 0.0090  -0.0039 0.0434  122 PHE A CD2 
797 C CE1 . PHE A 101 ? 0.1871 0.3284 0.2589 0.0253  0.0052  0.0302  122 PHE A CE1 
798 C CE2 . PHE A 101 ? 0.2307 0.3866 0.3007 0.0175  -0.0042 0.0459  122 PHE A CE2 
799 C CZ  . PHE A 101 ? 0.2220 0.3630 0.2976 0.0259  0.0004  0.0388  122 PHE A CZ  
800 N N   . VAL A 102 ? 0.0792 0.2649 0.1330 -0.0149 0.0164  0.0214  123 VAL A N   
801 C CA  . VAL A 102 ? 0.1149 0.3089 0.1707 -0.0209 0.0204  0.0193  123 VAL A CA  
802 C C   . VAL A 102 ? 0.1206 0.3253 0.1842 -0.0108 0.0212  0.0215  123 VAL A C   
803 O O   . VAL A 102 ? 0.1444 0.3446 0.2111 0.0002  0.0211  0.0218  123 VAL A O   
804 C CB  . VAL A 102 ? 0.1265 0.3043 0.1777 -0.0275 0.0285  0.0176  123 VAL A CB  
805 C CG1 . VAL A 102 ? 0.2134 0.3759 0.2615 -0.0368 0.0305  0.0139  123 VAL A CG1 
806 C CG2 . VAL A 102 ? 0.1672 0.3369 0.2134 -0.0180 0.0312  0.0210  123 VAL A CG2 
807 N N   . SER A 103 ? 0.1405 0.3581 0.2084 -0.0148 0.0233  0.0208  124 SER A N   
808 C CA  . SER A 103 ? 0.1528 0.3814 0.2299 -0.0063 0.0252  0.0215  124 SER A CA  
809 C C   . SER A 103 ? 0.1758 0.3989 0.2475 -0.0059 0.0322  0.0186  124 SER A C   
810 O O   . SER A 103 ? 0.2758 0.4915 0.3405 -0.0144 0.0360  0.0192  124 SER A O   
811 C CB  . SER A 103 ? 0.2224 0.4715 0.3074 -0.0102 0.0234  0.0234  124 SER A CB  
812 O OG  . SER A 103 ? 0.3637 0.6231 0.4512 -0.0107 0.0165  0.0283  124 SER A OG  
813 N N   . ASP A 104 ? 0.1186 0.3451 0.1955 0.0034  0.0349  0.0154  125 ASP A N   
814 C CA  . ASP A 104 ? 0.1015 0.3298 0.1724 0.0030  0.0410  0.0122  125 ASP A CA  
815 C C   . ASP A 104 ? 0.1076 0.3515 0.1905 0.0068  0.0446  0.0088  125 ASP A C   
816 O O   . ASP A 104 ? 0.1460 0.3953 0.2450 0.0140  0.0439  0.0076  125 ASP A O   
817 C CB  . ASP A 104 ? 0.1689 0.3885 0.2318 0.0085  0.0424  0.0073  125 ASP A CB  
818 C CG  . ASP A 104 ? 0.1892 0.3944 0.2398 0.0053  0.0397  0.0117  125 ASP A CG  
819 O OD1 . ASP A 104 ? 0.2330 0.4324 0.2809 -0.0024 0.0393  0.0180  125 ASP A OD1 
820 O OD2 . ASP A 104 ? 0.2511 0.4505 0.2966 0.0098  0.0391  0.0074  125 ASP A OD2 
821 N N   . ALA A 105 ? 0.1158 0.3671 0.1935 0.0021  0.0494  0.0085  126 ALA A N   
822 C CA  . ALA A 105 ? 0.1234 0.3900 0.2113 0.0052  0.0542  0.0040  126 ALA A CA  
823 C C   . ALA A 105 ? 0.2064 0.4727 0.2973 0.0128  0.0586  -0.0062 126 ALA A C   
824 O O   . ALA A 105 ? 0.1485 0.4044 0.2296 0.0141  0.0575  -0.0094 126 ALA A O   
825 C CB  . ALA A 105 ? 0.1326 0.4073 0.2133 -0.0027 0.0583  0.0073  126 ALA A CB  
# 
